data_7OCN
#
_entry.id   7OCN
#
_cell.length_a   99.496
_cell.length_b   157.418
_cell.length_c   219.802
_cell.angle_alpha   90.000
_cell.angle_beta   90.000
_cell.angle_gamma   90.000
#
_symmetry.space_group_name_H-M   'C 2 2 21'
#
loop_
_entity.id
_entity.type
_entity.pdbx_description
1 polymer 'HAD hydrolase, family IA, variant 3'
2 non-polymer 'MAGNESIUM ION'
3 non-polymer 'SULFATE ION'
4 non-polymer 1,2-ETHANEDIOL
5 non-polymer 'CHLORIDE ION'
6 non-polymer 'BROMIDE ION'
7 non-polymer '4-(2-HYDROXYETHYL)-1-PIPERAZINE ETHANESULFONIC ACID'
8 water water
#
_entity_poly.entity_id   1
_entity_poly.type   'polypeptide(L)'
_entity_poly.pdbx_seq_one_letter_code
;MVLIFHGKPVHGAIFDMDGTMFDTERLRFQTLQQASQELIGQEFSHEYLMQCLGLSATTAEKLAQRLYGVDVPYKEIRKR
ADEMELEHIRKHGVPIKKGLVQVLERLRKSGLRMAVATSSRRAIAEEYLINANVYKFFDVITCGDEVEQGKPHPEIFLKA
ASQLHLDANQCLMFEDSENGLTSAHTSKGLTILLKDIKEPNDEMLEKAHFYYDQMYDFLTDLDQFIPVMDMPEMQEPFPQ
SLNQLTVGIHGFGAIGGGYIAQILSHWDGYTKPKRIIASTRNSLFREAVNAFGTYSIRYGQFSYDERIENMSIVDSDNEQ
QMLEMYTHSSLIALCLPEQAIESESKIIAKGLYARFNSQLETCIEPLTFLIILNKVGAKYLVMKHLKEALLELTNDEDVT
EHILKEHYFCDTVVNRMVSKLSNQNLYRQLRIKHNFLEQHLEDVEQEDQIEIEDCNKLTPDQLNQASIYVDNMRRNFQPG
HILQSMDLILFHSETDMPIYVEKGSPLLEKLRQVVLVDQITDIQLIKNRLWNGVHAMLAWYASLMGYESIGVAMGDHLVK
AFAENLIAEVKQGLAIVLPNYAKDLDRMSQSFLDSCEYAFKDPCQRVARDPLRKLNHNERVMASIAVNIRHDLPYKNLLK
GAALGYAYAIQFLEIEETKAVEHLQQQIQNLDLSTAQRRQLEAELVQLIQYLFSEQGKQPLDIKSNNTKTTSTQYVAAAL
EHHHHHH
;
_entity_poly.pdbx_strand_id   A,B
#
loop_
_chem_comp.id
_chem_comp.type
_chem_comp.name
_chem_comp.formula
BR non-polymer 'BROMIDE ION' 'Br -1'
CL non-polymer 'CHLORIDE ION' 'Cl -1'
EDO non-polymer 1,2-ETHANEDIOL 'C2 H6 O2'
EPE non-polymer '4-(2-HYDROXYETHYL)-1-PIPERAZINE ETHANESULFONIC ACID' 'C8 H18 N2 O4 S'
MG non-polymer 'MAGNESIUM ION' 'Mg 2'
SO4 non-polymer 'SULFATE ION' 'O4 S -2'
#
# COMPACT_ATOMS: atom_id res chain seq x y z
N VAL A 2 -5.44 25.87 12.86
CA VAL A 2 -5.93 24.61 12.20
C VAL A 2 -6.62 23.73 13.25
N LEU A 3 -5.85 23.12 14.16
CA LEU A 3 -6.35 22.27 15.27
C LEU A 3 -6.78 23.18 16.42
N ILE A 4 -8.04 23.07 16.87
CA ILE A 4 -8.58 23.81 18.04
C ILE A 4 -8.51 22.88 19.26
N PHE A 5 -7.79 23.30 20.30
CA PHE A 5 -7.64 22.56 21.58
C PHE A 5 -8.08 23.48 22.74
N HIS A 6 -9.26 23.20 23.30
CA HIS A 6 -9.89 23.96 24.42
C HIS A 6 -9.98 25.45 24.06
N GLY A 7 -10.48 25.74 22.84
CA GLY A 7 -10.80 27.11 22.38
C GLY A 7 -9.57 27.90 21.97
N LYS A 8 -8.42 27.24 21.83
CA LYS A 8 -7.12 27.89 21.45
C LYS A 8 -6.65 27.31 20.11
N PRO A 9 -6.35 28.17 19.11
CA PRO A 9 -5.84 27.68 17.83
C PRO A 9 -4.39 27.20 17.95
N VAL A 10 -4.16 25.92 17.67
CA VAL A 10 -2.84 25.23 17.77
C VAL A 10 -2.30 25.01 16.36
N HIS A 11 -1.12 25.56 16.05
CA HIS A 11 -0.41 25.40 14.76
C HIS A 11 0.86 24.56 14.94
N GLY A 12 1.29 24.34 16.18
CA GLY A 12 2.55 23.64 16.51
C GLY A 12 2.42 22.71 17.70
N ALA A 13 3.33 21.75 17.82
CA ALA A 13 3.47 20.84 18.98
C ALA A 13 4.96 20.54 19.22
N ILE A 14 5.50 21.00 20.34
CA ILE A 14 6.93 20.78 20.73
C ILE A 14 6.97 19.81 21.92
N PHE A 15 7.58 18.64 21.74
CA PHE A 15 7.65 17.54 22.72
C PHE A 15 9.03 17.49 23.37
N ASP A 16 9.07 17.33 24.70
CA ASP A 16 10.25 16.82 25.43
C ASP A 16 10.40 15.33 25.07
N MET A 17 11.62 14.80 25.10
CA MET A 17 11.93 13.40 24.71
C MET A 17 11.81 12.49 25.94
N ASP A 18 12.79 12.54 26.85
CA ASP A 18 12.93 11.58 27.99
C ASP A 18 11.90 11.92 29.07
N GLY A 19 11.02 10.96 29.40
CA GLY A 19 9.99 11.08 30.45
C GLY A 19 8.64 11.52 29.90
N THR A 20 8.62 12.05 28.68
CA THR A 20 7.40 12.59 28.00
C THR A 20 7.00 11.66 26.86
N MET A 21 7.91 11.42 25.91
CA MET A 21 7.70 10.55 24.72
C MET A 21 8.11 9.11 25.06
N PHE A 22 9.30 8.93 25.64
CA PHE A 22 9.90 7.60 25.93
C PHE A 22 9.93 7.37 27.45
N ASP A 23 9.83 6.10 27.86
CA ASP A 23 9.83 5.65 29.28
C ASP A 23 11.27 5.35 29.69
N THR A 24 12.20 6.26 29.38
CA THR A 24 13.66 6.10 29.53
C THR A 24 14.11 6.48 30.96
N GLU A 25 13.25 7.16 31.72
CA GLU A 25 13.49 7.52 33.15
C GLU A 25 13.38 6.26 34.01
N ARG A 26 12.38 5.40 33.72
CA ARG A 26 12.17 4.10 34.43
C ARG A 26 13.30 3.13 34.06
N LEU A 27 13.80 3.19 32.83
CA LEU A 27 14.95 2.36 32.35
C LEU A 27 16.21 2.79 33.12
N ARG A 28 16.45 4.10 33.23
CA ARG A 28 17.59 4.69 34.00
C ARG A 28 17.45 4.32 35.48
N PHE A 29 16.21 4.24 35.98
CA PHE A 29 15.84 3.76 37.34
C PHE A 29 16.34 2.33 37.52
N GLN A 30 16.08 1.47 36.53
CA GLN A 30 16.39 0.01 36.55
C GLN A 30 17.91 -0.20 36.40
N THR A 31 18.55 0.46 35.42
CA THR A 31 19.97 0.27 35.07
C THR A 31 20.86 0.68 36.24
N LEU A 32 20.49 1.74 36.97
CA LEU A 32 21.21 2.23 38.17
C LEU A 32 21.22 1.14 39.26
N GLN A 33 20.09 0.44 39.44
CA GLN A 33 19.93 -0.65 40.43
C GLN A 33 20.74 -1.88 39.99
N GLN A 34 20.69 -2.22 38.70
CA GLN A 34 21.45 -3.35 38.10
C GLN A 34 22.96 -3.09 38.19
N ALA A 35 23.39 -1.86 37.89
CA ALA A 35 24.80 -1.41 37.91
C ALA A 35 25.36 -1.44 39.34
N SER A 36 24.54 -1.06 40.33
CA SER A 36 24.89 -1.06 41.78
C SER A 36 25.11 -2.49 42.27
N GLN A 37 24.22 -3.41 41.90
CA GLN A 37 24.25 -4.84 42.30
C GLN A 37 25.55 -5.48 41.79
N GLU A 38 26.01 -5.10 40.59
CA GLU A 38 27.25 -5.62 39.96
C GLU A 38 28.48 -5.16 40.75
N LEU A 39 28.63 -3.84 40.93
CA LEU A 39 29.87 -3.19 41.43
C LEU A 39 29.95 -3.26 42.96
N ILE A 40 29.11 -2.50 43.67
CA ILE A 40 29.21 -2.28 45.14
C ILE A 40 28.52 -3.44 45.89
N GLY A 41 27.68 -4.23 45.21
CA GLY A 41 26.98 -5.39 45.80
C GLY A 41 25.60 -5.02 46.31
N GLN A 42 25.49 -3.92 47.05
CA GLN A 42 24.21 -3.36 47.56
C GLN A 42 23.49 -2.63 46.43
N GLU A 43 22.17 -2.83 46.32
CA GLU A 43 21.30 -2.26 45.26
C GLU A 43 20.77 -0.90 45.73
N PHE A 44 21.04 0.18 44.98
CA PHE A 44 20.51 1.55 45.25
C PHE A 44 19.00 1.46 45.47
N SER A 45 18.53 1.88 46.65
CA SER A 45 17.12 1.81 47.08
C SER A 45 16.22 2.54 46.07
N HIS A 46 15.00 2.03 45.88
CA HIS A 46 13.92 2.70 45.10
C HIS A 46 13.74 4.14 45.63
N GLU A 47 13.71 4.30 46.96
CA GLU A 47 13.43 5.57 47.68
C GLU A 47 14.50 6.61 47.33
N TYR A 48 15.77 6.21 47.31
CA TYR A 48 16.92 7.08 46.96
C TYR A 48 16.75 7.63 45.54
N LEU A 49 16.41 6.75 44.59
CA LEU A 49 16.28 7.07 43.14
C LEU A 49 15.07 8.00 42.92
N MET A 50 13.98 7.80 43.65
CA MET A 50 12.77 8.67 43.63
C MET A 50 13.13 10.08 44.09
N GLN A 51 14.07 10.19 45.04
CA GLN A 51 14.55 11.47 45.61
C GLN A 51 15.47 12.18 44.59
N CYS A 52 16.16 11.41 43.73
CA CYS A 52 17.16 11.90 42.76
C CYS A 52 16.48 12.44 41.49
N LEU A 53 15.21 12.11 41.25
CA LEU A 53 14.41 12.62 40.12
C LEU A 53 14.30 14.15 40.23
N GLY A 54 14.92 14.87 39.28
CA GLY A 54 14.94 16.35 39.24
C GLY A 54 16.29 16.93 39.65
N LEU A 55 16.99 16.25 40.56
CA LEU A 55 18.31 16.69 41.10
C LEU A 55 19.40 16.51 40.04
N SER A 56 20.45 17.34 40.10
CA SER A 56 21.63 17.29 39.20
C SER A 56 22.48 16.06 39.53
N ALA A 57 23.40 15.69 38.63
CA ALA A 57 24.32 14.54 38.76
C ALA A 57 25.23 14.74 39.98
N THR A 58 25.60 15.99 40.28
CA THR A 58 26.49 16.38 41.41
C THR A 58 25.74 16.21 42.74
N THR A 59 24.49 16.69 42.81
CA THR A 59 23.60 16.60 44.00
C THR A 59 23.28 15.12 44.28
N ALA A 60 23.00 14.34 43.24
CA ALA A 60 22.69 12.89 43.28
C ALA A 60 23.89 12.12 43.85
N GLU A 61 25.11 12.50 43.46
CA GLU A 61 26.39 11.87 43.91
C GLU A 61 26.57 12.14 45.40
N LYS A 62 26.39 13.40 45.84
CA LYS A 62 26.54 13.83 47.26
C LYS A 62 25.53 13.07 48.13
N LEU A 63 24.32 12.83 47.63
CA LEU A 63 23.25 12.08 48.34
C LEU A 63 23.67 10.61 48.49
N ALA A 64 24.19 10.01 47.42
CA ALA A 64 24.72 8.62 47.40
C ALA A 64 25.87 8.49 48.39
N GLN A 65 26.72 9.53 48.49
CA GLN A 65 27.89 9.59 49.41
C GLN A 65 27.41 9.63 50.86
N ARG A 66 26.30 10.33 51.13
CA ARG A 66 25.71 10.45 52.49
C ARG A 66 25.14 9.10 52.94
N LEU A 67 24.51 8.36 52.03
CA LEU A 67 23.73 7.12 52.34
C LEU A 67 24.66 5.89 52.31
N TYR A 68 25.53 5.78 51.30
CA TYR A 68 26.31 4.54 50.99
C TYR A 68 27.82 4.77 51.19
N GLY A 69 28.21 5.83 51.91
CA GLY A 69 29.62 6.13 52.25
C GLY A 69 30.29 7.02 51.21
N VAL A 70 31.32 7.76 51.62
CA VAL A 70 31.99 8.84 50.82
C VAL A 70 32.70 8.22 49.61
N ASP A 71 33.26 7.02 49.75
CA ASP A 71 34.09 6.35 48.71
C ASP A 71 33.22 5.50 47.78
N VAL A 72 31.90 5.69 47.78
CA VAL A 72 30.96 4.99 46.85
C VAL A 72 31.31 5.40 45.42
N PRO A 73 31.60 4.44 44.52
CA PRO A 73 31.95 4.76 43.13
C PRO A 73 30.71 5.09 42.29
N TYR A 74 30.15 6.28 42.50
CA TYR A 74 28.88 6.75 41.87
C TYR A 74 29.09 6.96 40.36
N LYS A 75 30.16 7.66 39.98
CA LYS A 75 30.52 7.97 38.57
C LYS A 75 30.71 6.67 37.79
N GLU A 76 31.27 5.65 38.43
CA GLU A 76 31.52 4.30 37.83
C GLU A 76 30.16 3.61 37.60
N ILE A 77 29.29 3.61 38.61
CA ILE A 77 27.92 3.01 38.58
C ILE A 77 27.09 3.73 37.51
N ARG A 78 27.17 5.07 37.47
CA ARG A 78 26.41 5.93 36.52
C ARG A 78 26.87 5.64 35.08
N LYS A 79 28.19 5.51 34.87
CA LYS A 79 28.79 5.23 33.54
C LYS A 79 28.38 3.83 33.07
N ARG A 80 28.35 2.86 33.98
CA ARG A 80 27.91 1.46 33.73
C ARG A 80 26.42 1.47 33.36
N ALA A 81 25.58 2.15 34.15
CA ALA A 81 24.13 2.28 33.96
C ALA A 81 23.82 2.84 32.56
N ASP A 82 24.65 3.78 32.08
CA ASP A 82 24.54 4.40 30.74
C ASP A 82 24.85 3.36 29.66
N GLU A 83 25.87 2.51 29.88
CA GLU A 83 26.25 1.41 28.95
C GLU A 83 25.08 0.44 28.81
N MET A 84 24.47 0.04 29.95
CA MET A 84 23.34 -0.92 30.02
C MET A 84 22.12 -0.34 29.30
N GLU A 85 21.89 0.98 29.42
CA GLU A 85 20.75 1.71 28.80
C GLU A 85 20.85 1.60 27.28
N LEU A 86 21.99 2.03 26.71
CA LEU A 86 22.26 1.98 25.24
C LEU A 86 22.20 0.53 24.75
N GLU A 87 22.85 -0.38 25.47
CA GLU A 87 22.90 -1.84 25.15
C GLU A 87 21.48 -2.38 24.99
N HIS A 88 20.59 -2.06 25.94
CA HIS A 88 19.17 -2.51 25.97
C HIS A 88 18.38 -1.84 24.85
N ILE A 89 18.48 -0.52 24.74
CA ILE A 89 17.70 0.35 23.80
C ILE A 89 18.03 -0.05 22.35
N ARG A 90 19.28 -0.37 22.05
CA ARG A 90 19.77 -0.59 20.66
C ARG A 90 19.25 -1.92 20.09
N LYS A 91 19.01 -2.94 20.94
CA LYS A 91 18.59 -4.29 20.50
C LYS A 91 17.08 -4.49 20.74
N HIS A 92 16.58 -4.13 21.92
CA HIS A 92 15.16 -4.33 22.34
C HIS A 92 14.28 -3.13 21.92
N GLY A 93 14.91 -2.00 21.58
CA GLY A 93 14.22 -0.76 21.13
C GLY A 93 13.96 0.19 22.29
N VAL A 94 13.87 1.49 21.98
CA VAL A 94 13.53 2.56 22.96
C VAL A 94 12.11 2.30 23.47
N PRO A 95 11.88 2.27 24.80
CA PRO A 95 10.53 2.10 25.34
C PRO A 95 9.69 3.36 25.09
N ILE A 96 8.64 3.23 24.27
CA ILE A 96 7.74 4.35 23.86
C ILE A 96 6.54 4.38 24.83
N LYS A 97 6.23 5.55 25.38
CA LYS A 97 5.04 5.78 26.24
C LYS A 97 3.79 5.35 25.48
N LYS A 98 2.92 4.56 26.12
CA LYS A 98 1.66 4.07 25.54
C LYS A 98 0.78 5.28 25.18
N GLY A 99 0.54 5.48 23.88
CA GLY A 99 -0.36 6.51 23.34
C GLY A 99 0.34 7.50 22.43
N LEU A 100 1.68 7.56 22.47
CA LEU A 100 2.49 8.59 21.78
C LEU A 100 2.20 8.58 20.29
N VAL A 101 2.36 7.43 19.63
CA VAL A 101 2.24 7.28 18.15
C VAL A 101 0.80 7.65 17.74
N GLN A 102 -0.19 7.28 18.55
CA GLN A 102 -1.63 7.62 18.33
C GLN A 102 -1.80 9.15 18.37
N VAL A 103 -1.11 9.82 19.29
CA VAL A 103 -1.15 11.30 19.48
C VAL A 103 -0.46 11.99 18.30
N LEU A 104 0.79 11.59 17.99
CA LEU A 104 1.63 12.20 16.94
C LEU A 104 0.89 12.20 15.60
N GLU A 105 0.30 11.06 15.23
CA GLU A 105 -0.46 10.87 13.96
C GLU A 105 -1.63 11.86 13.91
N ARG A 106 -2.36 12.03 15.01
CA ARG A 106 -3.53 12.95 15.13
C ARG A 106 -3.06 14.40 14.92
N LEU A 107 -1.96 14.79 15.59
CA LEU A 107 -1.37 16.15 15.50
C LEU A 107 -0.85 16.39 14.08
N ARG A 108 -0.20 15.39 13.48
CA ARG A 108 0.42 15.49 12.13
C ARG A 108 -0.69 15.62 11.07
N LYS A 109 -1.68 14.73 11.11
CA LYS A 109 -2.82 14.70 10.15
C LYS A 109 -3.71 15.95 10.34
N SER A 110 -3.59 16.63 11.48
CA SER A 110 -4.26 17.93 11.78
C SER A 110 -3.45 19.10 11.19
N GLY A 111 -2.30 18.81 10.59
CA GLY A 111 -1.48 19.77 9.83
C GLY A 111 -0.53 20.57 10.71
N LEU A 112 -0.25 20.09 11.93
CA LEU A 112 0.65 20.78 12.90
C LEU A 112 2.10 20.58 12.47
N ARG A 113 2.89 21.66 12.49
CA ARG A 113 4.38 21.61 12.48
C ARG A 113 4.82 21.15 13.87
N MET A 114 5.80 20.26 13.96
CA MET A 114 6.18 19.59 15.23
C MET A 114 7.70 19.53 15.38
N ALA A 115 8.19 19.74 16.61
CA ALA A 115 9.62 19.73 16.98
C ALA A 115 9.83 18.93 18.27
N VAL A 116 11.07 18.57 18.57
CA VAL A 116 11.51 17.96 19.86
C VAL A 116 12.45 18.94 20.54
N ALA A 117 12.19 19.26 21.82
CA ALA A 117 13.00 20.16 22.67
C ALA A 117 13.57 19.36 23.84
N THR A 118 14.72 18.71 23.63
CA THR A 118 15.37 17.78 24.59
C THR A 118 16.70 18.38 25.06
N SER A 119 17.11 18.03 26.29
CA SER A 119 18.39 18.46 26.91
C SER A 119 19.52 17.50 26.49
N SER A 120 19.19 16.37 25.87
CA SER A 120 20.14 15.36 25.34
C SER A 120 20.95 15.96 24.18
N ARG A 121 22.04 15.29 23.79
CA ARG A 121 22.92 15.69 22.67
C ARG A 121 22.22 15.35 21.35
N ARG A 122 22.45 16.16 20.31
CA ARG A 122 21.93 15.96 18.93
C ARG A 122 22.15 14.50 18.50
N ALA A 123 23.37 13.98 18.67
CA ALA A 123 23.81 12.64 18.22
C ALA A 123 22.93 11.54 18.83
N ILE A 124 22.76 11.54 20.17
CA ILE A 124 22.03 10.48 20.93
C ILE A 124 20.51 10.68 20.78
N ALA A 125 20.06 11.95 20.68
CA ALA A 125 18.63 12.32 20.56
C ALA A 125 18.08 11.81 19.22
N GLU A 126 18.87 11.90 18.14
CA GLU A 126 18.48 11.47 16.78
C GLU A 126 18.37 9.93 16.72
N GLU A 127 19.37 9.22 17.29
CA GLU A 127 19.42 7.73 17.32
C GLU A 127 18.15 7.19 17.98
N TYR A 128 17.76 7.78 19.12
CA TYR A 128 16.56 7.39 19.91
C TYR A 128 15.30 7.58 19.07
N LEU A 129 15.15 8.75 18.43
CA LEU A 129 13.96 9.12 17.61
C LEU A 129 13.91 8.24 16.35
N ILE A 130 15.07 7.81 15.84
CA ILE A 130 15.19 6.85 14.70
C ILE A 130 14.84 5.45 15.21
N ASN A 131 15.47 5.03 16.31
CA ASN A 131 15.23 3.73 16.99
C ASN A 131 13.73 3.51 17.19
N ALA A 132 13.03 4.53 17.72
CA ALA A 132 11.58 4.50 18.06
C ALA A 132 10.71 4.63 16.82
N ASN A 133 11.28 5.14 15.71
CA ASN A 133 10.58 5.35 14.41
C ASN A 133 9.51 6.44 14.58
N VAL A 134 9.85 7.53 15.27
CA VAL A 134 8.96 8.71 15.49
C VAL A 134 9.61 9.99 14.93
N TYR A 135 10.85 9.88 14.40
CA TYR A 135 11.62 11.01 13.80
C TYR A 135 10.82 11.60 12.62
N LYS A 136 10.14 10.73 11.87
CA LYS A 136 9.31 11.06 10.68
C LYS A 136 8.29 12.16 11.01
N PHE A 137 7.81 12.21 12.26
CA PHE A 137 6.71 13.12 12.71
C PHE A 137 7.23 14.53 12.99
N PHE A 138 8.54 14.72 13.15
CA PHE A 138 9.16 15.99 13.61
C PHE A 138 9.90 16.68 12.46
N ASP A 139 9.65 17.98 12.30
CA ASP A 139 10.22 18.84 11.24
C ASP A 139 11.64 19.27 11.63
N VAL A 140 11.84 19.67 12.88
CA VAL A 140 13.13 20.17 13.42
C VAL A 140 13.33 19.60 14.83
N ILE A 141 14.59 19.49 15.28
CA ILE A 141 14.99 19.06 16.64
C ILE A 141 15.88 20.14 17.25
N THR A 142 15.54 20.61 18.45
CA THR A 142 16.34 21.57 19.26
C THR A 142 16.93 20.80 20.46
N CYS A 143 18.26 20.87 20.64
CA CYS A 143 19.04 20.05 21.60
C CYS A 143 19.76 20.95 22.61
N GLY A 144 20.12 20.39 23.77
CA GLY A 144 20.76 21.09 24.90
C GLY A 144 22.12 21.65 24.54
N ASP A 145 22.83 20.99 23.62
CA ASP A 145 24.20 21.39 23.16
C ASP A 145 24.12 22.45 22.07
N GLU A 146 22.93 22.99 21.78
CA GLU A 146 22.67 23.99 20.72
C GLU A 146 21.98 25.23 21.31
N VAL A 147 22.11 25.46 22.61
CA VAL A 147 21.57 26.66 23.34
C VAL A 147 22.58 27.09 24.41
N GLU A 148 22.66 28.40 24.66
CA GLU A 148 23.57 29.01 25.66
C GLU A 148 23.11 28.62 27.07
N GLN A 149 21.83 28.81 27.37
CA GLN A 149 21.19 28.46 28.66
C GLN A 149 20.10 27.41 28.41
N GLY A 150 20.21 26.25 29.06
CA GLY A 150 19.23 25.14 28.99
C GLY A 150 18.11 25.32 29.99
N LYS A 151 17.22 24.32 30.09
CA LYS A 151 16.04 24.32 31.00
C LYS A 151 16.53 24.52 32.43
N PRO A 152 15.86 25.33 33.27
CA PRO A 152 14.51 25.85 32.99
C PRO A 152 14.43 27.20 32.24
N HIS A 153 15.49 27.62 31.56
CA HIS A 153 15.50 28.82 30.69
C HIS A 153 14.65 28.53 29.45
N PRO A 154 13.78 29.45 29.00
CA PRO A 154 12.86 29.18 27.89
C PRO A 154 13.49 29.15 26.49
N GLU A 155 14.81 29.38 26.38
CA GLU A 155 15.55 29.49 25.09
C GLU A 155 15.21 28.32 24.17
N ILE A 156 15.34 27.09 24.67
CA ILE A 156 15.23 25.83 23.86
C ILE A 156 13.83 25.72 23.24
N PHE A 157 12.79 26.11 23.97
CA PHE A 157 11.36 26.06 23.52
C PHE A 157 11.07 27.27 22.61
N LEU A 158 11.64 28.43 22.91
CA LEU A 158 11.51 29.66 22.09
C LEU A 158 12.16 29.44 20.72
N LYS A 159 13.34 28.82 20.71
CA LYS A 159 14.11 28.51 19.47
C LYS A 159 13.32 27.50 18.61
N ALA A 160 12.92 26.38 19.22
CA ALA A 160 12.13 25.30 18.58
C ALA A 160 10.90 25.89 17.87
N ALA A 161 10.21 26.83 18.53
CA ALA A 161 9.01 27.53 18.02
C ALA A 161 9.38 28.42 16.83
N SER A 162 10.44 29.22 16.95
CA SER A 162 10.90 30.19 15.91
C SER A 162 11.35 29.43 14.65
N GLN A 163 11.94 28.25 14.82
CA GLN A 163 12.41 27.37 13.71
C GLN A 163 11.21 26.83 12.92
N LEU A 164 10.04 26.72 13.54
CA LEU A 164 8.78 26.22 12.91
C LEU A 164 7.94 27.38 12.36
N HIS A 165 8.46 28.61 12.39
CA HIS A 165 7.79 29.84 11.88
C HIS A 165 6.59 30.18 12.76
N LEU A 166 6.65 29.87 14.06
CA LEU A 166 5.51 30.01 15.01
C LEU A 166 5.94 30.80 16.25
N ASP A 167 5.03 31.60 16.79
CA ASP A 167 5.11 32.16 18.17
C ASP A 167 4.87 31.02 19.15
N ALA A 168 5.50 31.06 20.33
CA ALA A 168 5.44 30.01 21.38
C ALA A 168 3.98 29.72 21.75
N ASN A 169 3.13 30.76 21.83
CA ASN A 169 1.71 30.66 22.29
C ASN A 169 0.83 29.99 21.23
N GLN A 170 1.36 29.69 20.04
CA GLN A 170 0.65 28.95 18.97
C GLN A 170 0.95 27.45 19.06
N CYS A 171 1.83 27.04 19.98
CA CYS A 171 2.36 25.65 20.11
C CYS A 171 1.87 25.01 21.41
N LEU A 172 1.45 23.74 21.33
CA LEU A 172 1.37 22.82 22.49
C LEU A 172 2.80 22.45 22.89
N MET A 173 3.08 22.36 24.20
CA MET A 173 4.43 22.01 24.73
C MET A 173 4.29 20.92 25.78
N PHE A 174 4.73 19.70 25.45
CA PHE A 174 4.62 18.47 26.27
C PHE A 174 5.88 18.32 27.12
N GLU A 175 5.73 17.98 28.40
CA GLU A 175 6.84 17.94 29.39
C GLU A 175 6.47 17.08 30.60
N ASP A 176 7.48 16.54 31.28
CA ASP A 176 7.35 15.67 32.49
C ASP A 176 8.01 16.34 33.70
N SER A 177 9.22 16.88 33.55
CA SER A 177 10.08 17.39 34.64
C SER A 177 9.65 18.80 35.05
N GLU A 178 10.08 19.24 36.24
CA GLU A 178 9.78 20.58 36.81
C GLU A 178 10.48 21.66 35.96
N ASN A 179 11.80 21.52 35.76
CA ASN A 179 12.65 22.47 35.02
C ASN A 179 12.11 22.64 33.59
N GLY A 180 11.76 21.55 32.93
CA GLY A 180 11.20 21.53 31.57
C GLY A 180 9.90 22.32 31.49
N LEU A 181 8.97 22.07 32.42
CA LEU A 181 7.63 22.71 32.47
C LEU A 181 7.80 24.23 32.64
N THR A 182 8.76 24.63 33.49
CA THR A 182 9.13 26.05 33.74
C THR A 182 9.62 26.68 32.42
N SER A 183 10.51 25.99 31.71
CA SER A 183 11.06 26.39 30.38
C SER A 183 9.90 26.59 29.39
N ALA A 184 9.01 25.60 29.28
CA ALA A 184 7.85 25.59 28.36
C ALA A 184 6.87 26.71 28.73
N HIS A 185 6.53 26.83 30.03
CA HIS A 185 5.56 27.83 30.55
C HIS A 185 6.07 29.25 30.29
N THR A 186 7.33 29.53 30.67
CA THR A 186 7.99 30.85 30.53
C THR A 186 8.02 31.27 29.06
N SER A 187 8.24 30.32 28.14
CA SER A 187 8.30 30.56 26.67
C SER A 187 6.96 31.09 26.15
N LYS A 188 5.85 30.70 26.80
CA LYS A 188 4.45 31.19 26.59
C LYS A 188 3.61 30.16 25.82
N GLY A 189 4.08 28.91 25.70
CA GLY A 189 3.36 27.84 25.01
C GLY A 189 2.24 27.26 25.85
N LEU A 190 1.24 26.64 25.21
CA LEU A 190 0.18 25.84 25.88
C LEU A 190 0.82 24.59 26.48
N THR A 191 1.20 24.65 27.77
CA THR A 191 1.93 23.59 28.49
C THR A 191 0.99 22.41 28.75
N ILE A 192 1.47 21.19 28.48
CA ILE A 192 0.77 19.91 28.79
C ILE A 192 1.70 19.09 29.68
N LEU A 193 1.42 19.05 30.98
CA LEU A 193 2.22 18.29 31.99
C LEU A 193 1.73 16.84 32.00
N LEU A 194 2.65 15.89 31.76
CA LEU A 194 2.39 14.43 31.79
C LEU A 194 3.19 13.80 32.94
N LYS A 195 2.50 13.25 33.94
CA LYS A 195 3.12 12.51 35.08
C LYS A 195 3.89 11.32 34.51
N ASP A 196 5.18 11.19 34.87
CA ASP A 196 6.06 10.07 34.46
C ASP A 196 6.12 9.07 35.63
N ILE A 197 7.04 9.27 36.58
CA ILE A 197 7.24 8.37 37.76
C ILE A 197 6.73 9.10 39.01
N LYS A 198 7.38 10.21 39.37
CA LYS A 198 7.10 10.97 40.62
C LYS A 198 5.87 11.87 40.42
N GLU A 199 4.98 11.90 41.41
CA GLU A 199 3.81 12.82 41.48
C GLU A 199 4.32 14.25 41.38
N PRO A 200 3.80 15.08 40.45
CA PRO A 200 4.25 16.47 40.33
C PRO A 200 3.80 17.31 41.53
N ASN A 201 4.66 18.22 42.01
CA ASN A 201 4.39 19.10 43.17
C ASN A 201 3.27 20.09 42.80
N ASP A 202 2.73 20.79 43.80
CA ASP A 202 1.56 21.71 43.67
C ASP A 202 1.91 22.88 42.74
N GLU A 203 3.17 23.35 42.77
CA GLU A 203 3.65 24.49 41.95
C GLU A 203 3.55 24.15 40.46
N MET A 204 3.92 22.91 40.08
CA MET A 204 3.89 22.39 38.70
C MET A 204 2.43 22.30 38.20
N LEU A 205 1.51 21.84 39.06
CA LEU A 205 0.08 21.64 38.72
C LEU A 205 -0.61 23.01 38.56
N GLU A 206 -0.19 24.02 39.33
CA GLU A 206 -0.68 25.42 39.24
C GLU A 206 -0.17 26.05 37.93
N LYS A 207 1.09 25.76 37.57
CA LYS A 207 1.80 26.34 36.39
C LYS A 207 1.18 25.81 35.09
N ALA A 208 1.07 24.48 34.96
CA ALA A 208 0.64 23.75 33.75
C ALA A 208 -0.77 24.20 33.33
N HIS A 209 -1.01 24.33 32.02
CA HIS A 209 -2.32 24.67 31.41
C HIS A 209 -3.23 23.44 31.45
N PHE A 210 -2.68 22.25 31.19
CA PHE A 210 -3.38 20.95 31.23
C PHE A 210 -2.47 19.89 31.85
N TYR A 211 -3.03 19.05 32.73
CA TYR A 211 -2.33 17.92 33.39
C TYR A 211 -3.04 16.61 33.08
N TYR A 212 -2.27 15.55 32.84
CA TYR A 212 -2.75 14.16 32.58
C TYR A 212 -1.85 13.17 33.31
N ASP A 213 -2.42 12.07 33.82
CA ASP A 213 -1.72 11.02 34.59
C ASP A 213 -0.76 10.26 33.68
N GLN A 214 -1.08 10.18 32.38
CA GLN A 214 -0.30 9.44 31.35
C GLN A 214 -0.66 10.00 29.96
N MET A 215 0.05 9.55 28.92
CA MET A 215 -0.14 9.99 27.51
C MET A 215 -1.56 9.63 27.04
N TYR A 216 -2.07 8.45 27.44
CA TYR A 216 -3.35 7.87 26.95
C TYR A 216 -4.53 8.74 27.43
N ASP A 217 -4.38 9.41 28.58
CA ASP A 217 -5.39 10.36 29.12
C ASP A 217 -5.46 11.60 28.22
N PHE A 218 -4.32 12.07 27.71
CA PHE A 218 -4.25 13.21 26.74
C PHE A 218 -4.86 12.79 25.41
N LEU A 219 -4.57 11.56 24.96
CA LEU A 219 -5.12 10.98 23.71
C LEU A 219 -6.65 10.99 23.76
N THR A 220 -7.24 10.60 24.89
CA THR A 220 -8.70 10.58 25.15
C THR A 220 -9.25 12.02 25.01
N ASP A 221 -8.54 12.99 25.57
CA ASP A 221 -8.92 14.44 25.55
C ASP A 221 -8.77 14.98 24.12
N LEU A 222 -7.65 14.68 23.45
CA LEU A 222 -7.35 15.12 22.07
C LEU A 222 -8.40 14.58 21.10
N ASP A 223 -8.86 13.35 21.30
CA ASP A 223 -9.87 12.65 20.43
C ASP A 223 -11.14 13.49 20.32
N GLN A 224 -11.46 14.31 21.32
CA GLN A 224 -12.66 15.18 21.33
C GLN A 224 -12.50 16.34 20.32
N PHE A 225 -11.27 16.64 19.90
CA PHE A 225 -10.93 17.82 19.06
C PHE A 225 -10.48 17.40 17.65
N ILE A 226 -10.29 16.10 17.41
CA ILE A 226 -9.94 15.53 16.07
C ILE A 226 -11.09 14.66 15.60
N PRO A 227 -11.42 14.64 14.29
CA PRO A 227 -12.59 13.92 13.80
C PRO A 227 -12.39 12.40 13.71
N VAL A 228 -13.47 11.64 13.90
CA VAL A 228 -13.60 10.23 13.44
C VAL A 228 -13.60 10.27 11.90
N MET A 229 -12.77 9.46 11.25
CA MET A 229 -12.59 9.46 9.77
C MET A 229 -13.80 8.80 9.12
N ASP A 230 -13.97 9.01 7.80
CA ASP A 230 -15.12 8.51 7.00
C ASP A 230 -14.96 7.02 6.75
N MET A 231 -16.04 6.37 6.27
CA MET A 231 -16.08 4.95 5.86
C MET A 231 -14.97 4.68 4.84
N PRO A 232 -14.01 3.77 5.12
CA PRO A 232 -12.99 3.41 4.14
C PRO A 232 -13.56 2.94 2.79
N GLU A 233 -12.96 3.39 1.69
CA GLU A 233 -13.26 2.91 0.32
C GLU A 233 -12.49 1.61 0.05
N MET A 234 -12.89 0.85 -0.97
CA MET A 234 -12.14 -0.32 -1.49
C MET A 234 -10.78 0.14 -2.00
N GLN A 235 -9.72 -0.62 -1.71
CA GLN A 235 -8.32 -0.41 -2.18
C GLN A 235 -7.72 0.84 -1.50
N GLU A 236 -8.32 1.31 -0.40
CA GLU A 236 -7.79 2.41 0.43
C GLU A 236 -6.76 1.82 1.38
N PRO A 237 -5.50 2.32 1.38
CA PRO A 237 -4.46 1.80 2.27
C PRO A 237 -4.85 1.78 3.75
N PHE A 238 -4.29 0.84 4.52
CA PHE A 238 -4.34 0.83 6.01
C PHE A 238 -3.30 1.82 6.53
N PRO A 239 -3.43 2.31 7.78
CA PRO A 239 -2.42 3.20 8.36
C PRO A 239 -1.02 2.55 8.38
N GLN A 240 0.02 3.38 8.21
CA GLN A 240 1.44 2.95 8.24
C GLN A 240 1.88 2.74 9.69
N SER A 241 1.47 3.63 10.59
CA SER A 241 1.87 3.66 12.03
C SER A 241 1.09 2.63 12.82
N LEU A 242 1.77 1.89 13.70
CA LEU A 242 1.17 0.91 14.65
C LEU A 242 1.06 1.55 16.03
N ASN A 243 -0.03 1.28 16.74
CA ASN A 243 -0.19 1.58 18.19
C ASN A 243 0.38 0.39 18.96
N GLN A 244 0.14 0.30 20.28
CA GLN A 244 0.68 -0.75 21.17
C GLN A 244 -0.44 -1.73 21.57
N LEU A 245 -1.62 -1.60 20.96
CA LEU A 245 -2.82 -2.43 21.28
C LEU A 245 -2.73 -3.76 20.51
N THR A 246 -3.20 -4.84 21.13
CA THR A 246 -3.46 -6.16 20.50
C THR A 246 -4.97 -6.33 20.33
N VAL A 247 -5.40 -6.99 19.26
CA VAL A 247 -6.84 -7.31 18.98
C VAL A 247 -6.94 -8.79 18.65
N GLY A 248 -8.12 -9.38 18.84
CA GLY A 248 -8.37 -10.83 18.68
C GLY A 248 -9.48 -11.11 17.68
N ILE A 249 -9.34 -12.20 16.91
CA ILE A 249 -10.39 -12.76 16.02
C ILE A 249 -10.60 -14.22 16.42
N HIS A 250 -11.52 -14.46 17.36
CA HIS A 250 -11.92 -15.81 17.82
C HIS A 250 -12.66 -16.53 16.69
N GLY A 251 -11.93 -17.28 15.87
CA GLY A 251 -12.43 -17.97 14.68
C GLY A 251 -11.91 -17.33 13.40
N PHE A 252 -10.75 -17.79 12.92
CA PHE A 252 -10.10 -17.33 11.67
C PHE A 252 -10.77 -18.04 10.49
N GLY A 253 -12.07 -17.78 10.30
CA GLY A 253 -12.89 -18.35 9.22
C GLY A 253 -13.15 -17.31 8.13
N ALA A 254 -14.06 -17.62 7.20
CA ALA A 254 -14.47 -16.75 6.07
C ALA A 254 -14.63 -15.30 6.55
N ILE A 255 -15.57 -15.06 7.46
CA ILE A 255 -15.98 -13.70 7.90
C ILE A 255 -14.90 -13.10 8.80
N GLY A 256 -14.25 -13.92 9.64
CA GLY A 256 -13.19 -13.49 10.56
C GLY A 256 -11.95 -13.02 9.83
N GLY A 257 -11.45 -13.84 8.90
CA GLY A 257 -10.21 -13.57 8.14
C GLY A 257 -10.44 -12.72 6.91
N GLY A 258 -11.66 -12.77 6.33
CA GLY A 258 -11.96 -12.15 5.02
C GLY A 258 -12.82 -10.90 5.14
N TYR A 259 -12.98 -10.34 6.35
CA TYR A 259 -13.75 -9.10 6.60
C TYR A 259 -13.26 -8.40 7.87
N ILE A 260 -13.42 -9.04 9.03
CA ILE A 260 -13.14 -8.43 10.37
C ILE A 260 -11.67 -7.98 10.41
N ALA A 261 -10.77 -8.74 9.80
CA ALA A 261 -9.32 -8.42 9.69
C ALA A 261 -9.12 -7.08 8.96
N GLN A 262 -9.97 -6.76 7.97
CA GLN A 262 -9.93 -5.49 7.22
C GLN A 262 -10.34 -4.34 8.15
N ILE A 263 -11.42 -4.52 8.91
CA ILE A 263 -11.98 -3.49 9.86
C ILE A 263 -10.92 -3.16 10.91
N LEU A 264 -10.26 -4.18 11.45
CA LEU A 264 -9.22 -4.04 12.52
C LEU A 264 -7.95 -3.44 11.92
N SER A 265 -7.61 -3.78 10.67
CA SER A 265 -6.43 -3.24 9.93
C SER A 265 -6.62 -1.75 9.66
N HIS A 266 -7.85 -1.32 9.35
CA HIS A 266 -8.21 0.11 9.13
C HIS A 266 -8.24 0.84 10.48
N TRP A 267 -8.81 0.20 11.51
CA TRP A 267 -8.90 0.73 12.90
C TRP A 267 -9.54 2.13 12.87
N ASP A 268 -8.83 3.18 13.32
CA ASP A 268 -9.36 4.56 13.41
C ASP A 268 -8.81 5.43 12.27
N GLY A 269 -7.88 4.89 11.47
CA GLY A 269 -7.29 5.59 10.30
C GLY A 269 -6.02 6.34 10.66
N TYR A 270 -5.75 6.54 11.96
CA TYR A 270 -4.55 7.23 12.49
C TYR A 270 -3.46 6.19 12.78
N THR A 271 -3.83 5.11 13.48
CA THR A 271 -2.96 3.94 13.77
C THR A 271 -3.76 2.66 13.57
N LYS A 272 -3.09 1.50 13.69
CA LYS A 272 -3.73 0.15 13.69
C LYS A 272 -3.03 -0.71 14.74
N PRO A 273 -3.70 -1.78 15.26
CA PRO A 273 -3.07 -2.68 16.22
C PRO A 273 -1.74 -3.26 15.71
N LYS A 274 -0.76 -3.42 16.62
CA LYS A 274 0.59 -3.95 16.30
C LYS A 274 0.52 -5.47 16.06
N ARG A 275 -0.54 -6.13 16.55
CA ARG A 275 -0.71 -7.60 16.47
C ARG A 275 -2.21 -7.94 16.40
N ILE A 276 -2.60 -8.76 15.43
CA ILE A 276 -3.97 -9.35 15.29
C ILE A 276 -3.86 -10.85 15.53
N ILE A 277 -4.29 -11.33 16.70
CA ILE A 277 -4.30 -12.78 17.08
C ILE A 277 -5.60 -13.40 16.58
N ALA A 278 -5.52 -14.45 15.77
CA ALA A 278 -6.68 -15.19 15.20
C ALA A 278 -6.54 -16.68 15.51
N SER A 279 -7.62 -17.32 15.95
CA SER A 279 -7.67 -18.74 16.38
C SER A 279 -8.35 -19.61 15.32
N THR A 280 -7.84 -20.83 15.12
CA THR A 280 -8.40 -21.85 14.19
C THR A 280 -7.77 -23.21 14.51
N ARG A 281 -8.51 -24.30 14.24
CA ARG A 281 -8.04 -25.71 14.37
C ARG A 281 -7.44 -26.18 13.04
N ASN A 282 -7.59 -25.37 11.97
CA ASN A 282 -7.01 -25.63 10.63
C ASN A 282 -5.48 -25.40 10.71
N SER A 283 -4.72 -26.49 10.90
CA SER A 283 -3.24 -26.48 11.08
C SER A 283 -2.55 -25.95 9.82
N LEU A 284 -3.05 -26.30 8.64
CA LEU A 284 -2.50 -25.89 7.31
C LEU A 284 -2.56 -24.36 7.19
N PHE A 285 -3.71 -23.77 7.52
CA PHE A 285 -3.96 -22.30 7.51
C PHE A 285 -3.01 -21.61 8.50
N ARG A 286 -2.90 -22.15 9.72
CA ARG A 286 -2.11 -21.56 10.83
C ARG A 286 -0.63 -21.46 10.42
N GLU A 287 -0.03 -22.60 10.05
CA GLU A 287 1.43 -22.73 9.74
C GLU A 287 1.78 -21.93 8.48
N ALA A 288 0.87 -21.90 7.50
CA ALA A 288 1.05 -21.20 6.21
C ALA A 288 1.15 -19.68 6.43
N VAL A 289 0.23 -19.10 7.20
CA VAL A 289 0.16 -17.64 7.50
C VAL A 289 1.39 -17.25 8.31
N ASN A 290 1.75 -18.05 9.33
CA ASN A 290 2.89 -17.79 10.25
C ASN A 290 4.21 -17.96 9.48
N ALA A 291 4.24 -18.76 8.42
CA ALA A 291 5.41 -18.97 7.54
C ALA A 291 5.62 -17.73 6.65
N PHE A 292 4.54 -17.21 6.05
CA PHE A 292 4.55 -16.01 5.18
C PHE A 292 4.62 -14.74 6.04
N GLY A 293 4.09 -14.79 7.25
CA GLY A 293 3.99 -13.64 8.19
C GLY A 293 2.86 -12.69 7.79
N THR A 294 1.97 -13.14 6.90
CA THR A 294 0.88 -12.33 6.28
C THR A 294 0.07 -13.22 5.33
N TYR A 295 -1.23 -12.94 5.20
CA TYR A 295 -2.12 -13.53 4.16
C TYR A 295 -2.75 -12.37 3.37
N SER A 296 -3.60 -12.69 2.39
CA SER A 296 -4.25 -11.69 1.49
C SER A 296 -5.71 -12.08 1.21
N ILE A 297 -6.58 -11.07 1.08
CA ILE A 297 -8.02 -11.22 0.71
C ILE A 297 -8.19 -10.77 -0.74
N ARG A 298 -8.70 -11.67 -1.60
CA ARG A 298 -8.94 -11.41 -3.04
C ARG A 298 -10.37 -10.90 -3.22
N TYR A 299 -10.52 -9.72 -3.84
CA TYR A 299 -11.82 -9.10 -4.21
C TYR A 299 -12.00 -9.24 -5.73
N GLY A 300 -12.67 -10.31 -6.16
CA GLY A 300 -12.80 -10.74 -7.57
C GLY A 300 -13.25 -9.61 -8.48
N GLN A 301 -14.26 -8.84 -8.07
CA GLN A 301 -14.91 -7.77 -8.88
C GLN A 301 -13.86 -6.82 -9.46
N PHE A 302 -12.88 -6.41 -8.65
CA PHE A 302 -11.82 -5.43 -9.02
C PHE A 302 -10.46 -6.12 -9.16
N SER A 303 -10.42 -7.46 -9.06
CA SER A 303 -9.19 -8.29 -9.14
C SER A 303 -8.09 -7.70 -8.25
N TYR A 304 -8.45 -7.34 -7.01
CA TYR A 304 -7.58 -6.66 -6.01
C TYR A 304 -7.22 -7.65 -4.89
N ASP A 305 -5.93 -7.76 -4.56
CA ASP A 305 -5.40 -8.61 -3.47
C ASP A 305 -4.98 -7.70 -2.30
N GLU A 306 -5.68 -7.79 -1.17
CA GLU A 306 -5.53 -6.91 0.02
C GLU A 306 -4.62 -7.60 1.03
N ARG A 307 -3.43 -7.04 1.27
CA ARG A 307 -2.39 -7.60 2.18
C ARG A 307 -2.76 -7.26 3.63
N ILE A 308 -3.11 -8.27 4.42
CA ILE A 308 -3.37 -8.16 5.89
C ILE A 308 -2.09 -8.56 6.64
N GLU A 309 -1.37 -7.58 7.19
CA GLU A 309 -0.06 -7.79 7.86
C GLU A 309 -0.24 -7.76 9.39
N ASN A 310 0.82 -8.10 10.13
CA ASN A 310 0.87 -8.13 11.61
C ASN A 310 -0.13 -9.17 12.14
N MET A 311 -0.28 -10.29 11.42
CA MET A 311 -1.17 -11.41 11.81
C MET A 311 -0.35 -12.46 12.58
N SER A 312 -0.95 -13.04 13.63
CA SER A 312 -0.40 -14.17 14.42
C SER A 312 -1.51 -15.21 14.62
N ILE A 313 -1.47 -16.32 13.90
CA ILE A 313 -2.50 -17.40 13.95
C ILE A 313 -2.09 -18.41 15.02
N VAL A 314 -3.03 -18.78 15.90
CA VAL A 314 -2.82 -19.70 17.04
C VAL A 314 -3.83 -20.86 16.95
N ASP A 315 -3.57 -21.95 17.69
CA ASP A 315 -4.45 -23.13 17.80
C ASP A 315 -5.59 -22.81 18.78
N SER A 316 -6.83 -23.14 18.42
CA SER A 316 -8.05 -22.92 19.25
C SER A 316 -8.02 -23.84 20.48
N ASP A 317 -7.34 -25.00 20.37
CA ASP A 317 -7.26 -26.02 21.44
C ASP A 317 -6.11 -25.67 22.42
N ASN A 318 -5.09 -24.95 21.95
CA ASN A 318 -3.95 -24.49 22.78
C ASN A 318 -4.46 -23.46 23.81
N GLU A 319 -4.35 -23.79 25.11
CA GLU A 319 -4.92 -23.02 26.24
C GLU A 319 -4.09 -21.75 26.47
N GLN A 320 -2.75 -21.90 26.52
CA GLN A 320 -1.80 -20.79 26.83
C GLN A 320 -1.90 -19.69 25.78
N GLN A 321 -2.19 -20.05 24.52
CA GLN A 321 -2.31 -19.11 23.37
C GLN A 321 -3.66 -18.40 23.39
N MET A 322 -4.75 -19.13 23.70
CA MET A 322 -6.14 -18.61 23.70
C MET A 322 -6.34 -17.67 24.89
N LEU A 323 -5.79 -18.01 26.07
CA LEU A 323 -5.81 -17.15 27.28
C LEU A 323 -5.02 -15.86 27.01
N GLU A 324 -3.89 -15.97 26.30
CA GLU A 324 -3.02 -14.83 25.91
C GLU A 324 -3.83 -13.84 25.05
N MET A 325 -4.75 -14.33 24.22
CA MET A 325 -5.64 -13.49 23.38
C MET A 325 -6.59 -12.70 24.30
N TYR A 326 -7.28 -13.39 25.21
CA TYR A 326 -8.32 -12.82 26.11
C TYR A 326 -7.69 -11.99 27.24
N THR A 327 -6.36 -12.08 27.42
CA THR A 327 -5.59 -11.34 28.45
C THR A 327 -5.06 -10.02 27.86
N HIS A 328 -4.53 -10.05 26.63
CA HIS A 328 -3.74 -8.94 26.01
C HIS A 328 -4.56 -8.14 25.00
N SER A 329 -5.66 -8.69 24.46
CA SER A 329 -6.51 -8.04 23.43
C SER A 329 -7.37 -6.95 24.06
N SER A 330 -7.48 -5.80 23.38
CA SER A 330 -8.35 -4.65 23.75
C SER A 330 -9.75 -4.86 23.14
N LEU A 331 -9.81 -5.45 21.95
CA LEU A 331 -11.06 -5.81 21.22
C LEU A 331 -10.93 -7.24 20.68
N ILE A 332 -11.97 -8.06 20.86
CA ILE A 332 -12.05 -9.45 20.33
C ILE A 332 -13.36 -9.61 19.55
N ALA A 333 -13.28 -10.14 18.33
CA ALA A 333 -14.44 -10.46 17.46
C ALA A 333 -14.69 -11.97 17.46
N LEU A 334 -15.84 -12.40 17.98
CA LEU A 334 -16.31 -13.80 17.95
C LEU A 334 -16.92 -14.08 16.56
N CYS A 335 -16.27 -14.93 15.76
CA CYS A 335 -16.63 -15.23 14.35
C CYS A 335 -16.80 -16.74 14.18
N LEU A 336 -17.70 -17.34 14.95
CA LEU A 336 -17.97 -18.81 14.95
C LEU A 336 -19.37 -19.08 14.39
N PRO A 337 -19.62 -20.27 13.82
CA PRO A 337 -20.98 -20.69 13.48
C PRO A 337 -21.87 -20.87 14.72
N GLU A 338 -23.19 -20.92 14.52
CA GLU A 338 -24.22 -21.06 15.58
C GLU A 338 -24.00 -22.35 16.37
N GLN A 339 -23.62 -23.44 15.67
CA GLN A 339 -23.50 -24.81 16.25
C GLN A 339 -22.07 -25.05 16.80
N ALA A 340 -21.33 -23.97 17.10
CA ALA A 340 -19.98 -24.01 17.72
C ALA A 340 -19.92 -23.12 18.96
N ILE A 341 -21.03 -22.48 19.34
CA ILE A 341 -21.08 -21.46 20.44
C ILE A 341 -21.00 -22.18 21.79
N GLU A 342 -21.80 -23.24 21.96
CA GLU A 342 -21.92 -24.03 23.23
C GLU A 342 -20.54 -24.56 23.65
N SER A 343 -19.82 -25.20 22.73
CA SER A 343 -18.50 -25.85 22.97
C SER A 343 -17.42 -24.78 23.24
N GLU A 344 -17.41 -23.70 22.45
CA GLU A 344 -16.39 -22.63 22.51
C GLU A 344 -16.60 -21.71 23.71
N SER A 345 -17.83 -21.65 24.25
CA SER A 345 -18.19 -20.81 25.43
C SER A 345 -17.29 -21.14 26.63
N LYS A 346 -16.82 -22.38 26.73
CA LYS A 346 -15.92 -22.88 27.80
C LYS A 346 -14.56 -22.16 27.72
N ILE A 347 -13.95 -22.12 26.53
CA ILE A 347 -12.59 -21.54 26.32
C ILE A 347 -12.69 -20.00 26.37
N ILE A 348 -13.86 -19.44 26.10
CA ILE A 348 -14.17 -17.98 26.25
C ILE A 348 -14.22 -17.66 27.75
N ALA A 349 -14.96 -18.46 28.53
CA ALA A 349 -15.14 -18.32 29.99
C ALA A 349 -13.79 -18.36 30.69
N LYS A 350 -12.91 -19.30 30.31
CA LYS A 350 -11.53 -19.43 30.82
C LYS A 350 -10.74 -18.15 30.48
N GLY A 351 -10.87 -17.67 29.24
CA GLY A 351 -10.21 -16.46 28.73
C GLY A 351 -10.55 -15.24 29.56
N LEU A 352 -11.84 -15.00 29.82
CA LEU A 352 -12.35 -13.83 30.59
C LEU A 352 -11.98 -13.97 32.07
N TYR A 353 -11.91 -15.21 32.58
CA TYR A 353 -11.51 -15.53 33.98
C TYR A 353 -10.02 -15.25 34.16
N ALA A 354 -9.20 -15.66 33.18
CA ALA A 354 -7.74 -15.40 33.13
C ALA A 354 -7.49 -13.88 33.13
N ARG A 355 -8.31 -13.13 32.38
CA ARG A 355 -8.25 -11.65 32.27
C ARG A 355 -8.55 -11.01 33.64
N PHE A 356 -9.57 -11.53 34.35
CA PHE A 356 -10.01 -11.06 35.68
C PHE A 356 -8.90 -11.29 36.72
N ASN A 357 -8.20 -12.43 36.63
CA ASN A 357 -7.13 -12.84 37.58
C ASN A 357 -5.83 -12.11 37.26
N SER A 358 -5.65 -11.63 36.01
CA SER A 358 -4.41 -10.97 35.51
C SER A 358 -4.18 -9.63 36.22
N GLN A 359 -2.91 -9.20 36.30
CA GLN A 359 -2.46 -7.97 36.99
C GLN A 359 -1.74 -7.06 35.99
N CYS A 363 -5.91 -6.08 29.97
CA CYS A 363 -6.26 -6.84 31.20
C CYS A 363 -6.88 -5.89 32.24
N ILE A 364 -6.35 -4.66 32.35
CA ILE A 364 -6.82 -3.62 33.31
C ILE A 364 -7.92 -2.77 32.64
N GLU A 365 -8.05 -2.84 31.31
CA GLU A 365 -9.05 -2.07 30.50
C GLU A 365 -10.18 -3.02 30.11
N PRO A 366 -11.45 -2.56 30.12
CA PRO A 366 -12.58 -3.42 29.73
C PRO A 366 -12.49 -3.87 28.26
N LEU A 367 -12.83 -5.15 28.01
CA LEU A 367 -12.81 -5.79 26.67
C LEU A 367 -14.05 -5.38 25.88
N THR A 368 -13.87 -5.05 24.60
CA THR A 368 -14.95 -4.85 23.59
C THR A 368 -15.11 -6.16 22.81
N PHE A 369 -16.27 -6.80 22.93
CA PHE A 369 -16.56 -8.16 22.39
C PHE A 369 -17.64 -8.06 21.31
N LEU A 370 -17.24 -8.16 20.04
CA LEU A 370 -18.15 -8.11 18.86
C LEU A 370 -18.67 -9.53 18.59
N ILE A 371 -20.00 -9.70 18.61
CA ILE A 371 -20.69 -10.98 18.23
C ILE A 371 -20.99 -10.92 16.73
N ILE A 372 -20.20 -11.64 15.93
CA ILE A 372 -20.37 -11.76 14.44
C ILE A 372 -21.11 -13.08 14.15
N LEU A 373 -22.39 -13.00 13.82
CA LEU A 373 -23.26 -14.17 13.50
C LEU A 373 -24.57 -13.67 12.86
N ASN A 374 -25.00 -14.32 11.77
CA ASN A 374 -26.20 -13.93 10.98
C ASN A 374 -27.42 -14.64 11.58
N LYS A 375 -27.75 -14.32 12.83
CA LYS A 375 -28.94 -14.85 13.56
C LYS A 375 -29.55 -13.73 14.43
N VAL A 376 -30.87 -13.74 14.58
CA VAL A 376 -31.63 -12.81 15.47
C VAL A 376 -31.38 -13.24 16.93
N GLY A 377 -30.99 -12.29 17.79
CA GLY A 377 -30.63 -12.56 19.20
C GLY A 377 -29.42 -13.47 19.30
N ALA A 378 -28.39 -13.23 18.46
CA ALA A 378 -27.11 -13.97 18.44
C ALA A 378 -26.36 -13.71 19.75
N LYS A 379 -26.38 -12.47 20.23
CA LYS A 379 -25.76 -12.03 21.50
C LYS A 379 -26.33 -12.86 22.67
N TYR A 380 -27.66 -12.98 22.74
CA TYR A 380 -28.42 -13.72 23.79
C TYR A 380 -27.87 -15.16 23.89
N LEU A 381 -27.71 -15.84 22.74
CA LEU A 381 -27.23 -17.24 22.65
C LEU A 381 -25.83 -17.35 23.26
N VAL A 382 -24.92 -16.45 22.90
CA VAL A 382 -23.49 -16.44 23.36
C VAL A 382 -23.47 -16.16 24.87
N MET A 383 -24.19 -15.13 25.32
CA MET A 383 -24.22 -14.67 26.73
C MET A 383 -24.82 -15.75 27.64
N LYS A 384 -25.86 -16.44 27.16
CA LYS A 384 -26.56 -17.53 27.91
C LYS A 384 -25.58 -18.68 28.16
N HIS A 385 -24.84 -19.11 27.13
CA HIS A 385 -23.84 -20.21 27.17
C HIS A 385 -22.60 -19.77 27.95
N LEU A 386 -22.20 -18.50 27.81
CA LEU A 386 -21.03 -17.91 28.52
C LEU A 386 -21.32 -17.86 30.03
N LYS A 387 -22.56 -17.51 30.40
CA LYS A 387 -23.04 -17.44 31.81
C LYS A 387 -22.88 -18.82 32.47
N GLU A 388 -23.38 -19.86 31.80
CA GLU A 388 -23.31 -21.27 32.28
C GLU A 388 -21.86 -21.72 32.38
N ALA A 389 -21.05 -21.43 31.36
CA ALA A 389 -19.61 -21.81 31.26
C ALA A 389 -18.81 -21.21 32.42
N LEU A 390 -19.10 -19.96 32.79
CA LEU A 390 -18.42 -19.20 33.87
C LEU A 390 -18.78 -19.83 35.24
N LEU A 391 -20.06 -20.11 35.46
CA LEU A 391 -20.57 -20.77 36.70
C LEU A 391 -19.92 -22.16 36.84
N GLU A 392 -19.97 -22.95 35.76
CA GLU A 392 -19.37 -24.32 35.66
C GLU A 392 -17.89 -24.26 36.04
N LEU A 393 -17.18 -23.20 35.62
CA LEU A 393 -15.71 -23.03 35.80
C LEU A 393 -15.41 -22.53 37.22
N THR A 394 -15.91 -21.34 37.57
CA THR A 394 -15.55 -20.59 38.81
C THR A 394 -16.36 -21.11 40.00
N ASN A 395 -17.66 -21.39 39.79
CA ASN A 395 -18.64 -21.72 40.87
C ASN A 395 -18.73 -20.53 41.82
N ASP A 396 -18.74 -19.32 41.26
CA ASP A 396 -18.77 -18.02 41.99
C ASP A 396 -19.73 -17.08 41.25
N GLU A 397 -20.95 -16.93 41.78
CA GLU A 397 -22.07 -16.19 41.13
C GLU A 397 -21.74 -14.70 41.05
N ASP A 398 -21.02 -14.18 42.04
CA ASP A 398 -20.62 -12.75 42.16
C ASP A 398 -19.57 -12.41 41.09
N VAL A 399 -18.54 -13.25 40.96
CA VAL A 399 -17.42 -13.10 39.97
C VAL A 399 -17.96 -13.31 38.56
N THR A 400 -18.80 -14.33 38.37
CA THR A 400 -19.47 -14.67 37.09
C THR A 400 -20.22 -13.45 36.56
N GLU A 401 -21.04 -12.82 37.41
CA GLU A 401 -21.91 -11.67 37.03
C GLU A 401 -21.05 -10.40 36.87
N HIS A 402 -19.95 -10.29 37.62
CA HIS A 402 -18.97 -9.18 37.52
C HIS A 402 -18.37 -9.15 36.11
N ILE A 403 -17.90 -10.30 35.63
CA ILE A 403 -17.27 -10.46 34.28
C ILE A 403 -18.27 -10.06 33.19
N LEU A 404 -19.52 -10.52 33.31
CA LEU A 404 -20.61 -10.27 32.32
C LEU A 404 -20.96 -8.77 32.28
N LYS A 405 -20.80 -8.06 33.39
CA LYS A 405 -21.13 -6.61 33.53
C LYS A 405 -19.92 -5.74 33.16
N GLU A 406 -18.71 -6.20 33.47
CA GLU A 406 -17.44 -5.44 33.31
C GLU A 406 -17.22 -5.07 31.84
N HIS A 407 -17.37 -6.03 30.93
CA HIS A 407 -16.99 -5.93 29.50
C HIS A 407 -18.17 -5.44 28.65
N TYR A 408 -17.88 -4.97 27.43
CA TYR A 408 -18.88 -4.53 26.42
C TYR A 408 -19.13 -5.67 25.43
N PHE A 409 -20.31 -6.28 25.50
CA PHE A 409 -20.79 -7.34 24.57
C PHE A 409 -21.69 -6.70 23.51
N CYS A 410 -21.20 -6.62 22.27
CA CYS A 410 -21.80 -5.86 21.15
C CYS A 410 -22.46 -6.82 20.15
N ASP A 411 -23.75 -6.61 19.88
CA ASP A 411 -24.49 -7.26 18.76
C ASP A 411 -24.16 -6.50 17.48
N THR A 412 -24.00 -7.20 16.35
CA THR A 412 -23.57 -6.62 15.06
C THR A 412 -24.43 -7.16 13.90
N VAL A 413 -24.45 -6.41 12.80
CA VAL A 413 -25.07 -6.82 11.49
C VAL A 413 -24.00 -6.68 10.40
N VAL A 414 -23.72 -7.77 9.68
CA VAL A 414 -22.68 -7.86 8.61
C VAL A 414 -23.38 -8.20 7.30
N ASN A 415 -22.95 -7.58 6.19
CA ASN A 415 -23.59 -7.68 4.84
C ASN A 415 -22.54 -8.06 3.78
N ARG A 416 -21.46 -8.74 4.18
CA ARG A 416 -20.38 -9.18 3.24
C ARG A 416 -20.37 -10.70 3.14
N MET A 417 -20.70 -11.23 1.95
CA MET A 417 -20.53 -12.66 1.58
C MET A 417 -19.04 -12.93 1.37
N VAL A 418 -18.49 -13.93 2.06
CA VAL A 418 -17.04 -14.32 2.00
C VAL A 418 -16.94 -15.83 1.84
N SER A 419 -15.92 -16.29 1.10
CA SER A 419 -15.61 -17.71 0.84
C SER A 419 -14.19 -18.04 1.35
N LYS A 420 -14.08 -18.95 2.30
CA LYS A 420 -12.79 -19.50 2.81
C LYS A 420 -12.25 -20.50 1.78
N LEU A 421 -11.00 -20.33 1.35
CA LEU A 421 -10.35 -21.20 0.33
C LEU A 421 -10.22 -22.63 0.89
N SER A 422 -10.38 -23.64 0.05
CA SER A 422 -10.32 -25.07 0.42
C SER A 422 -8.86 -25.48 0.67
N ASN A 423 -8.65 -26.55 1.45
CA ASN A 423 -7.32 -27.08 1.82
C ASN A 423 -6.62 -27.65 0.57
N GLN A 424 -7.40 -28.21 -0.38
CA GLN A 424 -6.89 -28.71 -1.68
C GLN A 424 -6.35 -27.53 -2.50
N ASN A 425 -7.12 -26.44 -2.61
CA ASN A 425 -6.75 -25.21 -3.36
C ASN A 425 -5.56 -24.53 -2.68
N LEU A 426 -5.48 -24.57 -1.34
CA LEU A 426 -4.38 -23.97 -0.55
C LEU A 426 -3.08 -24.75 -0.83
N TYR A 427 -3.13 -26.08 -0.74
CA TYR A 427 -2.00 -26.99 -1.04
C TYR A 427 -1.45 -26.70 -2.45
N ARG A 428 -2.35 -26.61 -3.42
CA ARG A 428 -2.04 -26.26 -4.84
C ARG A 428 -1.25 -24.94 -4.87
N GLN A 429 -1.73 -23.94 -4.14
CA GLN A 429 -1.12 -22.58 -4.07
C GLN A 429 0.25 -22.68 -3.39
N LEU A 430 0.32 -23.40 -2.25
CA LEU A 430 1.57 -23.59 -1.45
C LEU A 430 2.63 -24.32 -2.29
N ARG A 431 2.20 -25.20 -3.20
CA ARG A 431 3.10 -25.98 -4.10
C ARG A 431 3.69 -25.05 -5.17
N ILE A 432 2.85 -24.24 -5.83
CA ILE A 432 3.23 -23.32 -6.94
C ILE A 432 4.08 -22.17 -6.38
N LYS A 433 3.75 -21.69 -5.17
CA LYS A 433 4.50 -20.59 -4.49
C LYS A 433 5.89 -21.09 -4.07
N HIS A 434 5.97 -22.29 -3.49
CA HIS A 434 7.23 -22.95 -3.07
C HIS A 434 8.16 -23.12 -4.29
N ASN A 435 7.57 -23.38 -5.46
CA ASN A 435 8.31 -23.54 -6.75
C ASN A 435 9.06 -22.24 -7.07
N PHE A 436 8.37 -21.09 -6.95
CA PHE A 436 8.92 -19.74 -7.22
C PHE A 436 10.05 -19.42 -6.24
N LEU A 437 9.94 -19.89 -4.99
CA LEU A 437 10.97 -19.72 -3.92
C LEU A 437 12.26 -20.42 -4.36
N GLU A 438 12.16 -21.64 -4.90
CA GLU A 438 13.31 -22.42 -5.42
C GLU A 438 13.86 -21.74 -6.69
N GLN A 439 12.97 -21.26 -7.56
CA GLN A 439 13.32 -20.51 -8.80
C GLN A 439 14.01 -19.19 -8.42
N HIS A 440 13.65 -18.61 -7.26
CA HIS A 440 14.22 -17.36 -6.70
C HIS A 440 15.55 -17.65 -6.00
N LEU A 441 15.67 -18.81 -5.33
CA LEU A 441 16.85 -19.21 -4.51
C LEU A 441 17.99 -19.70 -5.39
N GLU A 442 17.72 -20.10 -6.64
CA GLU A 442 18.72 -20.69 -7.57
C GLU A 442 19.51 -19.59 -8.30
N ASP A 443 19.09 -18.33 -8.21
CA ASP A 443 19.74 -17.18 -8.89
C ASP A 443 19.92 -16.00 -7.92
N VAL A 444 20.13 -16.29 -6.62
CA VAL A 444 20.57 -15.30 -5.59
C VAL A 444 22.03 -15.56 -5.21
N GLU A 445 22.50 -16.80 -5.39
CA GLU A 445 23.93 -17.20 -5.23
C GLU A 445 24.67 -16.95 -6.55
N GLN A 446 23.95 -16.63 -7.63
CA GLN A 446 24.52 -16.23 -8.94
C GLN A 446 25.13 -14.82 -8.82
N GLU A 447 24.48 -13.93 -8.06
CA GLU A 447 24.98 -12.58 -7.73
C GLU A 447 26.28 -12.71 -6.91
N ASP A 448 26.16 -13.14 -5.64
CA ASP A 448 27.29 -13.51 -4.75
C ASP A 448 28.09 -12.25 -4.35
N GLN A 449 28.79 -12.33 -3.22
CA GLN A 449 29.83 -11.35 -2.76
C GLN A 449 29.16 -10.05 -2.29
N ILE A 450 29.90 -9.25 -1.52
CA ILE A 450 29.50 -7.90 -1.01
C ILE A 450 30.74 -6.99 -1.00
N GLU A 451 30.63 -5.78 -1.56
CA GLU A 451 31.76 -4.82 -1.72
C GLU A 451 31.27 -3.40 -1.43
N ILE A 452 32.14 -2.58 -0.83
CA ILE A 452 31.92 -1.12 -0.55
C ILE A 452 33.14 -0.34 -1.03
N GLU A 453 33.02 0.35 -2.17
CA GLU A 453 34.11 1.10 -2.84
C GLU A 453 34.48 2.33 -2.00
N ASP A 454 35.69 2.87 -2.21
CA ASP A 454 36.23 4.06 -1.51
C ASP A 454 35.14 5.14 -1.43
N CYS A 455 34.46 5.22 -0.28
CA CYS A 455 33.34 6.15 -0.01
C CYS A 455 33.84 7.60 0.00
N ASN A 456 34.99 7.84 0.65
CA ASN A 456 35.61 9.19 0.83
C ASN A 456 34.65 10.08 1.64
N LYS A 457 33.92 9.47 2.59
CA LYS A 457 32.93 10.15 3.48
C LYS A 457 32.97 9.46 4.86
N LEU A 458 32.78 8.14 4.89
CA LEU A 458 32.83 7.29 6.11
C LEU A 458 34.30 6.99 6.45
N THR A 459 34.62 6.90 7.75
CA THR A 459 35.94 6.52 8.29
C THR A 459 36.19 5.04 7.98
N PRO A 460 37.46 4.59 7.85
CA PRO A 460 37.75 3.20 7.50
C PRO A 460 37.32 2.20 8.58
N ASP A 461 37.18 2.66 9.83
CA ASP A 461 36.69 1.85 10.98
C ASP A 461 35.23 1.46 10.75
N GLN A 462 34.39 2.43 10.34
CA GLN A 462 32.92 2.26 10.20
C GLN A 462 32.57 1.87 8.75
N LEU A 463 33.51 2.00 7.81
CA LEU A 463 33.36 1.55 6.40
C LEU A 463 33.36 0.02 6.35
N ASN A 464 34.26 -0.62 7.12
CA ASN A 464 34.35 -2.09 7.27
C ASN A 464 33.09 -2.60 7.98
N GLN A 465 32.62 -1.87 9.00
CA GLN A 465 31.46 -2.22 9.85
C GLN A 465 30.16 -2.14 9.01
N ALA A 466 30.12 -1.25 8.02
CA ALA A 466 28.98 -1.06 7.09
C ALA A 466 28.81 -2.31 6.20
N SER A 467 29.93 -2.86 5.70
CA SER A 467 29.97 -4.08 4.85
C SER A 467 29.36 -5.26 5.60
N ILE A 468 29.67 -5.39 6.90
CA ILE A 468 29.21 -6.50 7.79
C ILE A 468 27.68 -6.43 7.93
N TYR A 469 27.13 -5.22 8.11
CA TYR A 469 25.67 -4.98 8.28
C TYR A 469 24.92 -5.42 7.01
N VAL A 470 25.30 -4.86 5.86
CA VAL A 470 24.63 -5.06 4.54
C VAL A 470 24.75 -6.54 4.15
N ASP A 471 25.90 -7.17 4.43
CA ASP A 471 26.15 -8.62 4.18
C ASP A 471 25.14 -9.46 4.96
N ASN A 472 25.01 -9.18 6.27
CA ASN A 472 24.11 -9.91 7.21
C ASN A 472 22.65 -9.70 6.76
N MET A 473 22.29 -8.47 6.40
CA MET A 473 20.93 -8.08 5.92
C MET A 473 20.62 -8.81 4.61
N ARG A 474 21.54 -8.79 3.64
CA ARG A 474 21.37 -9.40 2.30
C ARG A 474 21.08 -10.91 2.46
N ARG A 475 21.84 -11.59 3.31
CA ARG A 475 21.72 -13.06 3.54
C ARG A 475 20.31 -13.40 4.04
N ASN A 476 19.77 -12.58 4.95
CA ASN A 476 18.50 -12.86 5.68
C ASN A 476 17.29 -12.39 4.87
N PHE A 477 17.38 -11.23 4.20
CA PHE A 477 16.25 -10.56 3.51
C PHE A 477 16.08 -11.09 2.08
N GLN A 478 17.18 -11.32 1.36
CA GLN A 478 17.19 -11.64 -0.10
C GLN A 478 16.26 -12.82 -0.39
N PRO A 479 16.27 -13.92 0.41
CA PRO A 479 15.34 -15.03 0.19
C PRO A 479 13.86 -14.63 0.25
N GLY A 480 13.53 -13.57 0.99
CA GLY A 480 12.15 -13.06 1.20
C GLY A 480 11.79 -11.90 0.29
N HIS A 481 12.64 -11.58 -0.71
CA HIS A 481 12.41 -10.52 -1.72
C HIS A 481 11.19 -10.87 -2.58
N ILE A 482 10.92 -12.16 -2.78
CA ILE A 482 9.81 -12.68 -3.63
C ILE A 482 8.45 -12.25 -3.04
N LEU A 483 8.39 -12.00 -1.73
CA LEU A 483 7.15 -11.59 -1.01
C LEU A 483 6.68 -10.20 -1.47
N GLN A 484 7.54 -9.42 -2.12
CA GLN A 484 7.22 -8.09 -2.72
C GLN A 484 6.00 -8.23 -3.64
N SER A 485 6.07 -9.14 -4.61
CA SER A 485 5.00 -9.44 -5.61
C SER A 485 4.59 -10.92 -5.47
N MET A 486 4.05 -11.29 -4.32
CA MET A 486 3.56 -12.66 -4.01
C MET A 486 2.63 -12.60 -2.79
N ASP A 487 1.35 -12.96 -2.97
CA ASP A 487 0.29 -12.87 -1.95
C ASP A 487 -0.26 -14.26 -1.65
N LEU A 488 -0.28 -14.66 -0.37
CA LEU A 488 -0.91 -15.92 0.10
C LEU A 488 -2.42 -15.71 0.23
N ILE A 489 -3.17 -16.02 -0.83
CA ILE A 489 -4.64 -15.81 -0.94
C ILE A 489 -5.34 -16.93 -0.15
N LEU A 490 -6.15 -16.57 0.85
CA LEU A 490 -6.90 -17.53 1.70
C LEU A 490 -8.41 -17.24 1.67
N PHE A 491 -8.84 -16.09 1.12
CA PHE A 491 -10.24 -15.62 1.17
C PHE A 491 -10.64 -14.93 -0.14
N HIS A 492 -11.88 -15.19 -0.57
CA HIS A 492 -12.57 -14.52 -1.72
C HIS A 492 -13.83 -13.83 -1.18
N SER A 493 -13.81 -12.50 -1.06
CA SER A 493 -14.86 -11.68 -0.39
C SER A 493 -15.42 -10.63 -1.34
N GLU A 494 -16.65 -10.17 -1.06
CA GLU A 494 -17.33 -9.04 -1.77
C GLU A 494 -16.87 -7.72 -1.14
N THR A 495 -17.35 -6.60 -1.66
CA THR A 495 -16.80 -5.24 -1.42
C THR A 495 -17.63 -4.46 -0.38
N ASP A 496 -18.56 -5.13 0.31
CA ASP A 496 -19.41 -4.50 1.37
C ASP A 496 -18.52 -4.13 2.56
N MET A 497 -18.44 -2.83 2.89
CA MET A 497 -17.51 -2.27 3.92
C MET A 497 -18.19 -2.17 5.29
N PRO A 498 -19.31 -1.44 5.46
CA PRO A 498 -19.79 -1.08 6.79
C PRO A 498 -20.23 -2.27 7.67
N ILE A 499 -19.74 -2.31 8.91
CA ILE A 499 -20.23 -3.21 10.00
C ILE A 499 -21.04 -2.35 10.98
N TYR A 500 -22.30 -2.72 11.22
CA TYR A 500 -23.21 -2.07 12.21
C TYR A 500 -22.96 -2.72 13.57
N VAL A 501 -22.63 -1.90 14.58
CA VAL A 501 -22.26 -2.37 15.96
C VAL A 501 -23.06 -1.56 16.98
N GLU A 502 -23.51 -2.22 18.05
CA GLU A 502 -24.24 -1.60 19.19
C GLU A 502 -23.34 -0.55 19.86
N LYS A 503 -23.84 0.70 19.94
CA LYS A 503 -23.14 1.84 20.59
C LYS A 503 -23.05 1.58 22.10
N GLY A 504 -21.90 1.91 22.71
CA GLY A 504 -21.64 1.73 24.15
C GLY A 504 -20.16 1.83 24.46
N SER A 505 -19.36 0.91 23.92
CA SER A 505 -17.88 0.83 24.11
C SER A 505 -17.22 2.12 23.62
N PRO A 506 -16.42 2.82 24.46
CA PRO A 506 -15.66 3.99 24.01
C PRO A 506 -14.65 3.66 22.91
N LEU A 507 -14.18 2.42 22.84
CA LEU A 507 -13.11 1.96 21.90
C LEU A 507 -13.66 1.90 20.46
N LEU A 508 -14.99 1.84 20.29
CA LEU A 508 -15.66 1.78 18.95
C LEU A 508 -15.87 3.18 18.38
N GLU A 509 -15.77 4.23 19.21
CA GLU A 509 -16.16 5.63 18.87
C GLU A 509 -15.33 6.17 17.71
N LYS A 510 -14.09 5.68 17.53
CA LYS A 510 -13.13 6.21 16.53
C LYS A 510 -12.90 5.21 15.39
N LEU A 511 -13.46 4.00 15.47
CA LEU A 511 -13.33 2.94 14.43
C LEU A 511 -14.13 3.35 13.19
N ARG A 512 -13.46 3.53 12.05
CA ARG A 512 -13.96 4.28 10.87
C ARG A 512 -14.79 3.37 9.96
N GLN A 513 -14.56 2.06 9.97
CA GLN A 513 -15.32 1.07 9.16
C GLN A 513 -16.56 0.60 9.95
N VAL A 514 -16.70 1.05 11.21
CA VAL A 514 -17.85 0.73 12.11
C VAL A 514 -18.91 1.82 11.96
N VAL A 515 -20.19 1.42 11.89
CA VAL A 515 -21.38 2.33 11.97
C VAL A 515 -22.08 2.06 13.30
N LEU A 516 -22.06 3.03 14.22
CA LEU A 516 -22.63 2.92 15.59
C LEU A 516 -24.14 3.15 15.53
N VAL A 517 -24.90 2.32 16.26
CA VAL A 517 -26.39 2.46 16.43
C VAL A 517 -26.71 2.26 17.92
N ASP A 518 -27.64 3.05 18.44
CA ASP A 518 -28.08 3.02 19.87
C ASP A 518 -28.70 1.66 20.16
N GLN A 519 -29.62 1.21 19.30
CA GLN A 519 -30.21 -0.15 19.32
C GLN A 519 -30.00 -0.80 17.93
N ILE A 520 -29.63 -2.08 17.92
CA ILE A 520 -29.33 -2.86 16.68
C ILE A 520 -30.65 -3.27 16.00
N THR A 521 -31.77 -3.22 16.74
CA THR A 521 -33.12 -3.67 16.30
C THR A 521 -33.40 -3.28 14.85
N ASP A 522 -33.27 -1.99 14.53
CA ASP A 522 -33.71 -1.38 13.24
C ASP A 522 -32.96 -2.00 12.06
N ILE A 523 -31.62 -1.97 12.09
CA ILE A 523 -30.75 -2.49 10.98
C ILE A 523 -30.85 -4.01 10.92
N GLN A 524 -31.11 -4.67 12.05
CA GLN A 524 -31.28 -6.15 12.15
C GLN A 524 -32.59 -6.55 11.48
N LEU A 525 -33.62 -5.71 11.56
CA LEU A 525 -34.93 -5.89 10.89
C LEU A 525 -34.74 -5.77 9.36
N ILE A 526 -33.93 -4.81 8.93
CA ILE A 526 -33.60 -4.57 7.49
C ILE A 526 -32.85 -5.81 6.96
N LYS A 527 -31.80 -6.22 7.68
CA LYS A 527 -30.98 -7.43 7.37
C LYS A 527 -31.90 -8.66 7.22
N ASN A 528 -32.92 -8.76 8.08
CA ASN A 528 -33.90 -9.88 8.10
C ASN A 528 -34.71 -9.88 6.80
N ARG A 529 -35.37 -8.76 6.49
CA ARG A 529 -36.40 -8.64 5.44
C ARG A 529 -35.76 -8.38 4.07
N LEU A 530 -34.82 -7.44 3.98
CA LEU A 530 -34.23 -6.96 2.71
C LEU A 530 -33.17 -7.93 2.18
N TRP A 531 -32.32 -8.47 3.07
CA TRP A 531 -31.17 -9.35 2.70
C TRP A 531 -31.56 -10.82 2.85
N ASN A 532 -31.73 -11.31 4.09
CA ASN A 532 -31.96 -12.74 4.40
C ASN A 532 -33.29 -13.20 3.79
N GLY A 533 -34.32 -12.35 3.81
CA GLY A 533 -35.67 -12.64 3.28
C GLY A 533 -35.64 -12.85 1.77
N VAL A 534 -35.00 -11.93 1.04
CA VAL A 534 -34.85 -11.98 -0.45
C VAL A 534 -33.95 -13.16 -0.81
N HIS A 535 -32.85 -13.36 -0.06
CA HIS A 535 -31.86 -14.45 -0.28
C HIS A 535 -32.55 -15.82 -0.19
N ALA A 536 -33.48 -15.98 0.76
CA ALA A 536 -34.27 -17.21 0.99
C ALA A 536 -35.27 -17.40 -0.15
N MET A 537 -36.02 -16.34 -0.50
CA MET A 537 -37.06 -16.34 -1.56
C MET A 537 -36.41 -16.63 -2.92
N LEU A 538 -35.24 -16.05 -3.18
CA LEU A 538 -34.45 -16.24 -4.43
C LEU A 538 -33.89 -17.67 -4.46
N ALA A 539 -33.46 -18.20 -3.30
CA ALA A 539 -32.88 -19.55 -3.14
C ALA A 539 -33.96 -20.62 -3.38
N TRP A 540 -35.21 -20.34 -3.01
CA TRP A 540 -36.38 -21.26 -3.24
C TRP A 540 -36.65 -21.36 -4.75
N TYR A 541 -36.55 -20.23 -5.48
CA TYR A 541 -36.79 -20.15 -6.94
C TYR A 541 -35.63 -20.84 -7.69
N ALA A 542 -34.41 -20.70 -7.19
CA ALA A 542 -33.18 -21.31 -7.75
C ALA A 542 -33.26 -22.84 -7.69
N SER A 543 -33.73 -23.38 -6.56
CA SER A 543 -33.80 -24.84 -6.27
C SER A 543 -34.83 -25.52 -7.18
N LEU A 544 -36.03 -24.94 -7.29
CA LEU A 544 -37.19 -25.51 -8.04
C LEU A 544 -36.86 -25.55 -9.54
N MET A 545 -36.18 -24.53 -10.06
CA MET A 545 -35.74 -24.45 -11.48
C MET A 545 -34.62 -25.47 -11.74
N GLY A 546 -33.88 -25.86 -10.69
CA GLY A 546 -32.90 -26.95 -10.72
C GLY A 546 -31.50 -26.48 -11.05
N TYR A 547 -31.07 -25.35 -10.47
CA TYR A 547 -29.71 -24.77 -10.59
C TYR A 547 -28.91 -25.13 -9.32
N GLU A 548 -27.65 -25.56 -9.51
CA GLU A 548 -26.76 -26.07 -8.42
C GLU A 548 -26.52 -24.94 -7.40
N SER A 549 -26.06 -23.79 -7.86
CA SER A 549 -25.78 -22.58 -7.04
C SER A 549 -26.73 -21.44 -7.43
N ILE A 550 -26.95 -20.49 -6.51
CA ILE A 550 -27.78 -19.28 -6.72
C ILE A 550 -27.11 -18.38 -7.76
N GLY A 551 -25.76 -18.42 -7.83
CA GLY A 551 -24.94 -17.67 -8.81
C GLY A 551 -25.21 -18.11 -10.24
N VAL A 552 -25.26 -19.43 -10.48
CA VAL A 552 -25.55 -20.04 -11.81
C VAL A 552 -26.95 -19.60 -12.26
N ALA A 553 -27.91 -19.56 -11.33
CA ALA A 553 -29.34 -19.27 -11.58
C ALA A 553 -29.53 -17.86 -12.16
N MET A 554 -28.66 -16.91 -11.82
CA MET A 554 -28.72 -15.49 -12.26
C MET A 554 -28.50 -15.40 -13.78
N GLY A 555 -27.93 -16.44 -14.40
CA GLY A 555 -27.84 -16.59 -15.87
C GLY A 555 -29.22 -16.59 -16.52
N ASP A 556 -30.20 -17.22 -15.85
CA ASP A 556 -31.63 -17.20 -16.25
C ASP A 556 -32.18 -15.79 -15.99
N HIS A 557 -32.70 -15.13 -17.03
CA HIS A 557 -33.26 -13.74 -16.98
C HIS A 557 -34.42 -13.68 -15.98
N LEU A 558 -35.23 -14.75 -15.91
CA LEU A 558 -36.40 -14.87 -14.99
C LEU A 558 -35.95 -14.69 -13.54
N VAL A 559 -34.89 -15.41 -13.14
CA VAL A 559 -34.35 -15.45 -11.75
C VAL A 559 -33.78 -14.06 -11.41
N LYS A 560 -32.97 -13.49 -12.31
CA LYS A 560 -32.28 -12.19 -12.13
C LYS A 560 -33.34 -11.06 -12.06
N ALA A 561 -34.34 -11.10 -12.95
CA ALA A 561 -35.45 -10.14 -13.01
C ALA A 561 -36.26 -10.18 -11.72
N PHE A 562 -36.52 -11.38 -11.19
CA PHE A 562 -37.26 -11.64 -9.93
C PHE A 562 -36.50 -10.99 -8.76
N ALA A 563 -35.19 -11.23 -8.68
CA ALA A 563 -34.29 -10.72 -7.62
C ALA A 563 -34.32 -9.18 -7.59
N GLU A 564 -34.19 -8.54 -8.76
CA GLU A 564 -34.18 -7.06 -8.92
C GLU A 564 -35.55 -6.47 -8.51
N ASN A 565 -36.64 -7.14 -8.90
CA ASN A 565 -38.03 -6.66 -8.65
C ASN A 565 -38.41 -6.91 -7.18
N LEU A 566 -37.83 -7.93 -6.55
CA LEU A 566 -38.16 -8.36 -5.15
C LEU A 566 -37.55 -7.38 -4.14
N ILE A 567 -36.26 -7.05 -4.29
CA ILE A 567 -35.53 -6.08 -3.42
C ILE A 567 -36.21 -4.71 -3.51
N ALA A 568 -36.74 -4.37 -4.70
CA ALA A 568 -37.41 -3.08 -4.99
C ALA A 568 -38.68 -2.95 -4.14
N GLU A 569 -39.50 -4.00 -4.08
CA GLU A 569 -40.79 -4.02 -3.35
C GLU A 569 -40.55 -3.94 -1.84
N VAL A 570 -39.56 -4.67 -1.33
CA VAL A 570 -39.20 -4.73 0.12
C VAL A 570 -38.63 -3.36 0.53
N LYS A 571 -37.75 -2.77 -0.29
CA LYS A 571 -37.12 -1.45 -0.07
C LYS A 571 -38.21 -0.38 0.10
N GLN A 572 -39.12 -0.27 -0.87
CA GLN A 572 -40.25 0.69 -0.89
C GLN A 572 -40.97 0.65 0.47
N GLY A 573 -41.21 -0.55 1.00
CA GLY A 573 -41.90 -0.78 2.29
C GLY A 573 -41.06 -0.28 3.47
N LEU A 574 -39.79 -0.67 3.52
CA LEU A 574 -38.85 -0.35 4.63
C LEU A 574 -38.51 1.15 4.64
N ALA A 575 -38.60 1.81 3.49
CA ALA A 575 -38.36 3.26 3.33
C ALA A 575 -39.41 4.07 4.12
N ILE A 576 -40.64 3.56 4.21
CA ILE A 576 -41.77 4.20 4.94
C ILE A 576 -41.65 3.86 6.44
N VAL A 577 -41.27 2.62 6.77
CA VAL A 577 -41.16 2.11 8.17
C VAL A 577 -39.92 2.71 8.83
N LEU A 578 -38.78 2.76 8.11
CA LEU A 578 -37.47 3.26 8.59
C LEU A 578 -36.91 4.27 7.60
N PRO A 579 -37.50 5.49 7.50
CA PRO A 579 -37.02 6.52 6.58
C PRO A 579 -35.64 7.08 6.97
N ASN A 580 -35.23 6.85 8.22
CA ASN A 580 -33.93 7.29 8.79
C ASN A 580 -32.80 6.37 8.31
N TYR A 581 -33.11 5.26 7.64
CA TYR A 581 -32.14 4.28 7.08
C TYR A 581 -32.20 4.28 5.54
N ALA A 582 -32.73 5.35 4.95
CA ALA A 582 -32.94 5.52 3.49
C ALA A 582 -31.66 5.18 2.71
N LYS A 583 -30.53 5.74 3.14
CA LYS A 583 -29.20 5.58 2.47
C LYS A 583 -28.71 4.14 2.65
N ASP A 584 -29.01 3.51 3.78
CA ASP A 584 -28.56 2.13 4.14
C ASP A 584 -29.31 1.11 3.28
N LEU A 585 -30.60 1.35 3.02
CA LEU A 585 -31.46 0.46 2.19
C LEU A 585 -30.96 0.45 0.74
N ASP A 586 -30.68 1.64 0.19
CA ASP A 586 -30.21 1.82 -1.21
C ASP A 586 -28.84 1.14 -1.38
N ARG A 587 -27.94 1.30 -0.40
CA ARG A 587 -26.57 0.73 -0.42
C ARG A 587 -26.65 -0.80 -0.34
N MET A 588 -27.35 -1.32 0.68
CA MET A 588 -27.50 -2.78 0.95
C MET A 588 -28.22 -3.47 -0.21
N SER A 589 -29.24 -2.81 -0.79
CA SER A 589 -30.01 -3.30 -1.95
C SER A 589 -29.06 -3.67 -3.10
N GLN A 590 -28.18 -2.73 -3.48
CA GLN A 590 -27.21 -2.89 -4.60
C GLN A 590 -26.11 -3.87 -4.19
N SER A 591 -25.66 -3.82 -2.93
CA SER A 591 -24.62 -4.71 -2.35
C SER A 591 -25.06 -6.18 -2.47
N PHE A 592 -26.35 -6.45 -2.27
CA PHE A 592 -26.95 -7.80 -2.33
C PHE A 592 -26.96 -8.32 -3.79
N LEU A 593 -27.41 -7.49 -4.73
CA LEU A 593 -27.55 -7.84 -6.17
C LEU A 593 -26.16 -8.12 -6.78
N ASP A 594 -25.14 -7.36 -6.35
CA ASP A 594 -23.73 -7.51 -6.81
C ASP A 594 -23.18 -8.87 -6.34
N SER A 595 -23.39 -9.21 -5.07
CA SER A 595 -22.87 -10.43 -4.40
C SER A 595 -23.53 -11.69 -4.99
N CYS A 596 -24.83 -11.63 -5.28
CA CYS A 596 -25.66 -12.74 -5.83
C CYS A 596 -25.18 -13.14 -7.24
N GLU A 597 -24.60 -12.21 -7.99
CA GLU A 597 -24.23 -12.37 -9.42
C GLU A 597 -23.38 -13.63 -9.61
N TYR A 598 -22.28 -13.75 -8.88
CA TYR A 598 -21.32 -14.90 -8.96
C TYR A 598 -21.15 -15.53 -7.58
N ALA A 599 -22.26 -15.95 -6.96
CA ALA A 599 -22.31 -16.67 -5.67
C ALA A 599 -22.41 -18.18 -5.95
N PHE A 600 -21.29 -18.80 -6.36
CA PHE A 600 -21.20 -20.21 -6.81
C PHE A 600 -20.97 -21.12 -5.60
N LYS A 601 -20.00 -20.77 -4.74
CA LYS A 601 -19.46 -21.63 -3.64
C LYS A 601 -20.57 -21.96 -2.64
N ASP A 602 -21.15 -20.95 -1.99
CA ASP A 602 -22.21 -21.12 -0.96
C ASP A 602 -23.45 -21.71 -1.61
N PRO A 603 -23.99 -22.86 -1.11
CA PRO A 603 -25.13 -23.51 -1.74
C PRO A 603 -26.48 -22.85 -1.41
N CYS A 604 -27.56 -23.38 -2.01
CA CYS A 604 -28.95 -22.91 -1.82
C CYS A 604 -29.59 -23.59 -0.60
N GLN A 605 -29.23 -24.85 -0.34
CA GLN A 605 -29.77 -25.69 0.76
C GLN A 605 -29.68 -24.93 2.08
N ARG A 606 -28.47 -24.51 2.47
CA ARG A 606 -28.16 -23.75 3.72
C ARG A 606 -29.11 -22.55 3.83
N VAL A 607 -29.28 -21.81 2.73
CA VAL A 607 -30.04 -20.53 2.65
C VAL A 607 -31.55 -20.83 2.73
N ALA A 608 -31.99 -21.98 2.22
CA ALA A 608 -33.40 -22.38 2.07
C ALA A 608 -33.88 -23.23 3.25
N ARG A 609 -33.00 -23.53 4.22
CA ARG A 609 -33.30 -24.37 5.40
C ARG A 609 -34.49 -23.80 6.17
N ASP A 610 -35.43 -24.65 6.58
CA ASP A 610 -36.58 -24.32 7.46
C ASP A 610 -37.46 -23.27 6.79
N PRO A 611 -38.15 -23.61 5.67
CA PRO A 611 -38.99 -22.64 4.96
C PRO A 611 -40.23 -22.19 5.74
N LEU A 612 -40.87 -23.11 6.48
CA LEU A 612 -42.12 -22.86 7.24
C LEU A 612 -41.88 -21.79 8.32
N ARG A 613 -40.74 -21.85 9.02
CA ARG A 613 -40.37 -20.90 10.10
C ARG A 613 -40.17 -19.49 9.50
N LYS A 614 -39.61 -19.42 8.30
CA LYS A 614 -39.26 -18.14 7.60
C LYS A 614 -40.51 -17.49 7.00
N LEU A 615 -41.62 -18.25 6.91
CA LEU A 615 -42.92 -17.77 6.36
C LEU A 615 -43.90 -17.43 7.51
N ASN A 616 -43.37 -17.11 8.69
CA ASN A 616 -44.18 -16.71 9.89
C ASN A 616 -44.61 -15.24 9.71
N HIS A 617 -45.71 -14.86 10.38
CA HIS A 617 -46.40 -13.55 10.25
C HIS A 617 -45.43 -12.38 10.50
N ASN A 618 -44.54 -12.52 11.50
CA ASN A 618 -43.61 -11.44 11.94
C ASN A 618 -42.19 -11.74 11.43
N GLU A 619 -42.05 -12.53 10.36
CA GLU A 619 -40.75 -12.99 9.82
C GLU A 619 -40.47 -12.33 8.45
N ARG A 620 -39.29 -12.61 7.90
CA ARG A 620 -38.65 -11.92 6.76
C ARG A 620 -39.58 -11.81 5.53
N VAL A 621 -40.43 -12.81 5.29
CA VAL A 621 -41.27 -12.90 4.06
C VAL A 621 -42.61 -12.19 4.30
N MET A 622 -43.46 -12.73 5.18
CA MET A 622 -44.88 -12.34 5.34
C MET A 622 -44.99 -10.90 5.86
N ALA A 623 -44.10 -10.50 6.78
CA ALA A 623 -44.08 -9.15 7.39
C ALA A 623 -44.01 -8.08 6.29
N SER A 624 -43.13 -8.27 5.31
CA SER A 624 -42.89 -7.35 4.15
C SER A 624 -44.17 -7.20 3.33
N ILE A 625 -44.94 -8.28 3.14
CA ILE A 625 -46.22 -8.30 2.37
C ILE A 625 -47.24 -7.40 3.08
N ALA A 626 -47.40 -7.59 4.40
CA ALA A 626 -48.38 -6.87 5.26
C ALA A 626 -48.08 -5.37 5.24
N VAL A 627 -46.80 -4.98 5.29
CA VAL A 627 -46.33 -3.56 5.26
C VAL A 627 -46.74 -2.93 3.93
N ASN A 628 -46.50 -3.62 2.82
CA ASN A 628 -46.76 -3.13 1.44
C ASN A 628 -48.28 -3.01 1.22
N ILE A 629 -49.08 -3.93 1.78
CA ILE A 629 -50.57 -3.93 1.68
C ILE A 629 -51.13 -2.73 2.45
N ARG A 630 -50.65 -2.51 3.68
CA ARG A 630 -51.10 -1.40 4.58
C ARG A 630 -50.86 -0.04 3.93
N HIS A 631 -49.73 0.12 3.22
CA HIS A 631 -49.30 1.39 2.57
C HIS A 631 -49.61 1.37 1.07
N ASP A 632 -50.29 0.33 0.58
CA ASP A 632 -50.79 0.21 -0.81
C ASP A 632 -49.62 0.32 -1.79
N LEU A 633 -48.64 -0.59 -1.68
CA LEU A 633 -47.47 -0.72 -2.60
C LEU A 633 -47.56 -2.06 -3.31
N PRO A 634 -46.92 -2.23 -4.48
CA PRO A 634 -46.93 -3.52 -5.19
C PRO A 634 -46.20 -4.62 -4.39
N TYR A 635 -46.84 -5.79 -4.24
CA TYR A 635 -46.34 -6.95 -3.46
C TYR A 635 -46.53 -8.25 -4.25
N LYS A 636 -46.54 -8.17 -5.59
CA LYS A 636 -46.82 -9.30 -6.51
C LYS A 636 -45.63 -10.29 -6.48
N ASN A 637 -44.40 -9.78 -6.40
CA ASN A 637 -43.15 -10.61 -6.39
C ASN A 637 -42.93 -11.21 -5.00
N LEU A 638 -43.35 -10.51 -3.94
CA LEU A 638 -43.32 -11.01 -2.54
C LEU A 638 -44.32 -12.17 -2.40
N LEU A 639 -45.51 -12.02 -2.99
CA LEU A 639 -46.56 -13.08 -3.04
C LEU A 639 -46.00 -14.32 -3.73
N LYS A 640 -45.35 -14.13 -4.88
CA LYS A 640 -44.67 -15.21 -5.66
C LYS A 640 -43.58 -15.85 -4.80
N GLY A 641 -42.84 -15.03 -4.04
CA GLY A 641 -41.76 -15.47 -3.14
C GLY A 641 -42.28 -16.33 -2.00
N ALA A 642 -43.42 -15.94 -1.40
CA ALA A 642 -44.10 -16.67 -0.30
C ALA A 642 -44.55 -18.05 -0.78
N ALA A 643 -45.08 -18.12 -2.01
CA ALA A 643 -45.58 -19.36 -2.66
C ALA A 643 -44.43 -20.34 -2.89
N LEU A 644 -43.29 -19.85 -3.40
CA LEU A 644 -42.07 -20.65 -3.70
C LEU A 644 -41.58 -21.35 -2.42
N GLY A 645 -41.71 -20.70 -1.27
CA GLY A 645 -41.35 -21.25 0.05
C GLY A 645 -42.17 -22.50 0.37
N TYR A 646 -43.49 -22.42 0.27
CA TYR A 646 -44.44 -23.54 0.52
C TYR A 646 -44.23 -24.62 -0.54
N ALA A 647 -43.90 -24.23 -1.78
CA ALA A 647 -43.63 -25.12 -2.93
C ALA A 647 -42.33 -25.90 -2.67
N TYR A 648 -41.29 -25.23 -2.17
CA TYR A 648 -39.96 -25.81 -1.84
C TYR A 648 -40.12 -26.83 -0.70
N ALA A 649 -40.93 -26.50 0.30
CA ALA A 649 -41.20 -27.33 1.50
C ALA A 649 -41.81 -28.67 1.10
N ILE A 650 -42.68 -28.67 0.08
CA ILE A 650 -43.47 -29.86 -0.36
C ILE A 650 -42.59 -30.77 -1.24
N GLN A 651 -41.88 -30.20 -2.22
CA GLN A 651 -41.15 -30.95 -3.27
C GLN A 651 -39.84 -31.52 -2.71
N PHE A 652 -39.03 -30.68 -2.05
CA PHE A 652 -37.65 -31.03 -1.58
C PHE A 652 -37.70 -31.65 -0.17
N LEU A 653 -38.24 -30.91 0.80
CA LEU A 653 -38.25 -31.30 2.24
C LEU A 653 -39.29 -32.42 2.49
N GLU A 654 -40.15 -32.72 1.50
CA GLU A 654 -41.16 -33.81 1.54
C GLU A 654 -42.16 -33.55 2.68
N ILE A 655 -42.70 -32.32 2.73
CA ILE A 655 -43.79 -31.90 3.66
C ILE A 655 -45.12 -31.99 2.92
N GLU A 656 -46.16 -32.51 3.59
CA GLU A 656 -47.53 -32.67 3.01
C GLU A 656 -48.13 -31.29 2.73
N GLU A 657 -48.90 -31.16 1.65
CA GLU A 657 -49.56 -29.90 1.20
C GLU A 657 -50.58 -29.43 2.26
N THR A 658 -51.16 -30.35 3.01
CA THR A 658 -52.16 -30.08 4.09
C THR A 658 -51.50 -29.26 5.21
N LYS A 659 -50.23 -29.55 5.52
CA LYS A 659 -49.44 -28.88 6.60
C LYS A 659 -49.13 -27.44 6.20
N ALA A 660 -48.88 -27.19 4.91
CA ALA A 660 -48.54 -25.87 4.33
C ALA A 660 -49.74 -24.91 4.46
N VAL A 661 -50.93 -25.38 4.08
CA VAL A 661 -52.20 -24.58 4.08
C VAL A 661 -52.62 -24.33 5.54
N GLU A 662 -52.48 -25.34 6.40
CA GLU A 662 -52.77 -25.25 7.86
C GLU A 662 -51.93 -24.12 8.48
N HIS A 663 -50.63 -24.09 8.16
CA HIS A 663 -49.65 -23.09 8.65
C HIS A 663 -49.98 -21.70 8.09
N LEU A 664 -50.32 -21.62 6.79
CA LEU A 664 -50.55 -20.37 6.04
C LEU A 664 -51.66 -19.55 6.70
N GLN A 665 -52.85 -20.15 6.87
CA GLN A 665 -54.09 -19.48 7.35
C GLN A 665 -53.85 -18.85 8.74
N GLN A 666 -53.05 -19.51 9.60
CA GLN A 666 -52.69 -19.03 10.96
C GLN A 666 -51.88 -17.74 10.87
N GLN A 667 -50.93 -17.67 9.92
CA GLN A 667 -50.02 -16.51 9.76
C GLN A 667 -50.80 -15.29 9.24
N ILE A 668 -51.68 -15.50 8.26
CA ILE A 668 -52.51 -14.43 7.61
C ILE A 668 -53.42 -13.78 8.67
N GLN A 669 -53.98 -14.60 9.57
CA GLN A 669 -54.90 -14.15 10.66
C GLN A 669 -54.16 -13.23 11.62
N ASN A 670 -52.88 -13.50 11.90
CA ASN A 670 -52.04 -12.78 12.89
C ASN A 670 -51.61 -11.41 12.34
N LEU A 671 -51.49 -11.28 11.02
CA LEU A 671 -51.07 -10.01 10.33
C LEU A 671 -52.10 -8.92 10.61
N ASP A 672 -51.63 -7.69 10.87
CA ASP A 672 -52.47 -6.49 11.13
C ASP A 672 -53.05 -5.98 9.81
N LEU A 673 -54.07 -6.67 9.28
CA LEU A 673 -54.76 -6.35 8.01
C LEU A 673 -56.28 -6.37 8.23
N SER A 674 -57.03 -5.71 7.35
CA SER A 674 -58.52 -5.73 7.31
C SER A 674 -58.99 -7.15 6.93
N THR A 675 -60.18 -7.54 7.38
CA THR A 675 -60.79 -8.88 7.17
C THR A 675 -60.84 -9.19 5.67
N ALA A 676 -61.10 -8.18 4.83
CA ALA A 676 -61.18 -8.27 3.36
C ALA A 676 -59.81 -8.66 2.79
N GLN A 677 -58.75 -7.98 3.23
CA GLN A 677 -57.36 -8.13 2.72
C GLN A 677 -56.83 -9.54 3.03
N ARG A 678 -57.22 -10.11 4.18
CA ARG A 678 -56.77 -11.45 4.67
C ARG A 678 -57.22 -12.54 3.68
N ARG A 679 -58.51 -12.57 3.35
CA ARG A 679 -59.14 -13.59 2.46
C ARG A 679 -58.58 -13.46 1.05
N GLN A 680 -58.36 -12.23 0.58
CA GLN A 680 -57.80 -11.90 -0.77
C GLN A 680 -56.38 -12.47 -0.89
N LEU A 681 -55.55 -12.31 0.16
CA LEU A 681 -54.14 -12.75 0.18
C LEU A 681 -54.07 -14.29 0.16
N GLU A 682 -54.98 -14.95 0.88
CA GLU A 682 -55.07 -16.43 0.99
C GLU A 682 -55.41 -17.04 -0.38
N ALA A 683 -56.45 -16.52 -1.04
CA ALA A 683 -57.00 -17.02 -2.33
C ALA A 683 -55.93 -16.92 -3.42
N GLU A 684 -55.15 -15.84 -3.45
CA GLU A 684 -54.12 -15.56 -4.48
C GLU A 684 -52.94 -16.53 -4.34
N LEU A 685 -52.50 -16.80 -3.10
CA LEU A 685 -51.25 -17.55 -2.80
C LEU A 685 -51.42 -19.05 -3.08
N VAL A 686 -52.56 -19.63 -2.70
CA VAL A 686 -52.85 -21.09 -2.86
C VAL A 686 -52.82 -21.47 -4.34
N GLN A 687 -53.23 -20.55 -5.23
CA GLN A 687 -53.30 -20.76 -6.70
C GLN A 687 -51.87 -20.89 -7.27
N LEU A 688 -50.92 -20.14 -6.72
CA LEU A 688 -49.49 -20.13 -7.17
C LEU A 688 -48.80 -21.42 -6.75
N ILE A 689 -49.16 -21.97 -5.58
CA ILE A 689 -48.56 -23.20 -4.98
C ILE A 689 -48.98 -24.42 -5.81
N GLN A 690 -50.23 -24.44 -6.28
CA GLN A 690 -50.83 -25.57 -7.05
C GLN A 690 -50.37 -25.53 -8.51
N TYR A 691 -49.82 -24.39 -8.96
CA TYR A 691 -49.25 -24.21 -10.33
C TYR A 691 -47.86 -24.88 -10.40
N LEU A 692 -47.01 -24.61 -9.40
CA LEU A 692 -45.59 -25.06 -9.35
C LEU A 692 -45.50 -26.58 -9.18
N PHE A 693 -46.59 -27.22 -8.73
CA PHE A 693 -46.76 -28.70 -8.71
C PHE A 693 -46.50 -29.25 -10.12
N SER A 694 -47.18 -28.68 -11.12
CA SER A 694 -47.09 -29.05 -12.56
C SER A 694 -46.13 -28.11 -13.28
N VAL B 2 -19.50 -1.58 -19.53
CA VAL B 2 -19.89 -1.25 -20.94
C VAL B 2 -18.71 -0.54 -21.62
N LEU B 3 -18.16 -1.13 -22.67
CA LEU B 3 -17.01 -0.60 -23.46
C LEU B 3 -17.40 -0.56 -24.95
N ILE B 4 -17.04 0.52 -25.64
CA ILE B 4 -17.30 0.74 -27.09
C ILE B 4 -16.00 0.49 -27.87
N PHE B 5 -15.87 -0.69 -28.48
CA PHE B 5 -14.72 -1.12 -29.30
C PHE B 5 -15.09 -1.03 -30.79
N HIS B 6 -14.72 0.08 -31.43
CA HIS B 6 -15.02 0.41 -32.85
C HIS B 6 -16.54 0.37 -33.08
N GLY B 7 -17.30 1.09 -32.25
CA GLY B 7 -18.76 1.29 -32.41
C GLY B 7 -19.58 0.28 -31.61
N LYS B 8 -19.20 -1.00 -31.65
CA LYS B 8 -19.99 -2.12 -31.07
C LYS B 8 -19.89 -2.08 -29.55
N PRO B 9 -21.02 -2.23 -28.81
CA PRO B 9 -20.99 -2.26 -27.34
C PRO B 9 -20.54 -3.62 -26.80
N VAL B 10 -19.46 -3.63 -26.00
CA VAL B 10 -18.84 -4.84 -25.40
C VAL B 10 -19.16 -4.86 -23.89
N HIS B 11 -19.70 -5.98 -23.40
CA HIS B 11 -20.07 -6.20 -21.97
C HIS B 11 -19.15 -7.24 -21.31
N GLY B 12 -18.55 -8.13 -22.09
CA GLY B 12 -17.64 -9.19 -21.60
C GLY B 12 -16.49 -9.45 -22.57
N ALA B 13 -15.57 -10.34 -22.19
CA ALA B 13 -14.37 -10.71 -22.98
C ALA B 13 -13.89 -12.12 -22.58
N ILE B 14 -14.06 -13.09 -23.49
CA ILE B 14 -13.63 -14.51 -23.28
C ILE B 14 -12.31 -14.73 -24.04
N PHE B 15 -11.31 -15.30 -23.35
CA PHE B 15 -9.93 -15.52 -23.87
C PHE B 15 -9.67 -17.03 -24.03
N ASP B 16 -8.97 -17.41 -25.11
CA ASP B 16 -8.35 -18.75 -25.27
C ASP B 16 -7.01 -18.72 -24.52
N MET B 17 -6.62 -19.85 -23.90
CA MET B 17 -5.40 -19.95 -23.07
C MET B 17 -4.20 -20.36 -23.94
N ASP B 18 -4.28 -21.54 -24.58
CA ASP B 18 -3.15 -22.19 -25.29
C ASP B 18 -2.92 -21.48 -26.64
N GLY B 19 -1.85 -20.69 -26.74
CA GLY B 19 -1.40 -20.03 -27.98
C GLY B 19 -1.83 -18.57 -28.06
N THR B 20 -2.86 -18.17 -27.30
CA THR B 20 -3.44 -16.80 -27.30
C THR B 20 -2.90 -16.03 -26.08
N MET B 21 -3.08 -16.58 -24.87
CA MET B 21 -2.60 -15.98 -23.59
C MET B 21 -1.14 -16.35 -23.37
N PHE B 22 -0.82 -17.65 -23.43
CA PHE B 22 0.54 -18.22 -23.22
C PHE B 22 1.02 -18.88 -24.51
N ASP B 23 2.34 -19.08 -24.63
CA ASP B 23 3.00 -19.74 -25.80
C ASP B 23 3.24 -21.21 -25.46
N THR B 24 2.19 -21.91 -25.02
CA THR B 24 2.23 -23.34 -24.57
C THR B 24 2.03 -24.27 -25.77
N GLU B 25 1.44 -23.77 -26.87
CA GLU B 25 1.20 -24.54 -28.12
C GLU B 25 2.55 -24.99 -28.70
N ARG B 26 3.58 -24.15 -28.62
CA ARG B 26 4.97 -24.46 -29.04
C ARG B 26 5.55 -25.58 -28.15
N LEU B 27 5.32 -25.51 -26.83
CA LEU B 27 5.89 -26.44 -25.83
C LEU B 27 5.32 -27.84 -26.04
N ARG B 28 3.99 -27.97 -26.13
CA ARG B 28 3.29 -29.28 -26.31
C ARG B 28 3.55 -29.82 -27.71
N PHE B 29 3.89 -28.95 -28.67
CA PHE B 29 4.33 -29.31 -30.04
C PHE B 29 5.60 -30.16 -29.96
N GLN B 30 6.48 -29.86 -29.00
CA GLN B 30 7.82 -30.48 -28.82
C GLN B 30 7.71 -31.72 -27.92
N THR B 31 6.90 -31.67 -26.86
CA THR B 31 6.75 -32.76 -25.86
C THR B 31 6.03 -33.96 -26.48
N LEU B 32 5.01 -33.72 -27.31
CA LEU B 32 4.23 -34.77 -28.04
C LEU B 32 5.17 -35.59 -28.94
N GLN B 33 6.17 -34.92 -29.56
CA GLN B 33 7.19 -35.57 -30.42
C GLN B 33 8.12 -36.44 -29.57
N GLN B 34 8.61 -35.91 -28.45
CA GLN B 34 9.54 -36.61 -27.52
C GLN B 34 8.79 -37.71 -26.76
N ALA B 35 7.48 -37.54 -26.53
CA ALA B 35 6.59 -38.51 -25.84
C ALA B 35 6.36 -39.73 -26.74
N SER B 36 6.41 -39.56 -28.06
CA SER B 36 6.19 -40.61 -29.09
C SER B 36 7.52 -41.20 -29.56
N GLN B 37 8.64 -40.83 -28.92
CA GLN B 37 10.01 -41.29 -29.27
C GLN B 37 10.44 -42.41 -28.32
N GLU B 38 10.19 -42.23 -27.01
CA GLU B 38 10.69 -43.13 -25.93
C GLU B 38 9.56 -44.05 -25.41
N LEU B 39 8.46 -44.17 -26.16
CA LEU B 39 7.31 -45.06 -25.84
C LEU B 39 7.04 -46.00 -27.02
N ILE B 40 6.65 -45.45 -28.17
CA ILE B 40 6.22 -46.22 -29.38
C ILE B 40 7.37 -46.24 -30.41
N GLY B 41 8.17 -45.16 -30.50
CA GLY B 41 9.30 -45.03 -31.42
C GLY B 41 9.00 -44.09 -32.57
N GLN B 42 7.89 -44.36 -33.28
CA GLN B 42 7.42 -43.55 -34.45
C GLN B 42 6.84 -42.23 -33.93
N GLU B 43 7.56 -41.12 -34.13
CA GLU B 43 7.14 -39.74 -33.75
C GLU B 43 5.94 -39.32 -34.61
N PHE B 44 5.09 -38.44 -34.08
CA PHE B 44 3.90 -37.88 -34.78
C PHE B 44 4.34 -37.03 -35.97
N SER B 45 3.54 -37.03 -37.04
CA SER B 45 3.72 -36.18 -38.25
C SER B 45 3.40 -34.72 -37.91
N HIS B 46 4.00 -33.78 -38.63
CA HIS B 46 3.82 -32.31 -38.44
C HIS B 46 2.44 -31.88 -38.99
N GLU B 47 1.86 -32.68 -39.88
CA GLU B 47 0.48 -32.48 -40.41
C GLU B 47 -0.53 -32.70 -39.27
N TYR B 48 -0.36 -33.77 -38.50
CA TYR B 48 -1.23 -34.16 -37.35
C TYR B 48 -1.19 -33.08 -36.27
N LEU B 49 0.02 -32.62 -35.90
CA LEU B 49 0.24 -31.62 -34.82
C LEU B 49 -0.39 -30.28 -35.19
N MET B 50 -0.30 -29.87 -36.46
CA MET B 50 -0.88 -28.61 -36.98
C MET B 50 -2.40 -28.71 -37.03
N GLN B 51 -2.93 -29.91 -37.28
CA GLN B 51 -4.40 -30.21 -37.27
C GLN B 51 -4.90 -30.27 -35.82
N CYS B 52 -4.02 -30.62 -34.87
CA CYS B 52 -4.30 -30.68 -33.42
C CYS B 52 -3.82 -29.38 -32.74
N LEU B 53 -4.23 -28.23 -33.27
CA LEU B 53 -4.05 -26.89 -32.63
C LEU B 53 -5.42 -26.40 -32.14
N GLY B 54 -5.54 -26.18 -30.83
CA GLY B 54 -6.81 -25.79 -30.17
C GLY B 54 -7.80 -26.93 -30.16
N LEU B 55 -7.35 -28.14 -29.83
CA LEU B 55 -8.17 -29.38 -29.71
C LEU B 55 -8.06 -29.92 -28.28
N SER B 56 -9.15 -30.50 -27.77
CA SER B 56 -9.21 -31.16 -26.43
C SER B 56 -8.45 -32.48 -26.48
N ALA B 57 -7.99 -32.97 -25.31
CA ALA B 57 -7.28 -34.26 -25.14
C ALA B 57 -8.13 -35.41 -25.70
N THR B 58 -9.45 -35.34 -25.49
CA THR B 58 -10.45 -36.34 -25.96
C THR B 58 -10.65 -36.19 -27.47
N THR B 59 -10.62 -34.96 -28.00
CA THR B 59 -10.85 -34.62 -29.44
C THR B 59 -9.61 -35.00 -30.26
N ALA B 60 -8.40 -34.72 -29.74
CA ALA B 60 -7.10 -35.02 -30.38
C ALA B 60 -6.90 -36.55 -30.48
N GLU B 61 -7.48 -37.30 -29.53
CA GLU B 61 -7.43 -38.79 -29.48
C GLU B 61 -8.23 -39.37 -30.65
N LYS B 62 -9.35 -38.74 -31.01
CA LYS B 62 -10.26 -39.20 -32.10
C LYS B 62 -9.55 -39.08 -33.46
N LEU B 63 -8.83 -37.98 -33.68
CA LEU B 63 -8.10 -37.69 -34.95
C LEU B 63 -6.91 -38.64 -35.10
N ALA B 64 -6.29 -39.04 -33.98
CA ALA B 64 -5.13 -39.96 -33.92
C ALA B 64 -5.54 -41.36 -34.42
N GLN B 65 -6.73 -41.82 -34.03
CA GLN B 65 -7.29 -43.16 -34.39
C GLN B 65 -7.75 -43.15 -35.85
N ARG B 66 -8.15 -41.98 -36.37
CA ARG B 66 -8.62 -41.79 -37.77
C ARG B 66 -7.45 -42.04 -38.74
N LEU B 67 -6.29 -41.44 -38.44
CA LEU B 67 -5.03 -41.60 -39.23
C LEU B 67 -4.37 -42.94 -38.86
N TYR B 68 -4.24 -43.22 -37.56
CA TYR B 68 -3.70 -44.48 -37.00
C TYR B 68 -4.72 -45.09 -36.04
N TYR B 74 -3.19 -43.17 -27.16
CA TYR B 74 -2.93 -41.71 -27.11
C TYR B 74 -2.92 -41.23 -25.65
N LYS B 75 -3.80 -41.78 -24.81
CA LYS B 75 -3.89 -41.47 -23.36
C LYS B 75 -2.50 -41.55 -22.72
N GLU B 76 -1.78 -42.66 -22.95
CA GLU B 76 -0.43 -42.94 -22.40
C GLU B 76 0.58 -41.92 -22.98
N ILE B 77 0.44 -41.59 -24.27
CA ILE B 77 1.35 -40.65 -25.01
C ILE B 77 1.15 -39.24 -24.45
N ARG B 78 -0.09 -38.76 -24.44
CA ARG B 78 -0.46 -37.37 -24.04
C ARG B 78 -0.19 -37.17 -22.54
N LYS B 79 -0.37 -38.21 -21.72
CA LYS B 79 -0.10 -38.18 -20.26
C LYS B 79 1.36 -37.81 -20.01
N ARG B 80 2.29 -38.50 -20.69
CA ARG B 80 3.77 -38.28 -20.56
C ARG B 80 4.13 -36.93 -21.17
N ALA B 81 3.45 -36.50 -22.23
CA ALA B 81 3.63 -35.19 -22.91
C ALA B 81 3.25 -34.06 -21.95
N ASP B 82 2.15 -34.23 -21.20
CA ASP B 82 1.67 -33.26 -20.17
C ASP B 82 2.66 -33.19 -19.01
N GLU B 83 3.18 -34.35 -18.57
CA GLU B 83 4.18 -34.46 -17.48
C GLU B 83 5.46 -33.70 -17.87
N MET B 84 5.92 -33.87 -19.12
CA MET B 84 7.08 -33.13 -19.69
C MET B 84 6.77 -31.63 -19.73
N GLU B 85 5.54 -31.27 -20.14
CA GLU B 85 5.10 -29.87 -20.35
C GLU B 85 5.15 -29.10 -19.01
N LEU B 86 4.44 -29.58 -17.99
CA LEU B 86 4.29 -28.90 -16.67
C LEU B 86 5.64 -28.88 -15.94
N GLU B 87 6.52 -29.85 -16.20
CA GLU B 87 7.88 -29.93 -15.58
C GLU B 87 8.76 -28.80 -16.13
N HIS B 88 8.62 -28.48 -17.42
CA HIS B 88 9.28 -27.31 -18.09
C HIS B 88 8.79 -26.01 -17.44
N ILE B 89 7.51 -25.95 -17.08
CA ILE B 89 6.84 -24.74 -16.49
C ILE B 89 7.35 -24.54 -15.05
N ARG B 90 7.58 -25.62 -14.31
CA ARG B 90 8.04 -25.57 -12.89
C ARG B 90 9.49 -25.10 -12.81
N LYS B 91 10.23 -25.10 -13.93
CA LYS B 91 11.65 -24.68 -14.00
C LYS B 91 11.74 -23.26 -14.58
N HIS B 92 11.22 -23.05 -15.79
CA HIS B 92 11.42 -21.82 -16.61
C HIS B 92 10.20 -20.89 -16.53
N GLY B 93 9.15 -21.27 -15.80
CA GLY B 93 7.91 -20.48 -15.66
C GLY B 93 7.03 -20.58 -16.90
N VAL B 94 5.84 -19.99 -16.86
CA VAL B 94 4.87 -19.96 -17.99
C VAL B 94 5.29 -18.87 -18.97
N PRO B 95 5.45 -19.17 -20.28
CA PRO B 95 5.77 -18.15 -21.27
C PRO B 95 4.54 -17.32 -21.63
N ILE B 96 4.36 -16.18 -20.95
CA ILE B 96 3.22 -15.25 -21.13
C ILE B 96 3.46 -14.41 -22.39
N LYS B 97 2.45 -14.31 -23.27
CA LYS B 97 2.48 -13.45 -24.49
C LYS B 97 2.52 -11.99 -24.04
N LYS B 98 3.48 -11.21 -24.57
CA LYS B 98 3.74 -9.80 -24.19
C LYS B 98 2.50 -8.95 -24.49
N GLY B 99 1.92 -8.34 -23.45
CA GLY B 99 0.75 -7.43 -23.55
C GLY B 99 -0.49 -7.99 -22.89
N LEU B 100 -0.47 -9.26 -22.48
CA LEU B 100 -1.64 -9.97 -21.88
C LEU B 100 -2.10 -9.24 -20.62
N VAL B 101 -1.22 -9.12 -19.62
CA VAL B 101 -1.53 -8.53 -18.28
C VAL B 101 -2.02 -7.09 -18.47
N GLN B 102 -1.43 -6.36 -19.43
CA GLN B 102 -1.79 -4.96 -19.78
C GLN B 102 -3.22 -4.92 -20.32
N VAL B 103 -3.58 -5.86 -21.20
CA VAL B 103 -4.93 -5.98 -21.82
C VAL B 103 -5.95 -6.32 -20.73
N LEU B 104 -5.70 -7.38 -19.96
CA LEU B 104 -6.65 -7.96 -18.97
C LEU B 104 -7.09 -6.89 -17.97
N GLU B 105 -6.14 -6.10 -17.44
CA GLU B 105 -6.39 -5.08 -16.39
C GLU B 105 -7.28 -3.96 -16.94
N ARG B 106 -7.02 -3.52 -18.17
CA ARG B 106 -7.79 -2.44 -18.86
C ARG B 106 -9.25 -2.89 -19.04
N LEU B 107 -9.45 -4.15 -19.44
CA LEU B 107 -10.80 -4.75 -19.64
C LEU B 107 -11.49 -4.93 -18.28
N ARG B 108 -10.75 -5.32 -17.24
CA ARG B 108 -11.27 -5.55 -15.87
C ARG B 108 -11.77 -4.23 -15.28
N LYS B 109 -10.97 -3.16 -15.39
CA LYS B 109 -11.28 -1.82 -14.83
C LYS B 109 -12.36 -1.14 -15.69
N SER B 110 -12.51 -1.56 -16.95
CA SER B 110 -13.60 -1.09 -17.87
C SER B 110 -14.95 -1.65 -17.41
N GLY B 111 -14.94 -2.62 -16.49
CA GLY B 111 -16.14 -3.18 -15.83
C GLY B 111 -16.72 -4.34 -16.61
N LEU B 112 -15.91 -5.00 -17.44
CA LEU B 112 -16.34 -6.10 -18.35
C LEU B 112 -16.26 -7.43 -17.59
N ARG B 113 -17.21 -8.33 -17.86
CA ARG B 113 -17.31 -9.67 -17.24
C ARG B 113 -16.47 -10.64 -18.08
N MET B 114 -15.27 -11.00 -17.58
CA MET B 114 -14.22 -11.71 -18.34
C MET B 114 -14.17 -13.19 -17.95
N ALA B 115 -13.88 -14.06 -18.91
CA ALA B 115 -13.84 -15.54 -18.76
C ALA B 115 -12.71 -16.14 -19.62
N VAL B 116 -12.48 -17.45 -19.47
CA VAL B 116 -11.49 -18.25 -20.25
C VAL B 116 -12.24 -19.41 -20.93
N ALA B 117 -11.88 -19.73 -22.18
CA ALA B 117 -12.42 -20.85 -22.97
C ALA B 117 -11.26 -21.66 -23.57
N THR B 118 -10.73 -22.61 -22.80
CA THR B 118 -9.56 -23.46 -23.15
C THR B 118 -10.00 -24.93 -23.25
N SER B 119 -9.45 -25.67 -24.21
CA SER B 119 -9.75 -27.10 -24.47
C SER B 119 -8.88 -28.01 -23.59
N SER B 120 -7.91 -27.43 -22.87
CA SER B 120 -7.03 -28.15 -21.90
C SER B 120 -7.85 -28.56 -20.66
N ARG B 121 -7.40 -29.61 -19.96
CA ARG B 121 -8.00 -30.11 -18.69
C ARG B 121 -8.04 -28.98 -17.66
N ARG B 122 -8.95 -29.09 -16.68
CA ARG B 122 -9.12 -28.11 -15.56
C ARG B 122 -7.83 -28.09 -14.72
N ALA B 123 -7.34 -29.27 -14.33
CA ALA B 123 -6.12 -29.47 -13.51
C ALA B 123 -4.92 -28.80 -14.20
N ILE B 124 -4.85 -28.86 -15.54
CA ILE B 124 -3.77 -28.25 -16.37
C ILE B 124 -4.04 -26.74 -16.51
N ALA B 125 -5.28 -26.38 -16.89
CA ALA B 125 -5.72 -24.99 -17.18
C ALA B 125 -5.40 -24.08 -15.99
N GLU B 126 -5.85 -24.45 -14.79
CA GLU B 126 -5.70 -23.67 -13.54
C GLU B 126 -4.20 -23.56 -13.18
N GLU B 127 -3.48 -24.67 -13.25
CA GLU B 127 -2.04 -24.78 -12.87
C GLU B 127 -1.24 -23.66 -13.55
N TYR B 128 -1.51 -23.38 -14.83
CA TYR B 128 -0.83 -22.32 -15.63
C TYR B 128 -1.37 -20.94 -15.25
N LEU B 129 -2.70 -20.80 -15.20
CA LEU B 129 -3.40 -19.52 -14.87
C LEU B 129 -2.92 -19.00 -13.50
N ILE B 130 -2.72 -19.91 -12.54
CA ILE B 130 -2.20 -19.60 -11.18
C ILE B 130 -0.73 -19.16 -11.31
N ASN B 131 0.08 -19.95 -12.04
CA ASN B 131 1.54 -19.74 -12.24
C ASN B 131 1.77 -18.38 -12.92
N ALA B 132 0.95 -18.05 -13.93
CA ALA B 132 1.00 -16.78 -14.70
C ALA B 132 0.45 -15.63 -13.84
N ASN B 133 -0.37 -15.95 -12.83
CA ASN B 133 -0.98 -14.98 -11.87
C ASN B 133 -1.97 -14.09 -12.62
N VAL B 134 -2.78 -14.70 -13.49
CA VAL B 134 -3.81 -14.01 -14.32
C VAL B 134 -5.20 -14.63 -14.05
N TYR B 135 -5.29 -15.57 -13.12
CA TYR B 135 -6.54 -16.32 -12.77
C TYR B 135 -7.53 -15.36 -12.09
N LYS B 136 -7.02 -14.31 -11.44
CA LYS B 136 -7.80 -13.31 -10.66
C LYS B 136 -8.61 -12.39 -11.59
N PHE B 137 -8.28 -12.33 -12.88
CA PHE B 137 -8.90 -11.42 -13.87
C PHE B 137 -10.20 -12.00 -14.44
N PHE B 138 -10.48 -13.29 -14.18
CA PHE B 138 -11.60 -14.05 -14.79
C PHE B 138 -12.62 -14.43 -13.72
N ASP B 139 -13.91 -14.26 -14.04
CA ASP B 139 -15.07 -14.55 -13.15
C ASP B 139 -15.34 -16.06 -13.17
N VAL B 140 -15.54 -16.62 -14.37
CA VAL B 140 -15.75 -18.08 -14.62
C VAL B 140 -14.81 -18.52 -15.74
N ILE B 141 -14.42 -19.80 -15.75
CA ILE B 141 -13.61 -20.43 -16.84
C ILE B 141 -14.30 -21.71 -17.31
N THR B 142 -14.21 -22.02 -18.60
CA THR B 142 -14.76 -23.25 -19.25
C THR B 142 -13.61 -24.07 -19.82
N CYS B 143 -13.36 -25.25 -19.24
CA CYS B 143 -12.28 -26.20 -19.64
C CYS B 143 -12.84 -27.19 -20.67
N GLY B 144 -11.99 -28.09 -21.18
CA GLY B 144 -12.36 -29.14 -22.15
C GLY B 144 -12.71 -30.45 -21.45
N ASP B 145 -13.49 -30.37 -20.36
CA ASP B 145 -13.91 -31.53 -19.52
C ASP B 145 -15.44 -31.53 -19.40
N GLU B 146 -16.01 -30.46 -18.83
CA GLU B 146 -17.47 -30.31 -18.60
C GLU B 146 -18.21 -30.15 -19.94
N VAL B 147 -17.54 -29.62 -20.97
CA VAL B 147 -18.08 -29.47 -22.35
C VAL B 147 -18.24 -30.87 -22.96
N GLU B 148 -19.40 -31.14 -23.59
CA GLU B 148 -19.73 -32.45 -24.22
C GLU B 148 -19.05 -32.54 -25.59
N GLN B 149 -19.24 -31.52 -26.43
CA GLN B 149 -18.64 -31.41 -27.79
C GLN B 149 -17.73 -30.17 -27.83
N GLY B 150 -16.41 -30.37 -27.78
CA GLY B 150 -15.40 -29.30 -27.74
C GLY B 150 -15.18 -28.66 -29.10
N LYS B 151 -14.08 -27.92 -29.26
CA LYS B 151 -13.73 -27.17 -30.50
C LYS B 151 -13.60 -28.16 -31.65
N PRO B 152 -14.01 -27.81 -32.90
CA PRO B 152 -14.42 -26.45 -33.25
C PRO B 152 -15.93 -26.12 -33.07
N HIS B 153 -16.64 -26.90 -32.23
CA HIS B 153 -18.08 -26.69 -31.92
C HIS B 153 -18.23 -25.51 -30.96
N PRO B 154 -19.20 -24.60 -31.18
CA PRO B 154 -19.31 -23.38 -30.37
C PRO B 154 -19.86 -23.55 -28.94
N GLU B 155 -20.05 -24.79 -28.48
CA GLU B 155 -20.59 -25.11 -27.12
C GLU B 155 -19.72 -24.48 -26.04
N ILE B 156 -18.40 -24.70 -26.11
CA ILE B 156 -17.40 -24.26 -25.10
C ILE B 156 -17.46 -22.74 -24.92
N PHE B 157 -17.67 -21.98 -26.00
CA PHE B 157 -17.71 -20.50 -26.01
C PHE B 157 -19.10 -20.01 -25.58
N LEU B 158 -20.16 -20.71 -25.98
CA LEU B 158 -21.57 -20.40 -25.59
C LEU B 158 -21.74 -20.61 -24.07
N LYS B 159 -21.17 -21.70 -23.54
CA LYS B 159 -21.22 -22.06 -22.09
C LYS B 159 -20.46 -20.99 -21.29
N ALA B 160 -19.27 -20.59 -21.75
CA ALA B 160 -18.42 -19.55 -21.13
C ALA B 160 -19.18 -18.22 -21.07
N ALA B 161 -19.85 -17.84 -22.17
CA ALA B 161 -20.64 -16.59 -22.29
C ALA B 161 -21.87 -16.66 -21.37
N SER B 162 -22.54 -17.81 -21.32
CA SER B 162 -23.77 -18.07 -20.53
C SER B 162 -23.46 -17.96 -19.02
N GLN B 163 -22.30 -18.46 -18.59
CA GLN B 163 -21.87 -18.47 -17.16
C GLN B 163 -21.50 -17.06 -16.70
N LEU B 164 -21.20 -16.14 -17.63
CA LEU B 164 -20.97 -14.70 -17.35
C LEU B 164 -22.32 -13.96 -17.25
N HIS B 165 -23.42 -14.62 -17.62
CA HIS B 165 -24.81 -14.10 -17.58
C HIS B 165 -24.95 -12.96 -18.60
N LEU B 166 -24.42 -13.16 -19.82
CA LEU B 166 -24.49 -12.20 -20.96
C LEU B 166 -24.64 -12.99 -22.27
N ASP B 167 -25.21 -12.36 -23.29
CA ASP B 167 -25.34 -12.94 -24.66
C ASP B 167 -23.96 -12.97 -25.31
N ALA B 168 -23.69 -13.98 -26.15
CA ALA B 168 -22.38 -14.25 -26.79
C ALA B 168 -21.98 -13.09 -27.71
N ASN B 169 -22.96 -12.39 -28.29
CA ASN B 169 -22.75 -11.27 -29.25
C ASN B 169 -22.24 -10.02 -28.52
N GLN B 170 -22.31 -10.00 -27.18
CA GLN B 170 -21.82 -8.88 -26.33
C GLN B 170 -20.38 -9.13 -25.88
N CYS B 171 -19.84 -10.33 -26.12
CA CYS B 171 -18.51 -10.79 -25.63
C CYS B 171 -17.46 -10.75 -26.75
N LEU B 172 -16.28 -10.20 -26.47
CA LEU B 172 -15.06 -10.34 -27.30
C LEU B 172 -14.51 -11.76 -27.10
N MET B 173 -14.04 -12.41 -28.17
CA MET B 173 -13.53 -13.81 -28.13
C MET B 173 -12.15 -13.86 -28.80
N PHE B 174 -11.10 -14.01 -27.99
CA PHE B 174 -9.68 -14.10 -28.42
C PHE B 174 -9.34 -15.57 -28.71
N GLU B 175 -8.53 -15.81 -29.75
CA GLU B 175 -8.14 -17.17 -30.21
C GLU B 175 -6.95 -17.08 -31.16
N ASP B 176 -6.14 -18.14 -31.22
CA ASP B 176 -4.96 -18.27 -32.13
C ASP B 176 -5.24 -19.31 -33.22
N SER B 177 -5.79 -20.47 -32.84
CA SER B 177 -5.92 -21.68 -33.69
C SER B 177 -7.03 -21.49 -34.74
N GLU B 178 -6.99 -22.29 -35.81
CA GLU B 178 -8.00 -22.33 -36.89
C GLU B 178 -9.31 -22.92 -36.36
N ASN B 179 -9.21 -24.07 -35.67
CA ASN B 179 -10.36 -24.81 -35.09
C ASN B 179 -11.06 -23.95 -34.03
N GLY B 180 -10.29 -23.32 -33.16
CA GLY B 180 -10.80 -22.46 -32.06
C GLY B 180 -11.50 -21.21 -32.59
N LEU B 181 -11.03 -20.66 -33.70
CA LEU B 181 -11.58 -19.43 -34.33
C LEU B 181 -12.97 -19.71 -34.89
N THR B 182 -13.19 -20.92 -35.45
CA THR B 182 -14.50 -21.42 -35.93
C THR B 182 -15.48 -21.46 -34.75
N SER B 183 -15.07 -22.13 -33.66
CA SER B 183 -15.85 -22.27 -32.39
C SER B 183 -16.28 -20.89 -31.88
N ALA B 184 -15.39 -19.91 -31.97
CA ALA B 184 -15.64 -18.50 -31.56
C ALA B 184 -16.64 -17.83 -32.50
N HIS B 185 -16.44 -17.99 -33.82
CA HIS B 185 -17.25 -17.35 -34.89
C HIS B 185 -18.68 -17.91 -34.88
N THR B 186 -18.83 -19.23 -34.83
CA THR B 186 -20.13 -19.96 -34.89
C THR B 186 -20.98 -19.60 -33.66
N SER B 187 -20.36 -19.20 -32.56
CA SER B 187 -21.02 -18.74 -31.31
C SER B 187 -21.72 -17.38 -31.53
N LYS B 188 -21.37 -16.67 -32.61
CA LYS B 188 -21.96 -15.36 -33.02
C LYS B 188 -21.49 -14.27 -32.05
N GLY B 189 -20.17 -14.18 -31.84
CA GLY B 189 -19.52 -13.18 -30.97
C GLY B 189 -18.48 -12.37 -31.75
N LEU B 190 -18.00 -11.27 -31.15
CA LEU B 190 -16.95 -10.40 -31.74
C LEU B 190 -15.59 -11.11 -31.63
N THR B 191 -15.23 -11.88 -32.66
CA THR B 191 -13.99 -12.70 -32.73
C THR B 191 -12.78 -11.77 -32.91
N ILE B 192 -11.65 -12.12 -32.26
CA ILE B 192 -10.32 -11.48 -32.44
C ILE B 192 -9.28 -12.59 -32.66
N LEU B 193 -8.49 -12.49 -33.73
CA LEU B 193 -7.48 -13.51 -34.15
C LEU B 193 -6.07 -12.98 -33.88
N LEU B 194 -5.25 -13.76 -33.17
CA LEU B 194 -3.82 -13.47 -32.85
C LEU B 194 -2.95 -14.55 -33.48
N LYS B 195 -2.04 -14.17 -34.39
CA LYS B 195 -1.08 -15.07 -35.07
C LYS B 195 -0.11 -15.65 -34.02
N ASP B 196 0.10 -16.97 -34.04
CA ASP B 196 1.01 -17.69 -33.10
C ASP B 196 1.96 -18.59 -33.91
N ILE B 197 1.48 -19.74 -34.39
CA ILE B 197 2.31 -20.78 -35.07
C ILE B 197 1.53 -21.35 -36.27
N LYS B 198 0.82 -20.49 -37.01
CA LYS B 198 0.06 -20.86 -38.25
C LYS B 198 -0.34 -19.57 -38.99
N GLU B 199 0.08 -19.44 -40.26
CA GLU B 199 -0.28 -18.30 -41.14
C GLU B 199 -1.78 -18.32 -41.38
N PRO B 200 -2.55 -17.30 -40.92
CA PRO B 200 -3.99 -17.27 -41.10
C PRO B 200 -4.44 -17.50 -42.55
N ASN B 201 -5.42 -18.40 -42.75
CA ASN B 201 -6.01 -18.75 -44.06
C ASN B 201 -7.01 -17.68 -44.47
N ASP B 202 -7.56 -17.78 -45.69
CA ASP B 202 -8.63 -16.90 -46.22
C ASP B 202 -9.89 -17.10 -45.39
N GLU B 203 -10.26 -18.37 -45.14
CA GLU B 203 -11.46 -18.79 -44.37
C GLU B 203 -11.41 -18.19 -42.96
N MET B 204 -10.22 -18.19 -42.33
CA MET B 204 -9.98 -17.67 -40.96
C MET B 204 -10.15 -16.15 -40.94
N LEU B 205 -9.47 -15.44 -41.85
CA LEU B 205 -9.42 -13.95 -41.92
C LEU B 205 -10.82 -13.40 -42.24
N GLU B 206 -11.65 -14.16 -42.96
CA GLU B 206 -13.05 -13.76 -43.31
C GLU B 206 -13.94 -13.85 -42.07
N LYS B 207 -13.81 -14.94 -41.29
CA LYS B 207 -14.57 -15.18 -40.03
C LYS B 207 -14.25 -14.08 -39.01
N ALA B 208 -12.96 -13.74 -38.86
CA ALA B 208 -12.45 -12.77 -37.86
C ALA B 208 -13.01 -11.37 -38.14
N HIS B 209 -13.38 -10.63 -37.09
CA HIS B 209 -13.84 -9.23 -37.14
C HIS B 209 -12.63 -8.28 -37.05
N PHE B 210 -11.61 -8.66 -36.28
CA PHE B 210 -10.34 -7.91 -36.11
C PHE B 210 -9.17 -8.91 -36.09
N TYR B 211 -8.06 -8.54 -36.73
CA TYR B 211 -6.79 -9.33 -36.79
C TYR B 211 -5.63 -8.48 -36.29
N TYR B 212 -4.67 -9.11 -35.61
CA TYR B 212 -3.43 -8.49 -35.06
C TYR B 212 -2.28 -9.50 -35.13
N ASP B 213 -1.08 -9.01 -35.46
CA ASP B 213 0.13 -9.85 -35.70
C ASP B 213 0.59 -10.48 -34.38
N GLN B 214 0.34 -9.82 -33.26
CA GLN B 214 0.67 -10.32 -31.89
C GLN B 214 -0.21 -9.61 -30.86
N MET B 215 -0.16 -10.07 -29.60
CA MET B 215 -1.00 -9.58 -28.46
C MET B 215 -0.78 -8.08 -28.25
N TYR B 216 0.47 -7.61 -28.40
CA TYR B 216 0.88 -6.20 -28.10
C TYR B 216 0.31 -5.24 -29.15
N ASP B 217 0.01 -5.74 -30.36
CA ASP B 217 -0.56 -4.94 -31.47
C ASP B 217 -2.04 -4.63 -31.17
N PHE B 218 -2.78 -5.61 -30.62
CA PHE B 218 -4.19 -5.44 -30.18
C PHE B 218 -4.26 -4.41 -29.04
N LEU B 219 -3.40 -4.58 -28.03
CA LEU B 219 -3.27 -3.67 -26.86
C LEU B 219 -3.27 -2.21 -27.33
N THR B 220 -2.39 -1.89 -28.29
CA THR B 220 -2.21 -0.52 -28.87
C THR B 220 -3.54 -0.02 -29.46
N ASP B 221 -4.27 -0.90 -30.17
CA ASP B 221 -5.56 -0.57 -30.83
C ASP B 221 -6.64 -0.36 -29.76
N LEU B 222 -6.71 -1.25 -28.77
CA LEU B 222 -7.67 -1.19 -27.63
C LEU B 222 -7.46 0.09 -26.83
N ASP B 223 -6.20 0.52 -26.68
CA ASP B 223 -5.76 1.61 -25.76
C ASP B 223 -6.45 2.93 -26.10
N GLN B 224 -6.85 3.14 -27.37
CA GLN B 224 -7.49 4.40 -27.83
C GLN B 224 -8.95 4.47 -27.35
N PHE B 225 -9.51 3.36 -26.85
CA PHE B 225 -10.87 3.26 -26.28
C PHE B 225 -10.83 3.17 -24.75
N ILE B 226 -9.64 2.97 -24.17
CA ILE B 226 -9.41 2.90 -22.69
C ILE B 226 -9.15 4.32 -22.18
N PRO B 227 -9.91 4.81 -21.18
CA PRO B 227 -9.68 6.13 -20.61
C PRO B 227 -8.28 6.27 -19.99
N VAL B 228 -7.54 7.32 -20.35
CA VAL B 228 -6.23 7.69 -19.74
C VAL B 228 -6.50 8.27 -18.34
N MET B 229 -5.85 7.69 -17.32
CA MET B 229 -6.02 8.09 -15.90
C MET B 229 -5.25 9.40 -15.66
N ASP B 230 -5.76 10.26 -14.76
CA ASP B 230 -5.25 11.64 -14.54
C ASP B 230 -4.32 11.66 -13.32
N MET B 231 -3.69 12.82 -13.07
CA MET B 231 -2.64 13.05 -12.04
C MET B 231 -2.94 12.26 -10.77
N PRO B 232 -2.01 11.39 -10.30
CA PRO B 232 -2.20 10.66 -9.05
C PRO B 232 -2.15 11.59 -7.82
N GLU B 233 -2.94 11.26 -6.79
CA GLU B 233 -2.89 11.94 -5.46
C GLU B 233 -1.69 11.40 -4.68
N MET B 234 -1.35 12.07 -3.57
CA MET B 234 -0.08 11.85 -2.82
C MET B 234 0.05 10.37 -2.43
N GLN B 235 -0.84 9.87 -1.57
CA GLN B 235 -0.74 8.51 -0.95
C GLN B 235 -1.58 7.49 -1.74
N GLU B 236 -1.82 7.75 -3.03
CA GLU B 236 -2.56 6.82 -3.93
C GLU B 236 -1.67 5.63 -4.26
N PRO B 237 -2.12 4.37 -4.03
CA PRO B 237 -1.29 3.19 -4.29
C PRO B 237 -0.86 3.05 -5.76
N PHE B 238 0.24 2.32 -5.98
CA PHE B 238 0.74 1.93 -7.32
C PHE B 238 -0.08 0.74 -7.82
N PRO B 239 -0.06 0.42 -9.13
CA PRO B 239 -0.70 -0.78 -9.65
C PRO B 239 -0.14 -2.06 -9.00
N GLN B 240 -0.97 -3.11 -8.87
CA GLN B 240 -0.60 -4.40 -8.25
C GLN B 240 0.03 -5.31 -9.31
N SER B 241 -0.57 -5.37 -10.51
CA SER B 241 -0.16 -6.26 -11.63
C SER B 241 1.00 -5.64 -12.40
N LEU B 242 2.08 -6.41 -12.59
CA LEU B 242 3.30 -5.99 -13.34
C LEU B 242 3.17 -6.44 -14.80
N ASN B 243 3.63 -5.59 -15.74
CA ASN B 243 3.75 -5.92 -17.19
C ASN B 243 5.15 -6.50 -17.43
N GLN B 244 5.52 -6.73 -18.69
CA GLN B 244 6.83 -7.34 -19.08
C GLN B 244 7.82 -6.24 -19.52
N LEU B 245 7.40 -4.97 -19.48
CA LEU B 245 8.24 -3.81 -19.89
C LEU B 245 9.22 -3.47 -18.77
N THR B 246 10.49 -3.25 -19.12
CA THR B 246 11.55 -2.71 -18.22
C THR B 246 11.64 -1.19 -18.44
N VAL B 247 12.12 -0.44 -17.44
CA VAL B 247 12.40 1.02 -17.52
C VAL B 247 13.70 1.30 -16.76
N GLY B 248 14.37 2.40 -17.09
CA GLY B 248 15.70 2.75 -16.58
C GLY B 248 15.77 4.16 -16.01
N ILE B 249 16.69 4.38 -15.07
CA ILE B 249 17.01 5.71 -14.46
C ILE B 249 18.53 5.88 -14.49
N HIS B 250 19.05 6.63 -15.47
CA HIS B 250 20.49 6.95 -15.62
C HIS B 250 20.88 8.00 -14.58
N GLY B 251 21.22 7.56 -13.37
CA GLY B 251 21.57 8.42 -12.22
C GLY B 251 20.57 8.26 -11.09
N PHE B 252 20.89 7.40 -10.11
CA PHE B 252 20.08 7.15 -8.88
C PHE B 252 20.41 8.25 -7.85
N GLY B 253 19.99 9.48 -8.16
CA GLY B 253 20.20 10.67 -7.31
C GLY B 253 18.90 11.12 -6.65
N ALA B 254 18.87 12.36 -6.17
CA ALA B 254 17.72 12.97 -5.45
C ALA B 254 16.47 12.94 -6.34
N ILE B 255 16.62 13.31 -7.62
CA ILE B 255 15.49 13.39 -8.58
C ILE B 255 15.16 11.97 -9.08
N GLY B 256 16.16 11.25 -9.59
CA GLY B 256 16.02 9.89 -10.15
C GLY B 256 15.36 8.94 -9.17
N GLY B 257 15.93 8.80 -7.97
CA GLY B 257 15.46 7.88 -6.93
C GLY B 257 14.27 8.44 -6.15
N GLY B 258 14.21 9.77 -5.99
CA GLY B 258 13.25 10.44 -5.09
C GLY B 258 12.11 11.13 -5.82
N TYR B 259 11.93 10.88 -7.12
CA TYR B 259 10.83 11.47 -7.93
C TYR B 259 10.49 10.56 -9.12
N ILE B 260 11.44 10.31 -10.01
CA ILE B 260 11.24 9.55 -11.28
C ILE B 260 10.73 8.14 -10.95
N ALA B 261 11.29 7.51 -9.92
CA ALA B 261 10.94 6.14 -9.45
C ALA B 261 9.44 6.06 -9.11
N GLN B 262 8.87 7.15 -8.56
CA GLN B 262 7.42 7.25 -8.26
C GLN B 262 6.63 7.33 -9.57
N ILE B 263 7.07 8.18 -10.50
CA ILE B 263 6.41 8.43 -11.83
C ILE B 263 6.34 7.10 -12.59
N LEU B 264 7.44 6.35 -12.62
CA LEU B 264 7.56 5.06 -13.34
C LEU B 264 6.76 3.98 -12.60
N SER B 265 6.73 4.02 -11.26
CA SER B 265 6.00 3.06 -10.39
C SER B 265 4.48 3.26 -10.54
N HIS B 266 4.03 4.49 -10.81
CA HIS B 266 2.62 4.82 -11.14
C HIS B 266 2.31 4.38 -12.57
N TRP B 267 3.19 4.75 -13.52
CA TRP B 267 3.11 4.38 -14.96
C TRP B 267 1.79 4.89 -15.54
N ASP B 268 0.96 4.02 -16.13
CA ASP B 268 -0.32 4.37 -16.80
C ASP B 268 -1.48 4.20 -15.82
N GLY B 269 -1.26 3.49 -14.71
CA GLY B 269 -2.28 3.21 -13.67
C GLY B 269 -2.93 1.85 -13.84
N TYR B 270 -2.71 1.20 -14.99
CA TYR B 270 -3.24 -0.16 -15.30
C TYR B 270 -2.19 -1.21 -14.93
N THR B 271 -0.95 -1.04 -15.39
CA THR B 271 0.19 -1.94 -15.09
C THR B 271 1.40 -1.12 -14.61
N LYS B 272 2.41 -1.82 -14.07
CA LYS B 272 3.69 -1.25 -13.57
C LYS B 272 4.83 -2.01 -14.24
N PRO B 273 5.94 -1.34 -14.63
CA PRO B 273 7.10 -2.03 -15.20
C PRO B 273 7.55 -3.23 -14.34
N LYS B 274 7.94 -4.33 -14.99
CA LYS B 274 8.45 -5.58 -14.36
C LYS B 274 9.56 -5.24 -13.37
N ARG B 275 10.53 -4.42 -13.80
CA ARG B 275 11.72 -4.01 -13.01
C ARG B 275 12.13 -2.59 -13.41
N ILE B 276 12.65 -1.82 -12.45
CA ILE B 276 13.23 -0.47 -12.66
C ILE B 276 14.74 -0.56 -12.41
N ILE B 277 15.55 -0.34 -13.45
CA ILE B 277 17.04 -0.42 -13.40
C ILE B 277 17.61 1.00 -13.21
N ALA B 278 18.11 1.30 -12.01
CA ALA B 278 18.75 2.60 -11.66
C ALA B 278 20.26 2.40 -11.55
N SER B 279 21.04 3.38 -12.01
CA SER B 279 22.54 3.33 -12.05
C SER B 279 23.12 4.41 -11.14
N THR B 280 24.19 4.07 -10.41
CA THR B 280 24.92 4.97 -9.47
C THR B 280 26.30 4.38 -9.13
N ARG B 281 27.23 5.25 -8.75
CA ARG B 281 28.61 4.88 -8.29
C ARG B 281 28.63 4.79 -6.76
N ASN B 282 27.61 5.33 -6.08
CA ASN B 282 27.44 5.24 -4.61
C ASN B 282 27.15 3.77 -4.25
N SER B 283 28.21 3.02 -3.89
CA SER B 283 28.17 1.55 -3.64
C SER B 283 27.36 1.24 -2.37
N LEU B 284 27.36 2.16 -1.40
CA LEU B 284 26.59 2.03 -0.13
C LEU B 284 25.09 2.02 -0.45
N PHE B 285 24.63 3.03 -1.20
CA PHE B 285 23.24 3.15 -1.72
C PHE B 285 22.88 1.90 -2.54
N ARG B 286 23.75 1.53 -3.47
CA ARG B 286 23.57 0.37 -4.39
C ARG B 286 23.32 -0.91 -3.57
N GLU B 287 24.25 -1.26 -2.68
CA GLU B 287 24.23 -2.53 -1.91
C GLU B 287 23.13 -2.49 -0.84
N ALA B 288 22.77 -1.30 -0.35
CA ALA B 288 21.69 -1.11 0.66
C ALA B 288 20.34 -1.51 0.06
N VAL B 289 20.00 -0.95 -1.11
CA VAL B 289 18.69 -1.19 -1.82
C VAL B 289 18.60 -2.67 -2.21
N ASN B 290 19.66 -3.21 -2.82
CA ASN B 290 19.73 -4.61 -3.33
C ASN B 290 19.60 -5.60 -2.16
N ALA B 291 20.12 -5.24 -0.98
CA ALA B 291 20.10 -6.08 0.24
C ALA B 291 18.68 -6.11 0.83
N PHE B 292 18.03 -4.95 0.93
CA PHE B 292 16.65 -4.79 1.48
C PHE B 292 15.61 -5.28 0.45
N GLY B 293 15.87 -5.04 -0.85
CA GLY B 293 14.96 -5.37 -1.96
C GLY B 293 14.13 -4.16 -2.38
N THR B 294 13.79 -3.29 -1.41
CA THR B 294 13.01 -2.04 -1.63
C THR B 294 13.73 -0.87 -0.94
N TYR B 295 13.36 0.35 -1.32
CA TYR B 295 13.70 1.62 -0.62
C TYR B 295 12.45 2.50 -0.61
N SER B 296 12.37 3.44 0.34
CA SER B 296 11.19 4.32 0.55
C SER B 296 11.58 5.79 0.42
N ILE B 297 10.68 6.59 -0.17
CA ILE B 297 10.76 8.09 -0.22
C ILE B 297 9.93 8.62 0.95
N ARG B 298 10.55 9.43 1.82
CA ARG B 298 9.88 10.05 3.00
C ARG B 298 9.30 11.41 2.59
N TYR B 299 7.98 11.56 2.64
CA TYR B 299 7.25 12.85 2.43
C TYR B 299 6.97 13.43 3.83
N GLY B 300 7.94 14.19 4.35
CA GLY B 300 7.98 14.70 5.73
C GLY B 300 6.75 15.49 6.12
N GLN B 301 6.18 16.25 5.17
CA GLN B 301 5.01 17.15 5.42
C GLN B 301 3.85 16.36 6.02
N PHE B 302 3.62 15.12 5.55
CA PHE B 302 2.52 14.23 5.98
C PHE B 302 3.07 12.96 6.65
N SER B 303 4.38 12.92 6.90
CA SER B 303 5.10 11.80 7.57
C SER B 303 4.74 10.46 6.93
N TYR B 304 4.77 10.41 5.59
CA TYR B 304 4.37 9.23 4.77
C TYR B 304 5.61 8.62 4.11
N ASP B 305 5.82 7.32 4.33
CA ASP B 305 6.94 6.53 3.75
C ASP B 305 6.40 5.73 2.55
N GLU B 306 6.86 6.08 1.33
CA GLU B 306 6.39 5.51 0.05
C GLU B 306 7.37 4.44 -0.41
N ARG B 307 7.03 3.15 -0.19
CA ARG B 307 7.87 1.99 -0.57
C ARG B 307 7.85 1.85 -2.10
N ILE B 308 9.04 1.71 -2.71
CA ILE B 308 9.23 1.51 -4.18
C ILE B 308 9.94 0.17 -4.38
N GLU B 309 9.25 -0.78 -5.04
CA GLU B 309 9.69 -2.20 -5.20
C GLU B 309 9.98 -2.48 -6.67
N ASN B 310 10.57 -3.66 -6.95
CA ASN B 310 11.04 -4.09 -8.29
C ASN B 310 12.23 -3.22 -8.72
N MET B 311 13.06 -2.80 -7.75
CA MET B 311 14.25 -1.93 -7.98
C MET B 311 15.50 -2.82 -8.12
N SER B 312 16.27 -2.60 -9.19
CA SER B 312 17.62 -3.19 -9.41
C SER B 312 18.63 -2.06 -9.56
N ILE B 313 19.51 -1.87 -8.57
CA ILE B 313 20.57 -0.81 -8.59
C ILE B 313 21.87 -1.44 -9.12
N VAL B 314 22.41 -0.87 -10.19
CA VAL B 314 23.63 -1.39 -10.91
C VAL B 314 24.73 -0.33 -10.83
N ASP B 315 25.99 -0.74 -11.10
CA ASP B 315 27.17 0.15 -11.14
C ASP B 315 27.20 0.84 -12.51
N SER B 316 27.38 2.16 -12.54
CA SER B 316 27.43 3.02 -13.75
C SER B 316 28.64 2.62 -14.63
N ASP B 317 29.73 2.17 -14.01
CA ASP B 317 31.01 1.79 -14.68
C ASP B 317 30.83 0.46 -15.41
N ASN B 318 30.13 -0.49 -14.79
CA ASN B 318 29.84 -1.85 -15.33
C ASN B 318 29.14 -1.69 -16.70
N GLU B 319 29.76 -2.20 -17.77
CA GLU B 319 29.30 -2.04 -19.18
C GLU B 319 28.03 -2.89 -19.42
N GLN B 320 28.12 -4.20 -19.17
CA GLN B 320 27.05 -5.18 -19.51
C GLN B 320 25.74 -4.80 -18.81
N GLN B 321 25.81 -4.26 -17.60
CA GLN B 321 24.62 -3.87 -16.78
C GLN B 321 23.98 -2.60 -17.36
N MET B 322 24.80 -1.66 -17.87
CA MET B 322 24.32 -0.40 -18.50
C MET B 322 23.81 -0.68 -19.91
N LEU B 323 24.36 -1.70 -20.59
CA LEU B 323 23.88 -2.17 -21.92
C LEU B 323 22.54 -2.89 -21.74
N GLU B 324 22.44 -3.76 -20.73
CA GLU B 324 21.20 -4.48 -20.33
C GLU B 324 20.06 -3.45 -20.17
N MET B 325 20.36 -2.32 -19.52
CA MET B 325 19.41 -1.20 -19.26
C MET B 325 18.90 -0.62 -20.59
N TYR B 326 19.81 -0.26 -21.50
CA TYR B 326 19.53 0.52 -22.73
C TYR B 326 18.95 -0.37 -23.85
N THR B 327 19.11 -1.69 -23.76
CA THR B 327 18.64 -2.66 -24.78
C THR B 327 17.15 -3.00 -24.55
N HIS B 328 16.73 -3.15 -23.28
CA HIS B 328 15.43 -3.78 -22.90
C HIS B 328 14.47 -2.78 -22.25
N SER B 329 14.83 -1.49 -22.14
CA SER B 329 14.01 -0.45 -21.45
C SER B 329 13.14 0.29 -22.48
N SER B 330 11.84 0.43 -22.17
CA SER B 330 10.84 1.20 -22.97
C SER B 330 11.03 2.70 -22.72
N LEU B 331 11.55 3.07 -21.54
CA LEU B 331 11.79 4.48 -21.13
C LEU B 331 13.05 4.56 -20.27
N ILE B 332 13.94 5.51 -20.58
CA ILE B 332 15.18 5.83 -19.79
C ILE B 332 15.09 7.29 -19.33
N ALA B 333 15.34 7.55 -18.05
CA ALA B 333 15.36 8.89 -17.43
C ALA B 333 16.82 9.28 -17.11
N LEU B 334 17.36 10.23 -17.87
CA LEU B 334 18.74 10.77 -17.67
C LEU B 334 18.70 11.81 -16.54
N CYS B 335 19.22 11.43 -15.36
CA CYS B 335 19.22 12.25 -14.12
C CYS B 335 20.67 12.48 -13.66
N LEU B 336 21.45 13.19 -14.47
CA LEU B 336 22.87 13.53 -14.18
C LEU B 336 23.06 15.04 -14.27
N PRO B 337 24.03 15.62 -13.53
CA PRO B 337 24.37 17.04 -13.64
C PRO B 337 25.26 17.30 -14.87
N GLU B 338 25.35 18.57 -15.29
CA GLU B 338 26.14 19.03 -16.47
C GLU B 338 27.57 18.48 -16.41
N GLN B 339 28.17 18.47 -15.23
CA GLN B 339 29.59 18.08 -14.98
C GLN B 339 29.85 16.68 -15.55
N ALA B 340 28.87 15.77 -15.44
CA ALA B 340 29.00 14.33 -15.79
C ALA B 340 28.47 14.03 -17.20
N ILE B 341 27.73 14.96 -17.81
CA ILE B 341 27.05 14.77 -19.13
C ILE B 341 28.08 14.33 -20.18
N GLU B 342 29.26 14.96 -20.21
CA GLU B 342 30.33 14.73 -21.21
C GLU B 342 30.84 13.28 -21.09
N SER B 343 31.24 12.87 -19.89
CA SER B 343 31.85 11.54 -19.59
C SER B 343 30.81 10.43 -19.77
N GLU B 344 29.54 10.69 -19.44
CA GLU B 344 28.44 9.69 -19.42
C GLU B 344 27.82 9.53 -20.82
N SER B 345 28.12 10.43 -21.76
CA SER B 345 27.66 10.37 -23.17
C SER B 345 28.25 9.14 -23.87
N LYS B 346 29.41 8.66 -23.39
CA LYS B 346 30.11 7.46 -23.90
C LYS B 346 29.27 6.21 -23.60
N ILE B 347 28.71 6.12 -22.38
CA ILE B 347 27.90 4.96 -21.90
C ILE B 347 26.57 4.93 -22.65
N ILE B 348 25.97 6.10 -22.89
CA ILE B 348 24.67 6.28 -23.59
C ILE B 348 24.82 5.83 -25.05
N ALA B 349 25.94 6.20 -25.69
CA ALA B 349 26.28 5.86 -27.10
C ALA B 349 26.33 4.34 -27.28
N LYS B 350 27.09 3.65 -26.40
CA LYS B 350 27.26 2.17 -26.43
C LYS B 350 25.90 1.48 -26.23
N GLY B 351 25.07 2.02 -25.34
CA GLY B 351 23.73 1.49 -25.00
C GLY B 351 22.79 1.55 -26.20
N LEU B 352 22.71 2.71 -26.85
CA LEU B 352 21.80 2.96 -28.02
C LEU B 352 22.27 2.17 -29.24
N TYR B 353 23.59 2.02 -29.41
CA TYR B 353 24.21 1.23 -30.52
C TYR B 353 23.94 -0.26 -30.29
N ALA B 354 23.95 -0.70 -29.03
CA ALA B 354 23.65 -2.09 -28.61
C ALA B 354 22.15 -2.37 -28.76
N ARG B 355 21.31 -1.35 -28.59
CA ARG B 355 19.82 -1.42 -28.76
C ARG B 355 19.49 -1.67 -30.23
N PHE B 356 20.14 -0.93 -31.14
CA PHE B 356 19.94 -1.02 -32.62
C PHE B 356 20.39 -2.40 -33.13
N ASN B 357 21.56 -2.86 -32.68
CA ASN B 357 22.17 -4.16 -33.07
C ASN B 357 21.25 -5.31 -32.68
N SER B 358 20.53 -5.19 -31.57
CA SER B 358 19.55 -6.18 -31.05
C SER B 358 18.28 -6.15 -31.92
N GLN B 359 18.00 -7.25 -32.64
CA GLN B 359 16.82 -7.40 -33.53
C GLN B 359 15.61 -7.86 -32.71
N GLU B 365 10.16 -1.59 -30.82
CA GLU B 365 9.50 -0.49 -30.07
C GLU B 365 10.52 0.63 -29.81
N PRO B 366 10.23 1.89 -30.19
CA PRO B 366 11.17 2.99 -29.97
C PRO B 366 11.37 3.33 -28.48
N LEU B 367 12.37 4.16 -28.19
CA LEU B 367 12.76 4.56 -26.80
C LEU B 367 12.25 5.98 -26.51
N THR B 368 11.70 6.18 -25.31
CA THR B 368 11.37 7.51 -24.72
C THR B 368 12.50 7.91 -23.78
N PHE B 369 13.28 8.94 -24.14
CA PHE B 369 14.46 9.42 -23.39
C PHE B 369 14.13 10.76 -22.74
N LEU B 370 14.00 10.77 -21.40
CA LEU B 370 13.70 11.98 -20.58
C LEU B 370 15.01 12.59 -20.08
N ILE B 371 15.32 13.82 -20.50
CA ILE B 371 16.51 14.59 -20.06
C ILE B 371 16.12 15.43 -18.84
N ILE B 372 16.56 15.02 -17.65
CA ILE B 372 16.28 15.71 -16.35
C ILE B 372 17.51 16.55 -15.98
N LEU B 373 17.45 17.86 -16.21
CA LEU B 373 18.55 18.82 -15.96
C LEU B 373 17.99 20.25 -15.84
N ASN B 374 18.39 20.99 -14.81
CA ASN B 374 17.99 22.40 -14.56
C ASN B 374 18.95 23.33 -15.32
N LYS B 375 18.77 23.45 -16.63
CA LYS B 375 19.59 24.29 -17.54
C LYS B 375 18.71 24.79 -18.69
N VAL B 376 18.89 26.05 -19.09
CA VAL B 376 18.25 26.68 -20.29
C VAL B 376 18.82 26.00 -21.54
N GLY B 377 18.04 25.12 -22.18
CA GLY B 377 18.47 24.34 -23.35
C GLY B 377 19.36 23.18 -22.94
N ALA B 378 18.79 22.21 -22.21
CA ALA B 378 19.50 21.03 -21.66
C ALA B 378 19.67 19.96 -22.74
N LYS B 379 18.69 19.83 -23.65
CA LYS B 379 18.66 18.78 -24.71
C LYS B 379 19.80 19.02 -25.70
N TYR B 380 20.06 20.27 -26.06
CA TYR B 380 21.14 20.69 -27.01
C TYR B 380 22.49 20.15 -26.53
N LEU B 381 22.79 20.29 -25.23
CA LEU B 381 24.04 19.84 -24.58
C LEU B 381 24.17 18.31 -24.68
N VAL B 382 23.08 17.59 -24.37
CA VAL B 382 23.03 16.10 -24.34
C VAL B 382 23.16 15.57 -25.78
N MET B 383 22.37 16.11 -26.71
CA MET B 383 22.30 15.65 -28.13
C MET B 383 23.63 15.95 -28.85
N LYS B 384 24.34 17.01 -28.44
CA LYS B 384 25.66 17.40 -29.01
C LYS B 384 26.72 16.36 -28.59
N HIS B 385 26.82 16.07 -27.29
CA HIS B 385 27.78 15.11 -26.70
C HIS B 385 27.47 13.68 -27.17
N LEU B 386 26.18 13.37 -27.38
CA LEU B 386 25.70 12.03 -27.81
C LEU B 386 26.13 11.77 -29.27
N LYS B 387 25.98 12.77 -30.15
CA LYS B 387 26.35 12.68 -31.58
C LYS B 387 27.86 12.45 -31.71
N GLU B 388 28.67 13.26 -31.02
CA GLU B 388 30.16 13.18 -31.02
C GLU B 388 30.61 11.82 -30.46
N ALA B 389 29.90 11.29 -29.46
CA ALA B 389 30.20 10.00 -28.80
C ALA B 389 29.92 8.84 -29.77
N LEU B 390 28.75 8.87 -30.43
CA LEU B 390 28.29 7.80 -31.37
C LEU B 390 29.22 7.75 -32.59
N LEU B 391 29.48 8.90 -33.23
CA LEU B 391 30.34 9.04 -34.42
C LEU B 391 31.73 8.44 -34.13
N GLU B 392 32.28 8.71 -32.95
CA GLU B 392 33.64 8.28 -32.51
C GLU B 392 33.72 6.75 -32.50
N LEU B 393 32.69 6.08 -31.96
CA LEU B 393 32.64 4.61 -31.77
C LEU B 393 32.24 3.92 -33.08
N THR B 394 31.11 4.32 -33.68
CA THR B 394 30.49 3.68 -34.87
C THR B 394 31.35 3.94 -36.12
N ASN B 395 31.90 5.14 -36.26
CA ASN B 395 32.67 5.61 -37.44
C ASN B 395 31.76 5.55 -38.68
N ASP B 396 30.48 5.91 -38.50
CA ASP B 396 29.44 5.88 -39.56
C ASP B 396 28.41 6.98 -39.27
N GLU B 397 28.17 7.87 -40.23
CA GLU B 397 27.22 9.01 -40.11
C GLU B 397 25.79 8.55 -40.44
N ASP B 398 25.66 7.47 -41.23
CA ASP B 398 24.36 6.92 -41.71
C ASP B 398 23.59 6.33 -40.52
N VAL B 399 24.26 5.58 -39.65
CA VAL B 399 23.64 4.85 -38.49
C VAL B 399 23.29 5.84 -37.37
N THR B 400 24.11 6.88 -37.18
CA THR B 400 23.97 7.88 -36.08
C THR B 400 22.71 8.72 -36.31
N GLU B 401 22.60 9.36 -37.47
CA GLU B 401 21.48 10.28 -37.82
C GLU B 401 20.13 9.54 -37.74
N HIS B 402 20.13 8.22 -37.95
CA HIS B 402 18.96 7.33 -37.75
C HIS B 402 18.61 7.25 -36.26
N ILE B 403 19.57 6.82 -35.44
CA ILE B 403 19.42 6.63 -33.95
C ILE B 403 18.87 7.92 -33.34
N LEU B 404 19.52 9.06 -33.62
CA LEU B 404 19.17 10.40 -33.07
C LEU B 404 17.71 10.74 -33.37
N LYS B 405 17.22 10.44 -34.58
CA LYS B 405 15.87 10.82 -35.07
C LYS B 405 14.87 9.65 -34.91
N GLU B 406 15.33 8.50 -34.42
CA GLU B 406 14.49 7.30 -34.16
C GLU B 406 13.78 7.46 -32.81
N HIS B 407 14.55 7.68 -31.74
CA HIS B 407 14.10 7.71 -30.33
C HIS B 407 13.60 9.12 -29.97
N TYR B 408 12.74 9.21 -28.95
CA TYR B 408 12.10 10.47 -28.48
C TYR B 408 12.94 11.07 -27.35
N PHE B 409 13.75 12.10 -27.65
CA PHE B 409 14.58 12.87 -26.70
C PHE B 409 13.80 14.10 -26.23
N CYS B 410 13.18 14.02 -25.05
CA CYS B 410 12.22 15.01 -24.51
C CYS B 410 12.88 15.89 -23.44
N ASP B 411 12.76 17.22 -23.58
CA ASP B 411 13.06 18.20 -22.52
C ASP B 411 12.02 18.06 -21.40
N THR B 412 12.43 18.30 -20.15
CA THR B 412 11.57 18.18 -18.94
C THR B 412 11.73 19.42 -18.04
N VAL B 413 10.74 19.66 -17.18
CA VAL B 413 10.77 20.67 -16.09
C VAL B 413 10.36 19.97 -14.79
N VAL B 414 11.29 19.87 -13.84
CA VAL B 414 11.09 19.24 -12.49
C VAL B 414 11.03 20.37 -11.44
N ASN B 415 9.85 20.58 -10.86
CA ASN B 415 9.60 21.61 -9.81
C ASN B 415 9.89 21.03 -8.42
N ARG B 416 9.74 19.71 -8.24
CA ARG B 416 9.79 19.02 -6.93
C ARG B 416 11.18 19.18 -6.31
N MET B 417 11.23 19.66 -5.05
CA MET B 417 12.45 19.74 -4.21
C MET B 417 12.63 18.40 -3.49
N VAL B 418 13.75 17.71 -3.76
CA VAL B 418 14.08 16.37 -3.16
C VAL B 418 15.52 16.41 -2.65
N SER B 419 15.79 15.66 -1.58
CA SER B 419 17.12 15.56 -0.91
C SER B 419 17.57 14.11 -0.88
N LYS B 420 18.83 13.85 -1.24
CA LYS B 420 19.50 12.53 -1.12
C LYS B 420 20.08 12.42 0.30
N LEU B 421 19.83 11.29 0.97
CA LEU B 421 20.35 11.03 2.35
C LEU B 421 21.88 10.93 2.29
N SER B 422 22.57 11.56 3.24
CA SER B 422 24.05 11.53 3.38
C SER B 422 24.49 10.09 3.71
N ASN B 423 25.75 9.76 3.36
CA ASN B 423 26.35 8.42 3.61
C ASN B 423 26.43 8.19 5.13
N GLN B 424 26.78 9.23 5.88
CA GLN B 424 26.88 9.21 7.37
C GLN B 424 25.53 8.77 7.96
N ASN B 425 24.43 9.39 7.51
CA ASN B 425 23.05 9.15 8.01
C ASN B 425 22.53 7.80 7.51
N LEU B 426 22.96 7.36 6.31
CA LEU B 426 22.59 6.05 5.72
C LEU B 426 23.27 4.93 6.52
N TYR B 427 24.54 5.11 6.90
CA TYR B 427 25.30 4.16 7.76
C TYR B 427 24.63 4.09 9.14
N ARG B 428 24.28 5.26 9.70
CA ARG B 428 23.63 5.41 11.03
C ARG B 428 22.29 4.66 11.02
N GLN B 429 21.55 4.73 9.92
CA GLN B 429 20.26 4.02 9.70
C GLN B 429 20.52 2.50 9.71
N LEU B 430 21.49 2.04 8.92
CA LEU B 430 21.85 0.60 8.74
C LEU B 430 22.31 0.02 10.08
N ARG B 431 23.13 0.77 10.83
CA ARG B 431 23.68 0.36 12.16
C ARG B 431 22.52 0.07 13.13
N ILE B 432 21.56 1.01 13.22
CA ILE B 432 20.39 0.94 14.15
C ILE B 432 19.49 -0.22 13.73
N LYS B 433 19.18 -0.32 12.43
CA LYS B 433 18.23 -1.33 11.86
C LYS B 433 18.85 -2.73 11.93
N HIS B 434 20.18 -2.84 11.87
CA HIS B 434 20.92 -4.13 11.94
C HIS B 434 20.78 -4.73 13.35
N ASN B 435 20.84 -3.89 14.40
CA ASN B 435 20.72 -4.31 15.82
C ASN B 435 19.35 -4.95 16.05
N PHE B 436 18.31 -4.48 15.36
CA PHE B 436 16.92 -5.01 15.42
C PHE B 436 16.86 -6.38 14.73
N LEU B 437 17.58 -6.53 13.61
CA LEU B 437 17.65 -7.80 12.83
C LEU B 437 18.35 -8.88 13.69
N GLU B 438 19.47 -8.53 14.32
CA GLU B 438 20.25 -9.43 15.21
C GLU B 438 19.35 -9.98 16.33
N GLN B 439 18.58 -9.10 16.98
CA GLN B 439 17.69 -9.45 18.12
C GLN B 439 16.49 -10.27 17.61
N HIS B 440 16.01 -9.98 16.40
CA HIS B 440 14.89 -10.70 15.74
C HIS B 440 15.28 -12.16 15.48
N LEU B 441 16.55 -12.41 15.13
CA LEU B 441 17.09 -13.75 14.77
C LEU B 441 17.25 -14.63 16.03
N GLU B 442 17.16 -14.03 17.22
CA GLU B 442 17.16 -14.76 18.53
C GLU B 442 15.72 -15.13 18.91
N ASP B 443 14.74 -14.30 18.52
CA ASP B 443 13.31 -14.48 18.88
C ASP B 443 12.71 -15.68 18.13
N VAL B 444 13.18 -15.94 16.90
CA VAL B 444 12.69 -17.06 16.04
C VAL B 444 12.97 -18.40 16.74
N GLU B 445 14.12 -18.53 17.42
CA GLU B 445 14.53 -19.70 18.22
C GLU B 445 14.56 -20.95 17.32
N GLN B 446 13.56 -21.84 17.44
CA GLN B 446 13.47 -23.12 16.69
C GLN B 446 12.05 -23.24 16.10
N GLU B 451 5.48 -29.17 11.18
CA GLU B 451 4.64 -30.35 11.53
C GLU B 451 3.16 -29.97 11.42
N ILE B 452 2.56 -30.17 10.25
CA ILE B 452 1.11 -29.91 9.97
C ILE B 452 0.34 -31.23 10.24
N GLU B 453 -0.06 -31.43 11.50
CA GLU B 453 -0.75 -32.66 11.98
C GLU B 453 -2.25 -32.58 11.63
N ASP B 454 -2.94 -33.73 11.72
CA ASP B 454 -4.41 -33.87 11.56
C ASP B 454 -4.77 -33.78 10.06
N CYS B 455 -5.31 -34.86 9.50
CA CYS B 455 -5.80 -34.95 8.09
C CYS B 455 -7.01 -34.04 7.92
N ASN B 456 -6.79 -32.79 7.52
CA ASN B 456 -7.85 -31.76 7.30
C ASN B 456 -8.24 -31.77 5.82
N LYS B 457 -8.96 -32.82 5.40
CA LYS B 457 -9.51 -33.02 4.03
C LYS B 457 -8.36 -33.13 3.01
N LEU B 458 -7.23 -33.73 3.41
CA LEU B 458 -6.06 -34.00 2.55
C LEU B 458 -5.47 -35.38 2.90
N THR B 459 -4.83 -36.03 1.90
CA THR B 459 -4.21 -37.37 2.04
C THR B 459 -2.95 -37.26 2.88
N PRO B 460 -2.53 -38.35 3.58
CA PRO B 460 -1.26 -38.35 4.33
C PRO B 460 -0.03 -37.98 3.48
N ASP B 461 -0.04 -38.35 2.20
CA ASP B 461 1.05 -38.08 1.22
C ASP B 461 1.17 -36.57 1.00
N GLN B 462 0.05 -35.90 0.71
CA GLN B 462 -0.03 -34.43 0.46
C GLN B 462 0.30 -33.67 1.75
N LEU B 463 -0.30 -34.08 2.88
CA LEU B 463 -0.11 -33.46 4.22
C LEU B 463 1.38 -33.52 4.60
N ASN B 464 2.06 -34.62 4.28
CA ASN B 464 3.51 -34.84 4.51
C ASN B 464 4.32 -33.92 3.60
N GLN B 465 3.90 -33.79 2.33
CA GLN B 465 4.56 -32.94 1.30
C GLN B 465 4.36 -31.46 1.65
N ALA B 466 3.17 -31.10 2.15
CA ALA B 466 2.80 -29.72 2.56
C ALA B 466 3.71 -29.26 3.70
N SER B 467 3.96 -30.13 4.68
CA SER B 467 4.83 -29.87 5.87
C SER B 467 6.23 -29.45 5.41
N ILE B 468 6.78 -30.14 4.40
CA ILE B 468 8.15 -29.90 3.84
C ILE B 468 8.20 -28.50 3.21
N TYR B 469 7.16 -28.15 2.43
CA TYR B 469 7.04 -26.85 1.72
C TYR B 469 7.02 -25.69 2.73
N VAL B 470 6.13 -25.77 3.73
CA VAL B 470 5.88 -24.71 4.74
C VAL B 470 7.11 -24.55 5.65
N ASP B 471 7.79 -25.65 5.98
CA ASP B 471 8.95 -25.66 6.91
C ASP B 471 10.11 -24.85 6.30
N ASN B 472 10.45 -25.11 5.04
CA ASN B 472 11.58 -24.44 4.32
C ASN B 472 11.12 -23.08 3.79
N MET B 473 9.81 -22.84 3.72
CA MET B 473 9.23 -21.49 3.40
C MET B 473 9.41 -20.57 4.61
N ARG B 474 9.05 -21.06 5.80
CA ARG B 474 9.26 -20.34 7.10
C ARG B 474 10.76 -20.09 7.29
N ARG B 475 11.59 -21.09 6.99
CA ARG B 475 13.08 -21.04 7.14
C ARG B 475 13.64 -19.81 6.42
N ASN B 476 13.11 -19.50 5.22
CA ASN B 476 13.65 -18.44 4.31
C ASN B 476 12.93 -17.11 4.55
N PHE B 477 11.62 -17.14 4.84
CA PHE B 477 10.74 -15.94 4.95
C PHE B 477 10.81 -15.33 6.36
N GLN B 478 10.93 -16.17 7.40
CA GLN B 478 10.81 -15.74 8.83
C GLN B 478 11.82 -14.65 9.15
N PRO B 479 13.10 -14.75 8.71
CA PRO B 479 14.07 -13.68 8.92
C PRO B 479 13.67 -12.33 8.28
N GLY B 480 12.86 -12.37 7.21
CA GLY B 480 12.43 -11.20 6.43
C GLY B 480 11.10 -10.62 6.90
N HIS B 481 10.50 -11.17 7.95
CA HIS B 481 9.21 -10.71 8.53
C HIS B 481 9.32 -9.27 9.04
N ILE B 482 10.49 -8.90 9.55
CA ILE B 482 10.78 -7.56 10.16
C ILE B 482 10.60 -6.44 9.13
N LEU B 483 10.68 -6.76 7.83
CA LEU B 483 10.56 -5.77 6.72
C LEU B 483 9.12 -5.24 6.60
N GLN B 484 8.15 -5.88 7.27
CA GLN B 484 6.73 -5.40 7.36
C GLN B 484 6.71 -3.99 7.96
N SER B 485 7.50 -3.76 9.02
CA SER B 485 7.63 -2.47 9.73
C SER B 485 8.83 -1.68 9.19
N MET B 486 9.97 -2.35 9.03
CA MET B 486 11.29 -1.74 8.67
C MET B 486 11.26 -1.26 7.21
N ASP B 487 11.57 0.01 6.98
CA ASP B 487 11.66 0.65 5.63
C ASP B 487 13.04 1.32 5.49
N LEU B 488 13.69 1.17 4.33
CA LEU B 488 14.98 1.83 4.00
C LEU B 488 14.69 3.23 3.44
N ILE B 489 14.90 4.27 4.27
CA ILE B 489 14.63 5.70 3.92
C ILE B 489 15.90 6.28 3.30
N LEU B 490 15.85 6.65 2.01
CA LEU B 490 17.01 7.16 1.24
C LEU B 490 16.76 8.59 0.73
N PHE B 491 15.51 9.07 0.76
CA PHE B 491 15.11 10.38 0.16
C PHE B 491 14.06 11.08 1.02
N HIS B 492 14.23 12.41 1.17
CA HIS B 492 13.23 13.36 1.71
C HIS B 492 12.72 14.23 0.56
N SER B 493 11.39 14.26 0.34
CA SER B 493 10.73 14.89 -0.83
C SER B 493 9.51 15.70 -0.37
N GLU B 494 9.19 16.77 -1.10
CA GLU B 494 7.90 17.51 -0.98
C GLU B 494 6.88 16.78 -1.86
N THR B 495 5.60 17.17 -1.77
CA THR B 495 4.44 16.44 -2.33
C THR B 495 4.06 16.99 -3.72
N ASP B 496 5.05 17.43 -4.51
CA ASP B 496 4.84 17.96 -5.88
C ASP B 496 4.86 16.78 -6.86
N MET B 497 3.72 16.46 -7.47
CA MET B 497 3.51 15.27 -8.33
C MET B 497 3.86 15.55 -9.79
N PRO B 498 3.25 16.58 -10.44
CA PRO B 498 3.28 16.66 -11.91
C PRO B 498 4.64 17.08 -12.48
N ILE B 499 5.23 16.23 -13.33
CA ILE B 499 6.43 16.54 -14.17
C ILE B 499 5.95 17.01 -15.55
N TYR B 500 6.58 18.05 -16.10
CA TYR B 500 6.24 18.67 -17.41
C TYR B 500 7.27 18.21 -18.44
N VAL B 501 6.81 17.57 -19.52
CA VAL B 501 7.66 16.92 -20.57
C VAL B 501 7.21 17.42 -21.95
N GLU B 502 8.16 17.47 -22.89
CA GLU B 502 7.94 17.91 -24.30
C GLU B 502 7.08 16.87 -25.03
N LYS B 503 6.23 17.32 -25.95
CA LYS B 503 5.34 16.45 -26.76
C LYS B 503 6.16 15.70 -27.81
N GLY B 504 5.64 14.56 -28.29
CA GLY B 504 6.27 13.72 -29.32
C GLY B 504 6.05 12.24 -29.06
N SER B 505 6.56 11.74 -27.93
CA SER B 505 6.52 10.32 -27.51
C SER B 505 5.07 9.89 -27.25
N PRO B 506 4.51 8.90 -27.99
CA PRO B 506 3.17 8.37 -27.73
C PRO B 506 3.02 7.73 -26.34
N LEU B 507 4.11 7.18 -25.78
CA LEU B 507 4.14 6.51 -24.45
C LEU B 507 3.74 7.52 -23.35
N LEU B 508 4.24 8.76 -23.44
CA LEU B 508 4.05 9.82 -22.42
C LEU B 508 2.58 10.29 -22.37
N GLU B 509 1.83 10.06 -23.45
CA GLU B 509 0.38 10.42 -23.55
C GLU B 509 -0.41 9.70 -22.46
N LYS B 510 0.01 8.49 -22.06
CA LYS B 510 -0.76 7.56 -21.19
C LYS B 510 -0.19 7.56 -19.76
N LEU B 511 1.00 8.12 -19.53
CA LEU B 511 1.62 8.21 -18.17
C LEU B 511 0.87 9.25 -17.33
N ARG B 512 0.60 8.92 -16.07
CA ARG B 512 -0.31 9.68 -15.16
C ARG B 512 0.37 10.97 -14.68
N GLN B 513 1.60 10.86 -14.16
CA GLN B 513 2.31 11.98 -13.49
C GLN B 513 2.90 12.94 -14.53
N VAL B 514 2.95 12.55 -15.80
CA VAL B 514 3.48 13.38 -16.92
C VAL B 514 2.36 14.33 -17.40
N VAL B 515 2.68 15.62 -17.54
CA VAL B 515 1.78 16.67 -18.12
C VAL B 515 2.49 17.24 -19.36
N LEU B 516 1.92 17.01 -20.54
CA LEU B 516 2.53 17.39 -21.85
C LEU B 516 2.33 18.89 -22.09
N VAL B 517 3.39 19.58 -22.48
CA VAL B 517 3.40 21.04 -22.85
C VAL B 517 4.11 21.19 -24.20
N ASP B 518 3.87 22.32 -24.89
CA ASP B 518 4.44 22.61 -26.23
C ASP B 518 5.70 23.46 -26.06
N GLN B 519 5.56 24.65 -25.48
CA GLN B 519 6.63 25.69 -25.35
C GLN B 519 7.44 25.43 -24.07
N ILE B 520 8.17 24.32 -24.03
CA ILE B 520 8.95 23.84 -22.86
C ILE B 520 10.09 24.83 -22.56
N THR B 521 10.68 25.43 -23.60
CA THR B 521 11.85 26.34 -23.52
C THR B 521 11.52 27.55 -22.65
N ASP B 522 10.37 28.19 -22.88
CA ASP B 522 9.91 29.41 -22.16
C ASP B 522 9.68 29.07 -20.68
N ILE B 523 9.18 27.86 -20.39
CA ILE B 523 8.92 27.37 -19.00
C ILE B 523 10.26 27.09 -18.32
N GLN B 524 11.20 26.46 -19.02
CA GLN B 524 12.57 26.14 -18.53
C GLN B 524 13.31 27.42 -18.16
N LEU B 525 13.12 28.51 -18.92
CA LEU B 525 13.80 29.81 -18.71
C LEU B 525 13.28 30.45 -17.41
N ILE B 526 11.96 30.51 -17.24
CA ILE B 526 11.30 31.08 -16.02
C ILE B 526 11.68 30.23 -14.80
N LYS B 527 11.60 28.90 -14.95
CA LYS B 527 12.04 27.90 -13.94
C LYS B 527 13.48 28.22 -13.49
N ASN B 528 14.39 28.45 -14.44
CA ASN B 528 15.83 28.75 -14.18
C ASN B 528 15.94 30.05 -13.37
N ARG B 529 15.35 31.14 -13.88
CA ARG B 529 15.53 32.53 -13.37
C ARG B 529 14.77 32.72 -12.06
N LEU B 530 13.46 32.42 -12.06
CA LEU B 530 12.51 32.80 -10.97
C LEU B 530 12.52 31.76 -9.85
N TRP B 531 12.74 30.48 -10.18
CA TRP B 531 12.72 29.34 -9.20
C TRP B 531 14.14 29.04 -8.72
N ASN B 532 14.98 28.45 -9.59
CA ASN B 532 16.33 27.91 -9.24
C ASN B 532 17.27 29.05 -8.84
N GLY B 533 17.14 30.22 -9.48
CA GLY B 533 17.98 31.41 -9.23
C GLY B 533 17.77 31.96 -7.84
N VAL B 534 16.50 32.19 -7.46
CA VAL B 534 16.11 32.71 -6.12
C VAL B 534 16.46 31.65 -5.07
N HIS B 535 16.22 30.38 -5.38
CA HIS B 535 16.49 29.21 -4.51
C HIS B 535 17.97 29.17 -4.12
N ALA B 536 18.87 29.40 -5.07
CA ALA B 536 20.34 29.39 -4.89
C ALA B 536 20.78 30.61 -4.08
N MET B 537 20.25 31.79 -4.41
CA MET B 537 20.67 33.11 -3.84
C MET B 537 20.24 33.22 -2.37
N LEU B 538 19.04 32.77 -2.02
CA LEU B 538 18.55 32.75 -0.62
C LEU B 538 19.29 31.68 0.18
N ALA B 539 19.68 30.57 -0.48
CA ALA B 539 20.46 29.46 0.12
C ALA B 539 21.86 29.95 0.50
N TRP B 540 22.50 30.74 -0.37
CA TRP B 540 23.83 31.37 -0.12
C TRP B 540 23.71 32.34 1.06
N TYR B 541 22.63 33.13 1.12
CA TYR B 541 22.35 34.13 2.18
C TYR B 541 22.12 33.41 3.52
N ALA B 542 21.31 32.35 3.50
CA ALA B 542 20.95 31.52 4.67
C ALA B 542 22.20 30.79 5.20
N SER B 543 22.99 30.20 4.30
CA SER B 543 24.23 29.44 4.62
C SER B 543 25.22 30.34 5.38
N LEU B 544 25.45 31.55 4.89
CA LEU B 544 26.41 32.54 5.48
C LEU B 544 25.89 33.05 6.83
N MET B 545 24.59 32.92 7.10
CA MET B 545 23.94 33.35 8.37
C MET B 545 23.94 32.20 9.39
N GLY B 546 24.18 30.96 8.95
CA GLY B 546 24.42 29.80 9.84
C GLY B 546 23.34 28.73 9.73
N TYR B 547 22.29 28.96 8.93
CA TYR B 547 21.17 28.00 8.71
C TYR B 547 21.66 26.85 7.81
N GLU B 548 21.31 25.61 8.17
CA GLU B 548 21.69 24.37 7.43
C GLU B 548 20.47 23.81 6.67
N SER B 549 19.26 24.33 6.91
CA SER B 549 18.00 23.90 6.27
C SER B 549 17.24 25.10 5.70
N ILE B 550 16.68 24.95 4.50
CA ILE B 550 15.90 25.99 3.78
C ILE B 550 14.63 26.29 4.59
N GLY B 551 13.92 25.24 5.03
CA GLY B 551 12.68 25.34 5.81
C GLY B 551 12.83 26.25 7.01
N VAL B 552 13.88 26.04 7.82
CA VAL B 552 14.17 26.82 9.05
C VAL B 552 14.62 28.24 8.66
N ALA B 553 15.46 28.35 7.61
CA ALA B 553 16.02 29.62 7.11
C ALA B 553 14.90 30.59 6.73
N MET B 554 13.81 30.09 6.12
CA MET B 554 12.65 30.90 5.66
C MET B 554 11.84 31.39 6.87
N GLY B 555 12.10 30.86 8.07
CA GLY B 555 11.55 31.35 9.35
C GLY B 555 12.12 32.71 9.74
N ASP B 556 13.36 32.99 9.32
CA ASP B 556 14.04 34.30 9.52
C ASP B 556 13.37 35.35 8.61
N HIS B 557 13.04 36.52 9.17
CA HIS B 557 12.29 37.61 8.48
C HIS B 557 13.14 38.19 7.34
N LEU B 558 14.46 38.31 7.55
CA LEU B 558 15.42 38.88 6.55
C LEU B 558 15.55 37.92 5.36
N VAL B 559 15.60 36.61 5.61
CA VAL B 559 15.80 35.55 4.58
C VAL B 559 14.58 35.50 3.66
N LYS B 560 13.38 35.66 4.21
CA LYS B 560 12.09 35.65 3.45
C LYS B 560 11.95 36.99 2.70
N ALA B 561 12.30 38.11 3.35
CA ALA B 561 12.26 39.48 2.78
C ALA B 561 13.18 39.56 1.56
N PHE B 562 14.37 38.96 1.65
CA PHE B 562 15.40 38.92 0.57
C PHE B 562 14.85 38.12 -0.62
N ALA B 563 14.26 36.96 -0.36
CA ALA B 563 13.67 36.04 -1.37
C ALA B 563 12.55 36.76 -2.13
N GLU B 564 11.69 37.49 -1.41
CA GLU B 564 10.54 38.24 -1.98
C GLU B 564 11.05 39.41 -2.84
N ASN B 565 12.14 40.06 -2.41
CA ASN B 565 12.78 41.18 -3.14
C ASN B 565 13.38 40.67 -4.46
N LEU B 566 14.13 39.56 -4.41
CA LEU B 566 14.73 38.88 -5.59
C LEU B 566 13.63 38.55 -6.59
N ILE B 567 12.58 37.85 -6.12
CA ILE B 567 11.37 37.44 -6.90
C ILE B 567 10.83 38.65 -7.67
N ALA B 568 10.71 39.81 -7.00
CA ALA B 568 10.17 41.06 -7.56
C ALA B 568 11.06 41.57 -8.69
N GLU B 569 12.39 41.52 -8.52
CA GLU B 569 13.39 42.03 -9.49
C GLU B 569 13.45 41.11 -10.72
N VAL B 570 13.38 39.79 -10.52
CA VAL B 570 13.43 38.77 -11.60
C VAL B 570 12.14 38.85 -12.44
N LYS B 571 10.98 38.86 -11.78
CA LYS B 571 9.63 38.90 -12.44
C LYS B 571 9.51 40.17 -13.30
N GLN B 572 9.98 41.31 -12.81
CA GLN B 572 9.95 42.62 -13.52
C GLN B 572 10.72 42.50 -14.84
N GLY B 573 11.85 41.79 -14.83
CA GLY B 573 12.69 41.50 -16.02
C GLY B 573 12.03 40.52 -16.97
N LEU B 574 11.51 39.41 -16.44
CA LEU B 574 10.86 38.31 -17.22
C LEU B 574 9.60 38.84 -17.93
N ALA B 575 8.88 39.79 -17.29
CA ALA B 575 7.65 40.43 -17.82
C ALA B 575 7.94 41.12 -19.16
N ILE B 576 9.15 41.68 -19.31
CA ILE B 576 9.60 42.40 -20.55
C ILE B 576 10.03 41.36 -21.59
N VAL B 577 10.76 40.33 -21.17
CA VAL B 577 11.34 39.27 -22.06
C VAL B 577 10.20 38.36 -22.56
N LEU B 578 9.26 38.00 -21.67
CA LEU B 578 8.10 37.12 -21.97
C LEU B 578 6.82 37.77 -21.47
N PRO B 579 6.27 38.78 -22.20
CA PRO B 579 4.98 39.38 -21.82
C PRO B 579 3.81 38.41 -21.82
N ASN B 580 3.89 37.35 -22.64
CA ASN B 580 2.83 36.31 -22.79
C ASN B 580 2.77 35.42 -21.55
N TYR B 581 3.83 35.37 -20.74
CA TYR B 581 3.93 34.56 -19.48
C TYR B 581 3.83 35.47 -18.24
N ALA B 582 3.71 36.79 -18.44
CA ALA B 582 3.71 37.81 -17.36
C ALA B 582 2.53 37.59 -16.40
N LYS B 583 1.44 37.01 -16.89
CA LYS B 583 0.17 36.78 -16.13
C LYS B 583 0.37 35.66 -15.10
N ASP B 584 1.24 34.69 -15.39
CA ASP B 584 1.40 33.44 -14.60
C ASP B 584 2.54 33.57 -13.58
N LEU B 585 3.40 34.58 -13.72
CA LEU B 585 4.64 34.74 -12.89
C LEU B 585 4.30 34.79 -11.40
N ASP B 586 3.21 35.47 -11.03
CA ASP B 586 2.77 35.66 -9.62
C ASP B 586 2.43 34.30 -8.99
N ARG B 587 1.84 33.38 -9.76
CA ARG B 587 1.45 32.03 -9.30
C ARG B 587 2.71 31.17 -9.07
N MET B 588 3.65 31.20 -10.02
CA MET B 588 4.90 30.41 -10.01
C MET B 588 5.80 30.86 -8.85
N SER B 589 5.92 32.18 -8.65
CA SER B 589 6.74 32.81 -7.58
C SER B 589 6.17 32.47 -6.20
N GLN B 590 4.84 32.47 -6.07
CA GLN B 590 4.12 32.12 -4.81
C GLN B 590 4.24 30.62 -4.55
N SER B 591 4.08 29.80 -5.60
CA SER B 591 4.21 28.31 -5.56
C SER B 591 5.62 27.92 -5.06
N PHE B 592 6.64 28.66 -5.47
CA PHE B 592 8.06 28.47 -5.07
C PHE B 592 8.21 28.74 -3.57
N LEU B 593 7.70 29.88 -3.10
CA LEU B 593 7.77 30.32 -1.68
C LEU B 593 7.06 29.31 -0.79
N ASP B 594 5.92 28.77 -1.24
CA ASP B 594 5.12 27.74 -0.51
C ASP B 594 5.98 26.49 -0.28
N SER B 595 6.70 26.05 -1.31
CA SER B 595 7.58 24.85 -1.30
C SER B 595 8.79 25.07 -0.37
N CYS B 596 9.40 26.26 -0.44
CA CYS B 596 10.56 26.69 0.40
C CYS B 596 10.14 26.84 1.86
N GLU B 597 8.94 27.36 2.11
CA GLU B 597 8.45 27.79 3.45
C GLU B 597 8.59 26.64 4.46
N TYR B 598 8.26 25.41 4.06
CA TYR B 598 8.24 24.21 4.95
C TYR B 598 9.03 23.07 4.31
N ALA B 599 10.23 23.38 3.82
CA ALA B 599 11.25 22.41 3.31
C ALA B 599 12.34 22.23 4.38
N PHE B 600 11.97 21.65 5.53
CA PHE B 600 12.81 21.53 6.75
C PHE B 600 13.92 20.50 6.53
N LYS B 601 13.62 19.41 5.82
CA LYS B 601 14.57 18.28 5.56
C LYS B 601 15.36 18.53 4.27
N ASP B 602 15.16 19.69 3.62
CA ASP B 602 15.90 20.12 2.40
C ASP B 602 17.08 21.00 2.82
N PRO B 603 18.34 20.52 2.76
CA PRO B 603 19.50 21.28 3.22
C PRO B 603 19.94 22.37 2.24
N CYS B 604 20.49 23.47 2.76
CA CYS B 604 20.98 24.65 1.99
C CYS B 604 22.16 24.24 1.09
N GLN B 605 23.03 23.34 1.59
CA GLN B 605 24.25 22.84 0.91
C GLN B 605 23.88 22.23 -0.45
N ARG B 606 22.80 21.45 -0.51
CA ARG B 606 22.28 20.78 -1.72
C ARG B 606 21.87 21.84 -2.77
N VAL B 607 21.24 22.94 -2.30
CA VAL B 607 20.69 24.03 -3.16
C VAL B 607 21.82 24.96 -3.61
N ALA B 608 22.87 25.08 -2.79
CA ALA B 608 23.98 26.07 -2.96
C ALA B 608 25.19 25.43 -3.65
N ARG B 609 25.05 24.20 -4.18
CA ARG B 609 26.12 23.48 -4.94
C ARG B 609 26.53 24.30 -6.17
N ASP B 610 27.80 24.18 -6.57
CA ASP B 610 28.35 24.74 -7.84
C ASP B 610 28.04 26.23 -7.94
N PRO B 611 28.49 27.06 -6.97
CA PRO B 611 28.26 28.50 -7.03
C PRO B 611 28.71 29.17 -8.35
N LEU B 612 29.94 28.86 -8.79
CA LEU B 612 30.57 29.45 -10.00
C LEU B 612 29.76 29.06 -11.25
N ARG B 613 29.38 27.78 -11.37
CA ARG B 613 28.58 27.24 -12.52
C ARG B 613 27.25 27.99 -12.61
N LYS B 614 26.63 28.30 -11.47
CA LYS B 614 25.31 28.99 -11.37
C LYS B 614 25.48 30.51 -11.54
N LEU B 615 26.72 31.01 -11.41
CA LEU B 615 27.07 32.44 -11.62
C LEU B 615 27.64 32.65 -13.03
N ASN B 616 27.41 31.71 -13.95
CA ASN B 616 27.77 31.85 -15.39
C ASN B 616 26.89 32.93 -16.02
N HIS B 617 27.36 33.53 -17.12
CA HIS B 617 26.74 34.71 -17.80
C HIS B 617 25.32 34.38 -18.27
N ASN B 618 25.06 33.14 -18.68
CA ASN B 618 23.78 32.68 -19.27
C ASN B 618 23.07 31.72 -18.30
N GLU B 619 23.16 32.00 -16.99
CA GLU B 619 22.62 31.11 -15.92
C GLU B 619 21.72 31.93 -14.97
N ARG B 620 21.16 31.25 -13.96
CA ARG B 620 20.00 31.68 -13.13
C ARG B 620 20.25 33.01 -12.39
N VAL B 621 21.50 33.48 -12.30
CA VAL B 621 21.86 34.70 -11.51
C VAL B 621 22.20 35.85 -12.48
N MET B 622 23.31 35.74 -13.22
CA MET B 622 23.89 36.84 -14.05
C MET B 622 22.90 37.26 -15.15
N ALA B 623 22.16 36.31 -15.72
CA ALA B 623 21.20 36.52 -16.83
C ALA B 623 20.11 37.52 -16.41
N SER B 624 19.55 37.34 -15.21
CA SER B 624 18.50 38.20 -14.61
C SER B 624 19.04 39.63 -14.43
N ILE B 625 20.26 39.78 -13.91
CA ILE B 625 20.96 41.08 -13.69
C ILE B 625 21.10 41.80 -15.03
N ALA B 626 21.59 41.10 -16.06
CA ALA B 626 21.83 41.63 -17.42
C ALA B 626 20.53 42.20 -18.00
N VAL B 627 19.45 41.40 -17.96
CA VAL B 627 18.09 41.78 -18.48
C VAL B 627 17.65 43.09 -17.79
N ASN B 628 17.79 43.17 -16.47
CA ASN B 628 17.32 44.32 -15.65
C ASN B 628 18.15 45.58 -15.97
N ILE B 629 19.47 45.43 -16.18
CA ILE B 629 20.39 46.55 -16.53
C ILE B 629 19.98 47.14 -17.89
N ARG B 630 19.75 46.28 -18.88
CA ARG B 630 19.41 46.67 -20.28
C ARG B 630 18.11 47.51 -20.28
N HIS B 631 17.14 47.15 -19.44
CA HIS B 631 15.78 47.75 -19.41
C HIS B 631 15.66 48.80 -18.29
N ASP B 632 16.77 49.16 -17.63
CA ASP B 632 16.83 50.18 -16.55
C ASP B 632 15.87 49.81 -15.42
N LEU B 633 15.89 48.54 -15.00
CA LEU B 633 15.06 48.01 -13.87
C LEU B 633 15.95 47.87 -12.64
N PRO B 634 15.38 47.93 -11.41
CA PRO B 634 16.16 47.75 -10.19
C PRO B 634 16.68 46.31 -10.05
N TYR B 635 17.98 46.15 -9.80
CA TYR B 635 18.69 44.85 -9.67
C TYR B 635 19.59 44.87 -8.42
N LYS B 636 19.23 45.67 -7.42
CA LYS B 636 20.01 45.90 -6.18
C LYS B 636 20.17 44.58 -5.42
N ASN B 637 19.06 43.88 -5.16
CA ASN B 637 19.01 42.61 -4.41
C ASN B 637 19.64 41.48 -5.23
N LEU B 638 19.45 41.50 -6.56
CA LEU B 638 20.06 40.53 -7.51
C LEU B 638 21.59 40.62 -7.42
N LEU B 639 22.13 41.83 -7.29
CA LEU B 639 23.60 42.09 -7.18
C LEU B 639 24.11 41.54 -5.84
N LYS B 640 23.31 41.66 -4.78
CA LYS B 640 23.63 41.13 -3.42
C LYS B 640 23.73 39.60 -3.49
N GLY B 641 22.78 38.94 -4.15
CA GLY B 641 22.73 37.48 -4.31
C GLY B 641 23.93 36.95 -5.10
N ALA B 642 24.35 37.69 -6.13
CA ALA B 642 25.56 37.39 -6.94
C ALA B 642 26.81 37.47 -6.05
N ALA B 643 26.95 38.55 -5.28
CA ALA B 643 28.05 38.80 -4.32
C ALA B 643 28.09 37.68 -3.28
N LEU B 644 26.92 37.32 -2.73
CA LEU B 644 26.76 36.22 -1.73
C LEU B 644 27.15 34.88 -2.35
N GLY B 645 26.93 34.71 -3.66
CA GLY B 645 27.31 33.52 -4.43
C GLY B 645 28.82 33.30 -4.45
N TYR B 646 29.58 34.37 -4.67
CA TYR B 646 31.07 34.36 -4.68
C TYR B 646 31.60 34.28 -3.23
N ALA B 647 30.89 34.93 -2.29
CA ALA B 647 31.21 34.93 -0.84
C ALA B 647 31.12 33.51 -0.28
N TYR B 648 30.11 32.74 -0.69
CA TYR B 648 29.87 31.32 -0.30
C TYR B 648 31.00 30.46 -0.87
N ALA B 649 31.33 30.66 -2.15
CA ALA B 649 32.35 29.89 -2.91
C ALA B 649 33.72 30.01 -2.22
N ILE B 650 34.09 31.21 -1.78
CA ILE B 650 35.41 31.53 -1.17
C ILE B 650 35.47 30.96 0.26
N GLN B 651 34.35 31.01 1.00
CA GLN B 651 34.29 30.70 2.45
C GLN B 651 34.01 29.20 2.66
N PHE B 652 32.88 28.70 2.15
CA PHE B 652 32.34 27.34 2.44
C PHE B 652 33.04 26.27 1.60
N LEU B 653 33.27 26.55 0.31
CA LEU B 653 33.88 25.59 -0.66
C LEU B 653 35.41 25.76 -0.68
N GLU B 654 35.91 26.96 -0.38
CA GLU B 654 37.36 27.29 -0.35
C GLU B 654 37.97 27.05 -1.73
N ILE B 655 37.82 28.02 -2.64
CA ILE B 655 38.19 27.90 -4.09
C ILE B 655 39.18 29.01 -4.48
N GLU B 656 39.78 29.69 -3.50
CA GLU B 656 40.71 30.84 -3.68
C GLU B 656 39.92 32.09 -4.09
N GLU B 657 40.32 33.27 -3.61
CA GLU B 657 39.68 34.57 -3.91
C GLU B 657 40.03 34.99 -5.35
N THR B 658 41.26 34.71 -5.80
CA THR B 658 41.80 35.09 -7.13
C THR B 658 40.97 34.43 -8.24
N LYS B 659 40.61 33.15 -8.07
CA LYS B 659 39.85 32.36 -9.08
C LYS B 659 38.42 32.91 -9.22
N ALA B 660 37.82 33.33 -8.11
CA ALA B 660 36.46 33.92 -8.04
C ALA B 660 36.41 35.22 -8.85
N VAL B 661 37.48 36.02 -8.81
CA VAL B 661 37.62 37.30 -9.56
C VAL B 661 37.80 37.00 -11.05
N GLU B 662 38.64 36.02 -11.38
CA GLU B 662 38.92 35.58 -12.78
C GLU B 662 37.63 35.06 -13.43
N HIS B 663 36.76 34.43 -12.65
CA HIS B 663 35.41 33.95 -13.07
C HIS B 663 34.47 35.15 -13.22
N LEU B 664 34.39 36.00 -12.18
CA LEU B 664 33.58 37.25 -12.14
C LEU B 664 33.84 38.10 -13.39
N GLN B 665 35.12 38.37 -13.68
CA GLN B 665 35.57 39.24 -14.81
C GLN B 665 35.20 38.59 -16.14
N GLN B 666 35.41 37.28 -16.28
CA GLN B 666 35.18 36.52 -17.54
C GLN B 666 33.68 36.50 -17.87
N GLN B 667 32.82 36.30 -16.88
CA GLN B 667 31.35 36.19 -17.05
C GLN B 667 30.76 37.56 -17.42
N ILE B 668 31.19 38.63 -16.74
CA ILE B 668 30.75 40.03 -16.99
C ILE B 668 31.18 40.45 -18.40
N GLN B 669 32.30 39.91 -18.90
CA GLN B 669 32.82 40.18 -20.27
C GLN B 669 31.90 39.52 -21.30
N ASN B 670 31.29 38.38 -20.96
CA ASN B 670 30.40 37.59 -21.85
C ASN B 670 29.01 38.23 -21.91
N LEU B 671 28.58 38.91 -20.85
CA LEU B 671 27.23 39.54 -20.73
C LEU B 671 27.03 40.52 -21.90
N ASP B 672 25.85 40.46 -22.54
CA ASP B 672 25.45 41.35 -23.66
C ASP B 672 25.08 42.72 -23.07
N LEU B 673 26.10 43.52 -22.74
CA LEU B 673 25.98 44.90 -22.19
C LEU B 673 27.01 45.80 -22.88
N SER B 674 26.89 47.12 -22.71
CA SER B 674 27.88 48.12 -23.16
C SER B 674 29.10 48.09 -22.24
N THR B 675 30.26 48.52 -22.74
CA THR B 675 31.55 48.57 -21.99
C THR B 675 31.37 49.40 -20.71
N ALA B 676 30.58 50.48 -20.79
CA ALA B 676 30.22 51.37 -19.66
C ALA B 676 29.47 50.57 -18.58
N GLN B 677 28.48 49.78 -18.98
CA GLN B 677 27.64 48.94 -18.08
C GLN B 677 28.47 47.78 -17.52
N ARG B 678 29.33 47.17 -18.35
CA ARG B 678 30.22 46.04 -17.96
C ARG B 678 31.14 46.46 -16.80
N ARG B 679 31.82 47.60 -16.96
CA ARG B 679 32.85 48.10 -15.99
C ARG B 679 32.15 48.59 -14.71
N GLN B 680 30.95 49.15 -14.83
CA GLN B 680 30.12 49.64 -13.70
C GLN B 680 29.65 48.44 -12.86
N LEU B 681 29.12 47.41 -13.52
CA LEU B 681 28.63 46.16 -12.89
C LEU B 681 29.78 45.48 -12.13
N GLU B 682 30.95 45.38 -12.76
CA GLU B 682 32.19 44.75 -12.20
C GLU B 682 32.64 45.55 -10.96
N ALA B 683 32.60 46.88 -11.04
CA ALA B 683 33.00 47.82 -9.96
C ALA B 683 32.05 47.68 -8.77
N GLU B 684 30.74 47.61 -9.03
CA GLU B 684 29.68 47.51 -8.00
C GLU B 684 29.74 46.15 -7.29
N LEU B 685 30.00 45.07 -8.04
CA LEU B 685 29.92 43.67 -7.55
C LEU B 685 31.17 43.32 -6.72
N VAL B 686 32.37 43.65 -7.23
CA VAL B 686 33.67 43.36 -6.57
C VAL B 686 33.75 44.16 -5.26
N GLN B 687 33.20 45.39 -5.25
CA GLN B 687 33.13 46.29 -4.07
C GLN B 687 32.22 45.65 -3.00
N LEU B 688 31.12 45.03 -3.44
CA LEU B 688 30.08 44.41 -2.57
C LEU B 688 30.61 43.10 -1.96
N ILE B 689 31.48 42.39 -2.69
CA ILE B 689 32.13 41.12 -2.23
C ILE B 689 33.08 41.44 -1.07
N GLN B 690 33.85 42.54 -1.17
CA GLN B 690 34.82 42.99 -0.15
C GLN B 690 34.08 43.45 1.11
N TYR B 691 32.91 44.09 0.94
CA TYR B 691 32.06 44.64 2.03
C TYR B 691 31.52 43.51 2.93
N LEU B 692 31.23 42.34 2.34
CA LEU B 692 30.69 41.16 3.05
C LEU B 692 31.75 40.61 4.03
N PHE B 693 33.01 40.52 3.59
CA PHE B 693 34.16 40.01 4.39
C PHE B 693 34.66 41.10 5.34
N SER B 694 34.90 42.31 4.81
CA SER B 694 35.34 43.52 5.57
C SER B 694 34.16 44.44 5.82
MG MG C . 12.32 15.25 30.62
S SO4 D . 15.15 18.15 31.66
O1 SO4 D . 14.32 19.06 32.41
O2 SO4 D . 16.41 18.77 31.37
O3 SO4 D . 15.37 16.95 32.43
O4 SO4 D . 14.49 17.82 30.43
C1 EDO E . -15.87 -20.34 8.46
O1 EDO E . -16.95 -20.45 7.56
C2 EDO E . -15.94 -21.29 9.60
O2 EDO E . -14.68 -21.76 10.02
S SO4 F . -32.01 -18.15 10.44
O1 SO4 F . -31.12 -17.14 9.96
O2 SO4 F . -33.32 -17.59 10.63
O3 SO4 F . -31.52 -18.66 11.69
O4 SO4 F . -32.07 -19.23 9.49
MG MG G . -26.69 -10.22 14.38
CL CL H . -46.14 -1.07 9.02
BR BR I . -0.62 3.25 21.84
C1 EDO J . 27.04 37.97 -26.60
O1 EDO J . 26.02 37.75 -27.55
C2 EDO J . 28.12 38.86 -27.08
O2 EDO J . 28.16 40.11 -26.43
MG MG K . -5.78 -22.47 -29.09
N1 EPE L . 16.27 7.50 8.81
C2 EPE L . 17.58 7.63 9.42
C3 EPE L . 18.40 8.80 8.88
N4 EPE L . 17.67 10.05 9.02
C5 EPE L . 16.38 9.99 8.36
C6 EPE L . 15.54 8.77 8.75
C7 EPE L . 18.52 11.16 8.59
C8 EPE L . 17.77 12.45 8.28
O8 EPE L . 18.68 13.46 7.95
C9 EPE L . 15.57 6.40 9.47
C10 EPE L . 14.03 6.38 9.39
S EPE L . 13.30 6.74 11.01
O1S EPE L . 13.98 7.94 11.66
O2S EPE L . 11.89 7.26 10.94
O3S EPE L . 13.39 5.52 11.89
S SO4 M . 21.20 22.22 -10.18
O1 SO4 M . 20.19 23.01 -9.51
O2 SO4 M . 22.48 22.45 -9.55
O3 SO4 M . 20.86 20.83 -10.09
O4 SO4 M . 21.27 22.62 -11.56
S SO4 N . 21.74 14.84 -6.30
O1 SO4 N . 21.11 15.60 -5.26
O2 SO4 N . 22.94 15.50 -6.72
O3 SO4 N . 22.08 13.52 -5.80
O4 SO4 N . 20.85 14.71 -7.42
CL CL O . 3.09 -7.12 -20.92
CL CL P . 19.07 25.49 10.53
CL CL Q . 26.27 6.47 13.65
#